data_8S9E
#
_entry.id   8S9E
#
_entity_poly.entity_id   1
_entity_poly.type   'polypeptide(L)'
_entity_poly.pdbx_seq_one_letter_code
;EAGEECDCGTPGNPCCDAATCKLRPGAQCAEGLCCDQCRFMKEGTVCRRARGDDMDDYCNGISAGCPRNPFHA
;
_entity_poly.pdbx_strand_id   A
#
# COMPACT_ATOMS: atom_id res chain seq x y z
N GLU A 1 1.48 5.71 -6.36
CA GLU A 1 1.39 6.99 -7.09
C GLU A 1 0.63 8.03 -6.29
N ALA A 2 -0.66 7.80 -6.10
CA ALA A 2 -1.55 8.78 -5.47
C ALA A 2 -1.52 10.12 -6.20
N GLY A 3 -1.52 10.05 -7.52
CA GLY A 3 -1.55 11.25 -8.34
C GLY A 3 -2.88 11.39 -9.04
N GLU A 4 -3.09 10.53 -10.04
CA GLU A 4 -4.39 10.41 -10.65
C GLU A 4 -5.15 9.32 -9.92
N GLU A 5 -4.38 8.35 -9.42
CA GLU A 5 -4.93 7.29 -8.56
C GLU A 5 -4.91 7.76 -7.11
N CYS A 6 -5.31 9.00 -6.91
CA CYS A 6 -5.24 9.63 -5.60
C CYS A 6 -6.36 9.13 -4.68
N ASP A 7 -7.54 8.93 -5.24
CA ASP A 7 -8.67 8.45 -4.43
C ASP A 7 -8.81 6.94 -4.56
N CYS A 8 -8.30 6.37 -5.64
CA CYS A 8 -8.39 4.93 -5.85
C CYS A 8 -7.70 4.52 -7.15
N GLY A 9 -8.05 5.20 -8.24
CA GLY A 9 -7.54 4.82 -9.55
C GLY A 9 -8.32 3.67 -10.13
N THR A 10 -8.27 2.55 -9.43
CA THR A 10 -9.04 1.37 -9.78
C THR A 10 -9.62 0.77 -8.51
N PRO A 11 -10.93 0.41 -8.54
CA PRO A 11 -11.67 -0.04 -7.34
C PRO A 11 -11.01 -1.22 -6.62
N GLY A 12 -10.10 -1.90 -7.31
CA GLY A 12 -9.37 -2.99 -6.70
C GLY A 12 -8.21 -2.50 -5.86
N ASN A 13 -8.51 -1.63 -4.90
CA ASN A 13 -7.50 -1.11 -3.98
C ASN A 13 -7.97 -1.25 -2.54
N PRO A 14 -7.03 -1.32 -1.58
CA PRO A 14 -7.34 -1.58 -0.16
C PRO A 14 -8.36 -0.62 0.43
N CYS A 15 -8.00 0.65 0.55
CA CYS A 15 -8.85 1.62 1.20
C CYS A 15 -9.73 2.33 0.19
N CYS A 16 -9.17 2.69 -0.96
CA CYS A 16 -9.95 3.28 -2.07
C CYS A 16 -10.84 4.44 -1.57
N ASP A 17 -10.32 5.24 -0.63
CA ASP A 17 -11.07 6.36 -0.07
C ASP A 17 -10.68 7.66 -0.75
N ALA A 18 -11.68 8.50 -1.00
CA ALA A 18 -11.47 9.78 -1.68
C ALA A 18 -10.74 10.78 -0.80
N ALA A 19 -10.69 10.51 0.50
CA ALA A 19 -9.99 11.37 1.45
C ALA A 19 -8.49 11.38 1.18
N THR A 20 -8.05 10.49 0.31
CA THR A 20 -6.65 10.39 -0.03
C THR A 20 -6.33 11.34 -1.19
N CYS A 21 -7.36 11.76 -1.89
CA CYS A 21 -7.22 12.74 -2.96
C CYS A 21 -7.67 14.10 -2.44
N LYS A 22 -7.71 14.20 -1.12
CA LYS A 22 -8.12 15.41 -0.43
C LYS A 22 -7.15 15.69 0.70
N LEU A 23 -7.27 16.86 1.29
CA LEU A 23 -6.37 17.26 2.38
C LEU A 23 -6.95 16.85 3.73
N ARG A 24 -7.70 15.75 3.74
CA ARG A 24 -8.34 15.26 4.94
C ARG A 24 -7.36 14.42 5.76
N PRO A 25 -7.15 14.80 7.03
CA PRO A 25 -6.24 14.08 7.93
C PRO A 25 -6.71 12.66 8.21
N GLY A 26 -5.75 11.76 8.38
CA GLY A 26 -6.09 10.38 8.69
C GLY A 26 -5.89 9.47 7.50
N ALA A 27 -6.09 10.00 6.30
CA ALA A 27 -5.88 9.22 5.10
C ALA A 27 -4.56 9.58 4.45
N GLN A 28 -3.67 8.59 4.43
CA GLN A 28 -2.33 8.77 3.88
C GLN A 28 -2.20 8.07 2.53
N CYS A 29 -3.03 7.07 2.33
CA CYS A 29 -2.96 6.25 1.12
C CYS A 29 -4.31 5.64 0.80
N ALA A 30 -4.54 5.35 -0.47
CA ALA A 30 -5.75 4.66 -0.89
C ALA A 30 -5.40 3.48 -1.77
N GLU A 31 -4.12 3.40 -2.12
CA GLU A 31 -3.62 2.43 -3.06
C GLU A 31 -2.49 1.63 -2.44
N GLY A 32 -2.09 0.55 -3.10
CA GLY A 32 -0.93 -0.21 -2.67
C GLY A 32 -1.26 -1.29 -1.65
N LEU A 33 -0.48 -2.35 -1.65
CA LEU A 33 -0.68 -3.46 -0.73
C LEU A 33 -0.26 -3.09 0.68
N CYS A 34 0.56 -2.06 0.80
CA CYS A 34 1.07 -1.62 2.10
C CYS A 34 0.20 -0.52 2.67
N CYS A 35 -1.05 -0.49 2.25
CA CYS A 35 -1.98 0.49 2.76
C CYS A 35 -3.12 -0.20 3.49
N ASP A 36 -3.28 0.12 4.76
CA ASP A 36 -4.33 -0.46 5.58
C ASP A 36 -5.13 0.63 6.25
N GLN A 37 -6.43 0.67 5.96
CA GLN A 37 -7.34 1.69 6.51
C GLN A 37 -6.85 3.08 6.13
N CYS A 38 -6.32 3.21 4.91
CA CYS A 38 -5.79 4.47 4.40
C CYS A 38 -4.55 4.92 5.16
N ARG A 39 -3.90 3.98 5.85
CA ARG A 39 -2.67 4.25 6.57
C ARG A 39 -1.57 3.33 6.11
N PHE A 40 -0.34 3.83 6.09
CA PHE A 40 0.80 3.04 5.65
C PHE A 40 1.08 1.92 6.63
N MET A 41 1.16 0.70 6.12
CA MET A 41 1.50 -0.46 6.94
C MET A 41 2.91 -0.32 7.50
N LYS A 42 3.01 -0.51 8.81
CA LYS A 42 4.25 -0.33 9.53
C LYS A 42 5.38 -1.17 8.93
N GLU A 43 6.56 -0.55 8.85
CA GLU A 43 7.76 -1.21 8.36
C GLU A 43 7.98 -2.52 9.11
N GLY A 44 8.22 -3.58 8.36
CA GLY A 44 8.35 -4.90 8.95
C GLY A 44 7.13 -5.75 8.67
N THR A 45 6.01 -5.09 8.39
CA THR A 45 4.80 -5.79 8.00
C THR A 45 4.92 -6.23 6.55
N VAL A 46 4.56 -7.47 6.27
CA VAL A 46 4.65 -7.98 4.92
C VAL A 46 3.48 -7.54 4.07
N CYS A 47 3.77 -7.19 2.82
CA CYS A 47 2.73 -6.89 1.85
C CYS A 47 2.50 -8.10 0.97
N ARG A 48 3.21 -9.17 1.30
CA ARG A 48 3.15 -10.42 0.58
C ARG A 48 3.70 -11.53 1.46
N ARG A 49 2.83 -12.37 1.97
CA ARG A 49 3.24 -13.45 2.85
C ARG A 49 3.66 -14.66 2.04
N ALA A 50 4.87 -15.13 2.31
CA ALA A 50 5.44 -16.26 1.59
C ALA A 50 4.70 -17.55 1.91
N ARG A 51 4.94 -18.56 1.07
CA ARG A 51 4.28 -19.84 1.19
C ARG A 51 5.06 -20.90 0.44
N GLY A 52 6.37 -20.91 0.62
CA GLY A 52 7.23 -21.83 -0.09
C GLY A 52 7.58 -21.32 -1.47
N ASP A 53 6.57 -21.18 -2.31
CA ASP A 53 6.75 -20.67 -3.66
C ASP A 53 7.03 -19.17 -3.62
N ASP A 54 6.31 -18.48 -2.76
CA ASP A 54 6.44 -17.03 -2.64
C ASP A 54 7.50 -16.66 -1.62
N MET A 55 7.87 -15.39 -1.62
CA MET A 55 8.82 -14.84 -0.68
C MET A 55 8.19 -13.62 0.00
N ASP A 56 8.59 -13.36 1.24
CA ASP A 56 7.98 -12.28 2.01
C ASP A 56 8.52 -10.92 1.59
N ASP A 57 7.66 -10.08 1.03
CA ASP A 57 7.99 -8.70 0.73
C ASP A 57 7.56 -7.83 1.90
N TYR A 58 8.45 -6.98 2.39
CA TYR A 58 8.20 -6.19 3.57
C TYR A 58 7.90 -4.73 3.21
N CYS A 59 6.95 -4.15 3.93
CA CYS A 59 6.55 -2.76 3.71
C CYS A 59 7.55 -1.80 4.33
N ASN A 60 7.69 -0.64 3.70
CA ASN A 60 8.66 0.38 4.10
C ASN A 60 8.11 1.24 5.24
N GLY A 61 6.82 1.07 5.53
CA GLY A 61 6.21 1.78 6.65
C GLY A 61 5.76 3.18 6.30
N ILE A 62 6.38 3.76 5.28
CA ILE A 62 6.03 5.11 4.84
C ILE A 62 5.69 5.10 3.35
N SER A 63 5.38 3.91 2.85
CA SER A 63 5.07 3.74 1.44
C SER A 63 3.88 2.81 1.30
N ALA A 64 2.95 3.19 0.43
CA ALA A 64 1.74 2.42 0.21
C ALA A 64 2.01 1.27 -0.74
N GLY A 65 2.96 1.45 -1.63
CA GLY A 65 3.32 0.40 -2.56
C GLY A 65 4.19 -0.65 -1.89
N CYS A 66 4.00 -1.90 -2.29
CA CYS A 66 4.78 -3.01 -1.73
C CYS A 66 6.19 -3.00 -2.29
N PRO A 67 7.18 -2.65 -1.45
CA PRO A 67 8.58 -2.54 -1.87
C PRO A 67 9.17 -3.89 -2.25
N ARG A 68 9.92 -3.90 -3.35
CA ARG A 68 10.55 -5.13 -3.82
C ARG A 68 11.61 -5.60 -2.83
N ASN A 69 11.43 -6.83 -2.35
CA ASN A 69 12.43 -7.47 -1.52
C ASN A 69 13.79 -7.49 -2.24
N PRO A 70 14.83 -6.90 -1.62
CA PRO A 70 16.17 -6.88 -2.20
C PRO A 70 16.80 -8.26 -2.21
N PHE A 71 16.23 -9.16 -1.43
CA PHE A 71 16.73 -10.53 -1.34
C PHE A 71 15.88 -11.43 -2.23
N HIS A 72 15.72 -11.00 -3.49
CA HIS A 72 14.89 -11.68 -4.47
C HIS A 72 13.41 -11.51 -4.17
N ALA A 73 12.77 -10.61 -4.88
CA ALA A 73 11.35 -10.34 -4.72
C ALA A 73 10.54 -11.28 -5.59
N GLU A 1 -3.87 8.09 -5.93
CA GLU A 1 -2.85 8.85 -6.69
C GLU A 1 -3.28 10.29 -6.92
N ALA A 2 -4.59 10.54 -6.81
CA ALA A 2 -5.20 11.84 -7.12
C ALA A 2 -5.25 12.08 -8.63
N GLY A 3 -4.16 11.78 -9.32
CA GLY A 3 -4.12 11.92 -10.76
C GLY A 3 -4.99 10.90 -11.47
N GLU A 4 -4.46 9.70 -11.68
CA GLU A 4 -5.22 8.64 -12.34
C GLU A 4 -6.25 8.06 -11.37
N GLU A 5 -5.76 7.43 -10.32
CA GLU A 5 -6.64 6.93 -9.28
C GLU A 5 -6.95 8.05 -8.29
N CYS A 6 -8.04 8.75 -8.55
CA CYS A 6 -8.41 9.92 -7.76
C CYS A 6 -8.93 9.50 -6.38
N ASP A 7 -10.18 9.06 -6.31
CA ASP A 7 -10.73 8.61 -5.04
C ASP A 7 -10.47 7.14 -4.84
N CYS A 8 -10.42 6.41 -5.94
CA CYS A 8 -10.20 4.97 -5.88
C CYS A 8 -9.49 4.51 -7.13
N GLY A 9 -10.09 4.77 -8.29
CA GLY A 9 -9.48 4.39 -9.55
C GLY A 9 -9.63 2.91 -9.85
N THR A 10 -9.15 2.10 -8.93
CA THR A 10 -9.22 0.66 -9.05
C THR A 10 -9.79 0.05 -7.77
N PRO A 11 -10.87 -0.74 -7.87
CA PRO A 11 -11.52 -1.36 -6.70
C PRO A 11 -10.60 -2.28 -5.90
N GLY A 12 -9.40 -2.52 -6.42
CA GLY A 12 -8.43 -3.33 -5.72
C GLY A 12 -7.58 -2.51 -4.77
N ASN A 13 -8.07 -1.35 -4.39
CA ASN A 13 -7.38 -0.49 -3.45
C ASN A 13 -8.10 -0.49 -2.10
N PRO A 14 -7.33 -0.60 -1.01
CA PRO A 14 -7.87 -0.82 0.34
C PRO A 14 -8.63 0.37 0.93
N CYS A 15 -8.25 1.59 0.56
CA CYS A 15 -8.86 2.76 1.17
C CYS A 15 -9.95 3.37 0.28
N CYS A 16 -9.64 3.54 -1.00
CA CYS A 16 -10.55 4.16 -1.97
C CYS A 16 -11.44 5.27 -1.38
N ASP A 17 -10.85 6.14 -0.59
CA ASP A 17 -11.58 7.27 0.00
C ASP A 17 -11.40 8.51 -0.85
N ALA A 18 -12.47 9.27 -1.01
CA ALA A 18 -12.47 10.45 -1.87
C ALA A 18 -11.58 11.55 -1.32
N ALA A 19 -11.25 11.47 -0.04
CA ALA A 19 -10.42 12.48 0.59
C ALA A 19 -8.94 12.25 0.31
N THR A 20 -8.63 11.15 -0.37
CA THR A 20 -7.24 10.81 -0.67
C THR A 20 -6.80 11.48 -1.96
N CYS A 21 -7.78 11.91 -2.75
CA CYS A 21 -7.49 12.64 -3.98
C CYS A 21 -7.13 14.08 -3.63
N LYS A 22 -7.27 14.40 -2.35
CA LYS A 22 -6.89 15.69 -1.82
C LYS A 22 -5.79 15.50 -0.79
N LEU A 23 -5.29 16.59 -0.23
CA LEU A 23 -4.29 16.50 0.84
C LEU A 23 -4.97 16.59 2.21
N ARG A 24 -6.11 15.92 2.32
CA ARG A 24 -6.91 15.96 3.54
C ARG A 24 -6.28 15.15 4.65
N PRO A 25 -6.17 15.75 5.85
CA PRO A 25 -5.66 15.06 7.04
C PRO A 25 -6.55 13.88 7.43
N GLY A 26 -5.93 12.83 7.95
CA GLY A 26 -6.67 11.65 8.33
C GLY A 26 -6.43 10.50 7.37
N ALA A 27 -6.12 10.85 6.14
CA ALA A 27 -5.82 9.85 5.12
C ALA A 27 -4.33 9.85 4.81
N GLN A 28 -3.72 8.70 4.98
CA GLN A 28 -2.30 8.54 4.72
C GLN A 28 -2.06 7.96 3.33
N CYS A 29 -2.94 7.08 2.91
CA CYS A 29 -2.78 6.38 1.63
C CYS A 29 -4.14 5.97 1.09
N ALA A 30 -4.19 5.67 -0.21
CA ALA A 30 -5.41 5.23 -0.85
C ALA A 30 -5.23 3.82 -1.42
N GLU A 31 -4.07 3.60 -2.00
CA GLU A 31 -3.76 2.35 -2.68
C GLU A 31 -2.52 1.71 -2.07
N GLY A 32 -2.18 0.52 -2.54
CA GLY A 32 -0.95 -0.12 -2.10
C GLY A 32 -1.21 -1.26 -1.14
N LEU A 33 -0.33 -2.25 -1.16
CA LEU A 33 -0.43 -3.40 -0.28
C LEU A 33 -0.06 -3.01 1.15
N CYS A 34 0.72 -1.95 1.28
CA CYS A 34 1.15 -1.47 2.59
C CYS A 34 0.15 -0.47 3.16
N CYS A 35 -1.02 -0.41 2.56
CA CYS A 35 -2.05 0.50 3.00
C CYS A 35 -3.24 -0.29 3.54
N ASP A 36 -3.65 0.02 4.77
CA ASP A 36 -4.85 -0.58 5.33
C ASP A 36 -5.69 0.51 5.98
N GLN A 37 -6.95 0.57 5.57
CA GLN A 37 -7.90 1.55 6.07
C GLN A 37 -7.35 2.97 5.99
N CYS A 38 -6.72 3.28 4.85
CA CYS A 38 -6.20 4.62 4.55
C CYS A 38 -4.98 4.97 5.41
N ARG A 39 -4.39 3.98 6.05
CA ARG A 39 -3.23 4.20 6.89
C ARG A 39 -2.09 3.27 6.47
N PHE A 40 -0.86 3.76 6.60
CA PHE A 40 0.32 2.97 6.26
C PHE A 40 0.51 1.84 7.26
N MET A 41 0.92 0.69 6.76
CA MET A 41 1.29 -0.43 7.60
C MET A 41 2.65 -0.20 8.21
N LYS A 42 2.98 -0.97 9.24
CA LYS A 42 4.25 -0.82 9.94
C LYS A 42 5.35 -1.61 9.24
N GLU A 43 6.59 -1.16 9.43
CA GLU A 43 7.75 -1.84 8.85
C GLU A 43 7.86 -3.27 9.38
N GLY A 44 8.28 -4.17 8.51
CA GLY A 44 8.43 -5.55 8.87
C GLY A 44 7.26 -6.39 8.38
N THR A 45 6.12 -5.73 8.19
CA THR A 45 4.93 -6.38 7.70
C THR A 45 5.12 -6.85 6.27
N VAL A 46 4.90 -8.12 6.02
CA VAL A 46 5.09 -8.67 4.69
C VAL A 46 3.94 -8.26 3.76
N CYS A 47 4.29 -7.53 2.72
CA CYS A 47 3.31 -7.11 1.73
C CYS A 47 3.16 -8.19 0.66
N ARG A 48 4.18 -9.04 0.55
CA ARG A 48 4.11 -10.22 -0.29
C ARG A 48 4.28 -11.46 0.57
N ARG A 49 3.32 -12.36 0.49
CA ARG A 49 3.37 -13.59 1.25
C ARG A 49 3.78 -14.74 0.34
N ALA A 50 4.75 -15.52 0.78
CA ALA A 50 5.23 -16.64 -0.02
C ALA A 50 4.23 -17.77 -0.03
N ARG A 51 3.79 -18.13 -1.23
CA ARG A 51 2.83 -19.22 -1.42
C ARG A 51 3.55 -20.43 -2.01
N GLY A 52 4.80 -20.62 -1.60
CA GLY A 52 5.61 -21.68 -2.16
C GLY A 52 6.76 -21.14 -2.97
N ASP A 53 6.49 -20.80 -4.22
CA ASP A 53 7.53 -20.29 -5.11
C ASP A 53 7.54 -18.76 -5.09
N ASP A 54 7.49 -18.21 -3.89
CA ASP A 54 7.50 -16.78 -3.70
C ASP A 54 8.39 -16.41 -2.52
N MET A 55 8.46 -15.13 -2.21
CA MET A 55 9.26 -14.65 -1.10
C MET A 55 8.41 -13.78 -0.19
N ASP A 56 8.87 -13.59 1.04
CA ASP A 56 8.19 -12.71 1.97
C ASP A 56 8.83 -11.33 1.95
N ASP A 57 8.16 -10.40 1.29
CA ASP A 57 8.69 -9.05 1.11
C ASP A 57 8.24 -8.15 2.25
N TYR A 58 9.20 -7.53 2.92
CA TYR A 58 8.91 -6.71 4.08
C TYR A 58 8.63 -5.28 3.69
N CYS A 59 7.57 -4.73 4.24
CA CYS A 59 7.22 -3.35 4.02
C CYS A 59 8.07 -2.44 4.88
N ASN A 60 8.39 -1.26 4.36
CA ASN A 60 9.25 -0.31 5.06
C ASN A 60 8.42 0.59 5.98
N GLY A 61 7.11 0.52 5.84
CA GLY A 61 6.22 1.23 6.75
C GLY A 61 5.95 2.67 6.32
N ILE A 62 6.85 3.26 5.55
CA ILE A 62 6.69 4.64 5.12
C ILE A 62 6.21 4.71 3.68
N SER A 63 5.77 3.58 3.17
CA SER A 63 5.31 3.48 1.80
C SER A 63 3.97 2.77 1.76
N ALA A 64 3.11 3.16 0.82
CA ALA A 64 1.85 2.47 0.61
C ALA A 64 2.07 1.30 -0.33
N GLY A 65 3.08 1.45 -1.19
CA GLY A 65 3.43 0.39 -2.09
C GLY A 65 4.33 -0.63 -1.43
N CYS A 66 4.32 -1.84 -1.97
CA CYS A 66 5.10 -2.94 -1.41
C CYS A 66 6.55 -2.85 -1.86
N PRO A 67 7.49 -2.65 -0.91
CA PRO A 67 8.92 -2.66 -1.21
C PRO A 67 9.40 -4.08 -1.50
N ARG A 68 10.05 -4.23 -2.64
CA ARG A 68 10.52 -5.54 -3.07
C ARG A 68 11.66 -6.03 -2.19
N ASN A 69 11.59 -7.30 -1.79
CA ASN A 69 12.62 -7.91 -0.95
C ASN A 69 13.98 -7.75 -1.60
N PRO A 70 14.98 -7.29 -0.84
CA PRO A 70 16.32 -7.02 -1.37
C PRO A 70 17.13 -8.28 -1.65
N PHE A 71 16.59 -9.43 -1.27
CA PHE A 71 17.26 -10.71 -1.46
C PHE A 71 16.54 -11.53 -2.52
N HIS A 72 17.32 -12.15 -3.41
CA HIS A 72 16.79 -13.06 -4.43
C HIS A 72 15.82 -12.33 -5.37
N ALA A 73 16.06 -11.04 -5.58
CA ALA A 73 15.21 -10.24 -6.44
C ALA A 73 16.01 -9.67 -7.61
N GLU A 1 0.70 5.15 -6.57
CA GLU A 1 0.73 5.98 -7.79
C GLU A 1 0.28 7.40 -7.46
N ALA A 2 -0.90 7.51 -6.86
CA ALA A 2 -1.46 8.79 -6.43
C ALA A 2 -1.63 9.75 -7.59
N GLY A 3 -1.92 11.02 -7.29
CA GLY A 3 -2.14 12.01 -8.33
C GLY A 3 -3.43 11.75 -9.08
N GLU A 4 -3.34 10.98 -10.15
CA GLU A 4 -4.51 10.57 -10.90
C GLU A 4 -5.24 9.46 -10.16
N GLU A 5 -4.49 8.58 -9.53
CA GLU A 5 -5.03 7.48 -8.76
C GLU A 5 -5.00 7.81 -7.28
N CYS A 6 -5.30 9.06 -6.98
CA CYS A 6 -5.22 9.58 -5.62
C CYS A 6 -6.33 9.05 -4.72
N ASP A 7 -7.54 8.97 -5.27
CA ASP A 7 -8.71 8.60 -4.49
C ASP A 7 -8.93 7.10 -4.46
N CYS A 8 -8.25 6.38 -5.36
CA CYS A 8 -8.42 4.93 -5.46
C CYS A 8 -7.55 4.36 -6.57
N GLY A 9 -7.80 4.79 -7.79
CA GLY A 9 -7.07 4.27 -8.93
C GLY A 9 -7.93 3.32 -9.75
N THR A 10 -8.06 2.10 -9.27
CA THR A 10 -8.89 1.12 -9.94
C THR A 10 -9.82 0.43 -8.95
N PRO A 11 -11.04 0.09 -9.39
CA PRO A 11 -12.05 -0.54 -8.53
C PRO A 11 -11.56 -1.83 -7.89
N GLY A 12 -11.40 -1.82 -6.58
CA GLY A 12 -10.93 -3.00 -5.89
C GLY A 12 -9.70 -2.73 -5.05
N ASN A 13 -9.12 -1.54 -5.22
CA ASN A 13 -7.98 -1.14 -4.43
C ASN A 13 -8.34 -1.05 -2.95
N PRO A 14 -7.33 -1.14 -2.04
CA PRO A 14 -7.53 -1.28 -0.59
C PRO A 14 -8.57 -0.35 0.00
N CYS A 15 -8.28 0.94 0.08
CA CYS A 15 -9.16 1.86 0.79
C CYS A 15 -10.04 2.65 -0.17
N CYS A 16 -9.45 3.12 -1.27
CA CYS A 16 -10.19 3.93 -2.26
C CYS A 16 -11.07 4.99 -1.60
N ASP A 17 -10.53 5.68 -0.61
CA ASP A 17 -11.25 6.76 0.04
C ASP A 17 -10.84 8.09 -0.58
N ALA A 18 -11.82 8.92 -0.87
CA ALA A 18 -11.59 10.16 -1.59
C ALA A 18 -10.85 11.18 -0.75
N ALA A 19 -10.86 11.00 0.56
CA ALA A 19 -10.22 11.94 1.48
C ALA A 19 -8.71 11.88 1.33
N THR A 20 -8.21 10.86 0.64
CA THR A 20 -6.78 10.69 0.45
C THR A 20 -6.31 11.49 -0.78
N CYS A 21 -7.26 11.92 -1.60
CA CYS A 21 -6.93 12.76 -2.74
C CYS A 21 -6.96 14.23 -2.32
N LYS A 22 -7.33 14.44 -1.06
CA LYS A 22 -7.36 15.77 -0.48
C LYS A 22 -6.44 15.81 0.73
N LEU A 23 -6.28 16.98 1.31
CA LEU A 23 -5.39 17.13 2.46
C LEU A 23 -6.18 16.94 3.75
N ARG A 24 -7.07 15.96 3.75
CA ARG A 24 -7.89 15.67 4.92
C ARG A 24 -7.15 14.77 5.90
N PRO A 25 -6.99 15.23 7.15
CA PRO A 25 -6.30 14.47 8.19
C PRO A 25 -6.91 13.10 8.41
N GLY A 26 -6.05 12.11 8.65
CA GLY A 26 -6.51 10.76 8.88
C GLY A 26 -6.20 9.85 7.71
N ALA A 27 -6.22 10.42 6.50
CA ALA A 27 -5.95 9.64 5.30
C ALA A 27 -4.47 9.58 5.01
N GLN A 28 -3.92 8.38 5.04
CA GLN A 28 -2.51 8.19 4.75
C GLN A 28 -2.32 7.66 3.34
N CYS A 29 -3.19 6.76 2.91
CA CYS A 29 -3.08 6.14 1.60
C CYS A 29 -4.46 5.75 1.09
N ALA A 30 -4.52 5.34 -0.16
CA ALA A 30 -5.76 4.88 -0.75
C ALA A 30 -5.54 3.61 -1.56
N GLU A 31 -4.32 3.42 -2.03
CA GLU A 31 -3.97 2.29 -2.88
C GLU A 31 -2.70 1.62 -2.37
N GLY A 32 -2.34 0.50 -2.97
CA GLY A 32 -1.10 -0.16 -2.64
C GLY A 32 -1.26 -1.30 -1.66
N LEU A 33 -0.35 -2.27 -1.71
CA LEU A 33 -0.40 -3.43 -0.82
C LEU A 33 -0.02 -3.03 0.61
N CYS A 34 0.69 -1.91 0.74
CA CYS A 34 1.09 -1.39 2.04
C CYS A 34 -0.03 -0.57 2.66
N CYS A 35 -1.15 -0.50 1.97
CA CYS A 35 -2.26 0.32 2.43
C CYS A 35 -3.35 -0.54 3.01
N ASP A 36 -3.57 -0.39 4.30
CA ASP A 36 -4.66 -1.10 4.98
C ASP A 36 -5.63 -0.09 5.56
N GLN A 37 -6.77 0.07 4.90
CA GLN A 37 -7.82 0.99 5.33
C GLN A 37 -7.29 2.42 5.43
N CYS A 38 -6.59 2.85 4.39
CA CYS A 38 -6.06 4.22 4.29
C CYS A 38 -4.94 4.47 5.29
N ARG A 39 -4.38 3.40 5.83
CA ARG A 39 -3.29 3.50 6.79
C ARG A 39 -2.10 2.67 6.31
N PHE A 40 -0.90 3.20 6.52
CA PHE A 40 0.31 2.53 6.09
C PHE A 40 0.65 1.35 6.98
N MET A 41 1.10 0.26 6.37
CA MET A 41 1.61 -0.88 7.10
C MET A 41 3.02 -0.58 7.58
N LYS A 42 3.24 -0.70 8.87
CA LYS A 42 4.52 -0.33 9.49
C LYS A 42 5.68 -1.14 8.91
N GLU A 43 6.84 -0.50 8.85
CA GLU A 43 8.05 -1.13 8.34
C GLU A 43 8.41 -2.35 9.16
N GLY A 44 8.77 -3.42 8.47
CA GLY A 44 9.06 -4.67 9.14
C GLY A 44 7.93 -5.66 8.97
N THR A 45 6.74 -5.13 8.74
CA THR A 45 5.57 -5.96 8.49
C THR A 45 5.52 -6.33 7.01
N VAL A 46 5.18 -7.58 6.74
CA VAL A 46 5.19 -8.09 5.39
C VAL A 46 3.85 -7.87 4.69
N CYS A 47 3.93 -7.61 3.39
CA CYS A 47 2.74 -7.51 2.55
C CYS A 47 2.29 -8.90 2.13
N ARG A 48 3.19 -9.85 2.28
CA ARG A 48 2.92 -11.23 1.93
C ARG A 48 3.86 -12.14 2.71
N ARG A 49 3.30 -12.92 3.62
CA ARG A 49 4.10 -13.87 4.39
C ARG A 49 4.37 -15.13 3.56
N ALA A 50 5.64 -15.40 3.33
CA ALA A 50 6.02 -16.54 2.53
C ALA A 50 6.04 -17.81 3.36
N ARG A 51 5.81 -18.93 2.69
CA ARG A 51 5.78 -20.23 3.36
C ARG A 51 6.73 -21.19 2.67
N GLY A 52 7.85 -20.66 2.20
CA GLY A 52 8.85 -21.50 1.57
C GLY A 52 8.94 -21.29 0.07
N ASP A 53 7.82 -21.48 -0.62
CA ASP A 53 7.77 -21.33 -2.06
C ASP A 53 7.65 -19.86 -2.46
N ASP A 54 6.97 -19.09 -1.62
CA ASP A 54 6.76 -17.68 -1.89
C ASP A 54 7.92 -16.86 -1.37
N MET A 55 7.85 -15.55 -1.60
CA MET A 55 8.88 -14.62 -1.12
C MET A 55 8.25 -13.61 -0.18
N ASP A 56 8.90 -13.38 0.96
CA ASP A 56 8.38 -12.44 1.94
C ASP A 56 8.55 -11.00 1.46
N ASP A 57 7.44 -10.32 1.24
CA ASP A 57 7.46 -8.91 0.83
C ASP A 57 7.40 -8.02 2.04
N TYR A 58 8.38 -7.13 2.19
CA TYR A 58 8.42 -6.25 3.35
C TYR A 58 7.98 -4.84 2.98
N CYS A 59 7.25 -4.21 3.89
CA CYS A 59 6.77 -2.85 3.67
C CYS A 59 7.76 -1.84 4.25
N ASN A 60 7.66 -0.59 3.78
CA ASN A 60 8.60 0.47 4.19
C ASN A 60 8.00 1.32 5.29
N GLY A 61 6.71 1.16 5.54
CA GLY A 61 6.06 1.82 6.66
C GLY A 61 5.53 3.20 6.34
N ILE A 62 6.08 3.85 5.32
CA ILE A 62 5.64 5.18 4.95
C ILE A 62 5.25 5.24 3.48
N SER A 63 5.21 4.09 2.84
CA SER A 63 4.86 4.00 1.44
C SER A 63 3.58 3.19 1.29
N ALA A 64 2.75 3.58 0.33
CA ALA A 64 1.51 2.86 0.06
C ALA A 64 1.79 1.62 -0.74
N GLY A 65 2.88 1.65 -1.49
CA GLY A 65 3.29 0.50 -2.25
C GLY A 65 4.41 -0.25 -1.56
N CYS A 66 4.40 -1.57 -1.71
CA CYS A 66 5.42 -2.41 -1.09
C CYS A 66 6.69 -2.40 -1.92
N PRO A 67 7.82 -2.04 -1.29
CA PRO A 67 9.12 -2.01 -1.96
C PRO A 67 9.56 -3.40 -2.40
N ARG A 68 10.18 -3.47 -3.55
CA ARG A 68 10.73 -4.73 -4.05
C ARG A 68 12.05 -5.01 -3.36
N ASN A 69 12.02 -5.96 -2.42
CA ASN A 69 13.19 -6.26 -1.61
C ASN A 69 14.09 -7.25 -2.33
N PRO A 70 15.42 -7.01 -2.31
CA PRO A 70 16.42 -7.83 -3.00
C PRO A 70 16.61 -9.20 -2.34
N PHE A 71 15.54 -9.97 -2.29
CA PHE A 71 15.55 -11.29 -1.70
C PHE A 71 15.12 -12.33 -2.72
N HIS A 72 16.04 -12.69 -3.61
CA HIS A 72 15.86 -13.74 -4.61
C HIS A 72 14.98 -13.31 -5.77
N ALA A 73 13.92 -12.56 -5.48
CA ALA A 73 12.99 -12.10 -6.50
C ALA A 73 13.56 -10.89 -7.25
N GLU A 1 -1.16 7.31 -10.05
CA GLU A 1 -2.45 7.19 -10.77
C GLU A 1 -3.49 8.11 -10.13
N ALA A 2 -3.10 9.36 -9.86
CA ALA A 2 -3.96 10.28 -9.12
C ALA A 2 -5.00 10.94 -10.03
N GLY A 3 -5.61 10.14 -10.89
CA GLY A 3 -6.65 10.65 -11.76
C GLY A 3 -7.95 9.92 -11.52
N GLU A 4 -8.03 8.71 -12.03
CA GLU A 4 -9.18 7.86 -11.79
C GLU A 4 -8.99 7.11 -10.47
N GLU A 5 -7.77 6.65 -10.25
CA GLU A 5 -7.41 5.95 -9.03
C GLU A 5 -6.88 6.93 -8.00
N CYS A 6 -7.40 8.15 -8.03
CA CYS A 6 -7.03 9.18 -7.07
C CYS A 6 -7.53 8.77 -5.68
N ASP A 7 -8.75 8.28 -5.65
CA ASP A 7 -9.32 7.71 -4.44
C ASP A 7 -9.24 6.19 -4.50
N CYS A 8 -9.45 5.68 -5.71
CA CYS A 8 -9.36 4.26 -6.02
C CYS A 8 -9.93 3.98 -7.40
N GLY A 9 -10.98 4.71 -7.76
CA GLY A 9 -11.66 4.49 -9.02
C GLY A 9 -12.55 3.27 -8.96
N THR A 10 -11.95 2.12 -8.69
CA THR A 10 -12.67 0.87 -8.59
C THR A 10 -12.50 0.29 -7.19
N PRO A 11 -13.53 -0.41 -6.67
CA PRO A 11 -13.47 -1.06 -5.37
C PRO A 11 -12.36 -2.10 -5.29
N GLY A 12 -11.80 -2.28 -4.10
CA GLY A 12 -10.73 -3.24 -3.92
C GLY A 12 -9.45 -2.59 -3.46
N ASN A 13 -9.45 -1.26 -3.40
CA ASN A 13 -8.30 -0.51 -2.92
C ASN A 13 -8.37 -0.34 -1.42
N PRO A 14 -7.21 -0.34 -0.73
CA PRO A 14 -7.13 -0.32 0.74
C PRO A 14 -8.08 0.70 1.38
N CYS A 15 -7.99 1.96 0.97
CA CYS A 15 -8.85 2.98 1.54
C CYS A 15 -10.02 3.27 0.62
N CYS A 16 -9.75 3.39 -0.67
CA CYS A 16 -10.78 3.68 -1.68
C CYS A 16 -11.67 4.87 -1.24
N ASP A 17 -11.11 5.74 -0.41
CA ASP A 17 -11.84 6.88 0.10
C ASP A 17 -11.51 8.12 -0.71
N ALA A 18 -12.54 8.90 -1.02
CA ALA A 18 -12.38 10.11 -1.82
C ALA A 18 -11.65 11.19 -1.02
N ALA A 19 -11.64 11.05 0.30
CA ALA A 19 -10.94 11.99 1.15
C ALA A 19 -9.44 11.81 1.01
N THR A 20 -9.03 10.64 0.51
CA THR A 20 -7.62 10.34 0.32
C THR A 20 -7.16 10.81 -1.06
N CYS A 21 -8.13 11.14 -1.91
CA CYS A 21 -7.83 11.74 -3.20
C CYS A 21 -7.31 13.16 -2.99
N LYS A 22 -7.75 13.75 -1.89
CA LYS A 22 -7.27 15.05 -1.47
C LYS A 22 -6.28 14.85 -0.33
N LEU A 23 -5.49 15.88 -0.02
CA LEU A 23 -4.50 15.78 1.04
C LEU A 23 -5.15 16.08 2.39
N ARG A 24 -6.24 15.39 2.68
CA ARG A 24 -7.00 15.59 3.90
C ARG A 24 -6.42 14.77 5.05
N PRO A 25 -6.21 15.42 6.22
CA PRO A 25 -5.66 14.76 7.40
C PRO A 25 -6.48 13.54 7.83
N GLY A 26 -5.79 12.48 8.21
CA GLY A 26 -6.46 11.26 8.63
C GLY A 26 -6.35 10.17 7.58
N ALA A 27 -6.25 10.57 6.32
CA ALA A 27 -6.06 9.62 5.24
C ALA A 27 -4.61 9.62 4.79
N GLN A 28 -3.95 8.48 4.96
CA GLN A 28 -2.54 8.38 4.63
C GLN A 28 -2.35 7.87 3.21
N CYS A 29 -3.04 6.80 2.87
CA CYS A 29 -2.90 6.16 1.57
C CYS A 29 -4.20 5.52 1.14
N ALA A 30 -4.38 5.34 -0.16
CA ALA A 30 -5.59 4.73 -0.68
C ALA A 30 -5.29 3.60 -1.65
N GLU A 31 -4.01 3.37 -1.88
CA GLU A 31 -3.57 2.42 -2.88
C GLU A 31 -2.41 1.59 -2.36
N GLY A 32 -2.05 0.54 -3.10
CA GLY A 32 -0.90 -0.25 -2.75
C GLY A 32 -1.22 -1.35 -1.74
N LEU A 33 -0.46 -2.43 -1.80
CA LEU A 33 -0.65 -3.55 -0.88
C LEU A 33 0.11 -3.32 0.41
N CYS A 34 0.80 -2.20 0.51
CA CYS A 34 1.50 -1.83 1.73
C CYS A 34 0.66 -0.80 2.48
N CYS A 35 -0.60 -0.70 2.08
CA CYS A 35 -1.54 0.19 2.71
C CYS A 35 -2.75 -0.59 3.19
N ASP A 36 -3.19 -0.31 4.41
CA ASP A 36 -4.36 -0.97 4.95
C ASP A 36 -5.25 0.04 5.66
N GLN A 37 -6.53 0.06 5.29
CA GLN A 37 -7.54 0.95 5.86
C GLN A 37 -7.02 2.39 5.97
N CYS A 38 -6.47 2.89 4.86
CA CYS A 38 -6.02 4.27 4.74
C CYS A 38 -4.74 4.53 5.56
N ARG A 39 -4.08 3.46 5.96
CA ARG A 39 -2.91 3.57 6.82
C ARG A 39 -1.74 2.77 6.25
N PHE A 40 -0.55 3.38 6.22
CA PHE A 40 0.66 2.70 5.76
C PHE A 40 1.03 1.56 6.68
N MET A 41 1.27 0.39 6.10
CA MET A 41 1.74 -0.76 6.87
C MET A 41 3.18 -0.49 7.34
N LYS A 42 3.42 -0.71 8.61
CA LYS A 42 4.71 -0.35 9.20
C LYS A 42 5.79 -1.35 8.80
N GLU A 43 7.02 -0.89 8.88
CA GLU A 43 8.18 -1.71 8.51
C GLU A 43 8.17 -3.00 9.33
N GLY A 44 8.39 -4.12 8.64
CA GLY A 44 8.36 -5.40 9.30
C GLY A 44 7.10 -6.17 8.97
N THR A 45 6.05 -5.43 8.62
CA THR A 45 4.80 -6.05 8.18
C THR A 45 4.90 -6.41 6.71
N VAL A 46 4.53 -7.64 6.38
CA VAL A 46 4.63 -8.12 5.02
C VAL A 46 3.50 -7.56 4.15
N CYS A 47 3.88 -6.95 3.04
CA CYS A 47 2.91 -6.44 2.08
C CYS A 47 2.58 -7.50 1.05
N ARG A 48 3.53 -8.42 0.88
CA ARG A 48 3.32 -9.58 0.03
C ARG A 48 3.35 -10.84 0.89
N ARG A 49 2.20 -11.46 1.04
CA ARG A 49 2.11 -12.71 1.78
C ARG A 49 2.43 -13.85 0.84
N ALA A 50 3.58 -14.47 1.05
CA ALA A 50 4.06 -15.53 0.18
C ALA A 50 3.19 -16.76 0.26
N ARG A 51 3.07 -17.46 -0.86
CA ARG A 51 2.29 -18.68 -0.89
C ARG A 51 3.22 -19.90 -0.92
N GLY A 52 4.50 -19.67 -1.20
CA GLY A 52 5.45 -20.76 -1.20
C GLY A 52 6.56 -20.58 -2.22
N ASP A 53 6.17 -20.37 -3.48
CA ASP A 53 7.14 -20.19 -4.55
C ASP A 53 7.76 -18.80 -4.49
N ASP A 54 7.04 -17.88 -3.88
CA ASP A 54 7.53 -16.53 -3.67
C ASP A 54 7.87 -16.34 -2.20
N MET A 55 8.48 -15.20 -1.88
CA MET A 55 8.87 -14.92 -0.51
C MET A 55 8.20 -13.63 -0.02
N ASP A 56 7.84 -13.62 1.27
CA ASP A 56 7.15 -12.49 1.87
C ASP A 56 7.99 -11.22 1.81
N ASP A 57 7.45 -10.18 1.20
CA ASP A 57 8.13 -8.89 1.13
C ASP A 57 7.73 -8.02 2.30
N TYR A 58 8.67 -7.27 2.84
CA TYR A 58 8.43 -6.46 4.03
C TYR A 58 8.22 -5.00 3.67
N CYS A 59 7.19 -4.41 4.26
CA CYS A 59 6.89 -3.01 4.09
C CYS A 59 8.00 -2.14 4.66
N ASN A 60 8.24 -1.01 4.03
CA ASN A 60 9.24 -0.06 4.51
C ASN A 60 8.59 0.95 5.45
N GLY A 61 7.26 0.94 5.49
CA GLY A 61 6.54 1.71 6.49
C GLY A 61 6.17 3.11 6.04
N ILE A 62 6.78 3.60 4.97
CA ILE A 62 6.57 4.97 4.54
C ILE A 62 6.04 5.05 3.11
N SER A 63 5.77 3.89 2.52
CA SER A 63 5.28 3.83 1.16
C SER A 63 4.06 2.91 1.08
N ALA A 64 3.10 3.28 0.23
CA ALA A 64 1.87 2.52 0.10
C ALA A 64 2.05 1.34 -0.83
N GLY A 65 3.06 1.42 -1.69
CA GLY A 65 3.34 0.34 -2.60
C GLY A 65 4.20 -0.72 -1.95
N CYS A 66 4.00 -1.97 -2.36
CA CYS A 66 4.76 -3.07 -1.79
C CYS A 66 6.10 -3.22 -2.50
N PRO A 67 7.20 -2.96 -1.77
CA PRO A 67 8.54 -3.08 -2.32
C PRO A 67 9.03 -4.53 -2.31
N ARG A 68 9.77 -4.90 -3.34
CA ARG A 68 10.36 -6.22 -3.39
C ARG A 68 11.65 -6.22 -2.57
N ASN A 69 11.76 -7.17 -1.65
CA ASN A 69 12.88 -7.25 -0.74
C ASN A 69 14.21 -7.34 -1.50
N PRO A 70 15.22 -6.59 -1.05
CA PRO A 70 16.55 -6.61 -1.65
C PRO A 70 17.39 -7.77 -1.14
N PHE A 71 16.80 -8.96 -1.11
CA PHE A 71 17.48 -10.17 -0.68
C PHE A 71 17.24 -11.28 -1.69
N HIS A 72 15.98 -11.64 -1.86
CA HIS A 72 15.59 -12.64 -2.84
C HIS A 72 14.64 -12.03 -3.85
N ALA A 73 15.20 -11.34 -4.83
CA ALA A 73 14.40 -10.68 -5.85
C ALA A 73 14.33 -11.53 -7.12
N GLU A 1 0.74 9.10 -8.79
CA GLU A 1 -0.42 8.84 -9.68
C GLU A 1 -1.71 9.31 -9.03
N ALA A 2 -2.00 10.60 -9.15
CA ALA A 2 -3.17 11.19 -8.53
C ALA A 2 -4.35 11.22 -9.49
N GLY A 3 -4.10 10.86 -10.73
CA GLY A 3 -5.16 10.86 -11.73
C GLY A 3 -6.00 9.60 -11.65
N GLU A 4 -5.44 8.50 -12.12
CA GLU A 4 -6.14 7.23 -12.11
C GLU A 4 -6.40 6.78 -10.69
N GLU A 5 -5.33 6.73 -9.89
CA GLU A 5 -5.41 6.30 -8.51
C GLU A 5 -5.77 7.47 -7.60
N CYS A 6 -6.70 8.30 -8.05
CA CYS A 6 -7.20 9.42 -7.26
C CYS A 6 -7.81 8.89 -5.96
N ASP A 7 -8.92 8.19 -6.08
CA ASP A 7 -9.53 7.50 -4.94
C ASP A 7 -8.80 6.18 -4.73
N CYS A 8 -8.44 5.55 -5.84
CA CYS A 8 -7.67 4.31 -5.86
C CYS A 8 -7.66 3.75 -7.28
N GLY A 9 -8.62 4.18 -8.08
CA GLY A 9 -8.70 3.74 -9.46
C GLY A 9 -9.37 2.39 -9.60
N THR A 10 -8.86 1.41 -8.89
CA THR A 10 -9.39 0.06 -8.96
C THR A 10 -9.86 -0.40 -7.58
N PRO A 11 -11.15 -0.78 -7.47
CA PRO A 11 -11.72 -1.30 -6.22
C PRO A 11 -10.91 -2.47 -5.68
N GLY A 12 -10.77 -2.52 -4.37
CA GLY A 12 -9.93 -3.53 -3.76
C GLY A 12 -8.72 -2.90 -3.11
N ASN A 13 -8.53 -1.62 -3.37
CA ASN A 13 -7.45 -0.86 -2.75
C ASN A 13 -7.83 -0.45 -1.34
N PRO A 14 -6.83 -0.26 -0.47
CA PRO A 14 -7.02 -0.05 0.97
C PRO A 14 -8.14 0.93 1.33
N CYS A 15 -8.01 2.17 0.92
CA CYS A 15 -8.95 3.20 1.35
C CYS A 15 -9.99 3.49 0.28
N CYS A 16 -9.54 3.59 -0.97
CA CYS A 16 -10.39 3.91 -2.12
C CYS A 16 -11.28 5.15 -1.91
N ASP A 17 -11.00 5.92 -0.86
CA ASP A 17 -11.79 7.08 -0.55
C ASP A 17 -11.13 8.34 -1.10
N ALA A 18 -11.95 9.24 -1.63
CA ALA A 18 -11.47 10.46 -2.26
C ALA A 18 -10.72 11.36 -1.29
N ALA A 19 -10.87 11.10 0.00
CA ALA A 19 -10.18 11.85 1.04
C ALA A 19 -8.68 11.74 0.90
N THR A 20 -8.21 10.69 0.24
CA THR A 20 -6.80 10.48 0.04
C THR A 20 -6.32 11.17 -1.23
N CYS A 21 -7.28 11.60 -2.06
CA CYS A 21 -6.98 12.32 -3.29
C CYS A 21 -6.97 13.81 -3.01
N LYS A 22 -7.18 14.14 -1.74
CA LYS A 22 -7.18 15.51 -1.27
C LYS A 22 -6.52 15.55 0.10
N LEU A 23 -6.38 16.73 0.68
CA LEU A 23 -5.64 16.86 1.93
C LEU A 23 -6.57 16.77 3.14
N ARG A 24 -7.36 15.70 3.21
CA ARG A 24 -8.19 15.46 4.37
C ARG A 24 -7.38 14.71 5.43
N PRO A 25 -7.36 15.22 6.67
CA PRO A 25 -6.65 14.57 7.78
C PRO A 25 -7.21 13.18 8.07
N GLY A 26 -6.32 12.25 8.38
CA GLY A 26 -6.73 10.90 8.68
C GLY A 26 -6.40 9.92 7.57
N ALA A 27 -6.43 10.40 6.33
CA ALA A 27 -6.11 9.57 5.18
C ALA A 27 -4.68 9.79 4.73
N GLN A 28 -3.89 8.74 4.80
CA GLN A 28 -2.48 8.81 4.45
C GLN A 28 -2.22 8.16 3.09
N CYS A 29 -3.03 7.16 2.76
CA CYS A 29 -2.85 6.43 1.53
C CYS A 29 -4.12 5.66 1.16
N ALA A 30 -4.29 5.37 -0.12
CA ALA A 30 -5.45 4.65 -0.60
C ALA A 30 -5.06 3.61 -1.64
N GLU A 31 -3.77 3.31 -1.70
CA GLU A 31 -3.23 2.44 -2.74
C GLU A 31 -2.20 1.49 -2.16
N GLY A 32 -1.86 0.46 -2.93
CA GLY A 32 -0.74 -0.40 -2.58
C GLY A 32 -1.10 -1.50 -1.60
N LEU A 33 -0.15 -2.41 -1.39
CA LEU A 33 -0.33 -3.51 -0.45
C LEU A 33 0.20 -3.14 0.92
N CYS A 34 0.90 -2.01 1.00
CA CYS A 34 1.49 -1.56 2.25
C CYS A 34 0.64 -0.46 2.87
N CYS A 35 -0.62 -0.45 2.51
CA CYS A 35 -1.55 0.50 3.07
C CYS A 35 -2.86 -0.21 3.40
N ASP A 36 -3.42 0.13 4.53
CA ASP A 36 -4.73 -0.38 4.92
C ASP A 36 -5.37 0.59 5.90
N GLN A 37 -6.71 0.68 5.83
CA GLN A 37 -7.47 1.60 6.67
C GLN A 37 -7.02 3.03 6.42
N CYS A 38 -6.64 3.31 5.17
CA CYS A 38 -6.18 4.63 4.75
C CYS A 38 -4.89 5.03 5.47
N ARG A 39 -4.17 4.06 6.01
CA ARG A 39 -2.96 4.33 6.78
C ARG A 39 -1.82 3.43 6.30
N PHE A 40 -0.62 3.99 6.22
CA PHE A 40 0.57 3.25 5.85
C PHE A 40 0.80 2.09 6.82
N MET A 41 0.97 0.89 6.27
CA MET A 41 1.14 -0.31 7.06
C MET A 41 2.53 -0.33 7.68
N LYS A 42 2.60 -0.62 8.98
CA LYS A 42 3.84 -0.59 9.74
C LYS A 42 4.94 -1.40 9.09
N GLU A 43 6.15 -0.82 9.07
CA GLU A 43 7.34 -1.49 8.58
C GLU A 43 7.52 -2.85 9.27
N GLY A 44 7.81 -3.86 8.46
CA GLY A 44 7.99 -5.20 9.00
C GLY A 44 6.81 -6.10 8.72
N THR A 45 5.73 -5.50 8.23
CA THR A 45 4.55 -6.24 7.88
C THR A 45 4.64 -6.76 6.45
N VAL A 46 4.18 -7.99 6.23
CA VAL A 46 4.23 -8.60 4.92
C VAL A 46 3.24 -7.96 3.96
N CYS A 47 3.73 -7.57 2.80
CA CYS A 47 2.90 -7.00 1.75
C CYS A 47 2.52 -8.08 0.74
N ARG A 48 3.54 -8.79 0.29
CA ARG A 48 3.42 -9.82 -0.72
C ARG A 48 3.61 -11.18 -0.08
N ARG A 49 2.53 -11.93 0.01
CA ARG A 49 2.56 -13.22 0.68
C ARG A 49 3.17 -14.28 -0.24
N ALA A 50 4.20 -14.95 0.26
CA ALA A 50 4.89 -15.97 -0.51
C ALA A 50 4.03 -17.21 -0.67
N ARG A 51 4.27 -17.93 -1.76
CA ARG A 51 3.51 -19.13 -2.06
C ARG A 51 4.40 -20.15 -2.77
N GLY A 52 5.54 -20.43 -2.18
CA GLY A 52 6.48 -21.37 -2.78
C GLY A 52 7.67 -20.67 -3.38
N ASP A 53 7.58 -20.35 -4.67
CA ASP A 53 8.67 -19.65 -5.37
C ASP A 53 8.81 -18.24 -4.85
N ASP A 54 7.68 -17.58 -4.66
CA ASP A 54 7.66 -16.19 -4.20
C ASP A 54 8.19 -16.07 -2.78
N MET A 55 8.57 -14.85 -2.41
CA MET A 55 9.05 -14.58 -1.06
C MET A 55 8.15 -13.56 -0.38
N ASP A 56 8.06 -13.65 0.93
CA ASP A 56 7.27 -12.71 1.72
C ASP A 56 8.03 -11.39 1.81
N ASP A 57 7.53 -10.37 1.14
CA ASP A 57 8.17 -9.07 1.18
C ASP A 57 7.59 -8.23 2.30
N TYR A 58 8.46 -7.46 2.95
CA TYR A 58 8.06 -6.69 4.11
C TYR A 58 8.03 -5.21 3.78
N CYS A 59 6.97 -4.54 4.18
CA CYS A 59 6.78 -3.13 3.94
C CYS A 59 7.76 -2.29 4.74
N ASN A 60 8.23 -1.20 4.12
CA ASN A 60 9.12 -0.26 4.80
C ASN A 60 8.30 0.72 5.65
N GLY A 61 6.99 0.65 5.51
CA GLY A 61 6.10 1.40 6.38
C GLY A 61 5.88 2.83 5.93
N ILE A 62 6.82 3.36 5.16
CA ILE A 62 6.75 4.75 4.73
C ILE A 62 6.15 4.87 3.33
N SER A 63 5.71 3.75 2.79
CA SER A 63 5.17 3.72 1.45
C SER A 63 3.89 2.90 1.41
N ALA A 64 2.97 3.30 0.55
CA ALA A 64 1.71 2.60 0.37
C ALA A 64 1.92 1.40 -0.54
N GLY A 65 2.82 1.56 -1.50
CA GLY A 65 3.22 0.46 -2.33
C GLY A 65 4.36 -0.30 -1.69
N CYS A 66 4.59 -1.53 -2.11
CA CYS A 66 5.62 -2.34 -1.51
C CYS A 66 6.84 -2.45 -2.42
N PRO A 67 7.93 -1.77 -2.05
CA PRO A 67 9.19 -1.86 -2.76
C PRO A 67 10.01 -3.06 -2.30
N ARG A 68 10.61 -3.77 -3.24
CA ARG A 68 11.46 -4.90 -2.90
C ARG A 68 12.72 -4.39 -2.22
N ASN A 69 12.87 -4.74 -0.95
CA ASN A 69 14.00 -4.31 -0.15
C ASN A 69 15.31 -4.68 -0.84
N PRO A 70 16.17 -3.68 -1.09
CA PRO A 70 17.41 -3.86 -1.84
C PRO A 70 18.45 -4.67 -1.07
N PHE A 71 19.40 -5.21 -1.81
CA PHE A 71 20.48 -6.01 -1.22
C PHE A 71 21.42 -5.12 -0.42
N HIS A 72 21.40 -3.83 -0.71
CA HIS A 72 22.19 -2.87 0.03
C HIS A 72 21.35 -1.64 0.31
N ALA A 73 21.00 -1.44 1.56
CA ALA A 73 20.19 -0.31 1.96
C ALA A 73 20.93 1.00 1.75
N GLU A 1 0.09 5.90 -10.80
CA GLU A 1 0.02 7.27 -11.35
C GLU A 1 0.06 8.31 -10.24
N ALA A 2 -0.87 8.21 -9.29
CA ALA A 2 -1.01 9.19 -8.22
C ALA A 2 -1.41 10.56 -8.78
N GLY A 3 -2.32 10.54 -9.75
CA GLY A 3 -2.85 11.78 -10.30
C GLY A 3 -4.36 11.82 -10.21
N GLU A 4 -5.01 11.12 -11.12
CA GLU A 4 -6.45 10.93 -11.07
C GLU A 4 -6.74 9.59 -10.41
N GLU A 5 -5.84 8.64 -10.64
CA GLU A 5 -5.90 7.34 -9.98
C GLU A 5 -5.20 7.43 -8.62
N CYS A 6 -5.21 8.62 -8.04
CA CYS A 6 -4.50 8.87 -6.79
C CYS A 6 -5.31 8.36 -5.60
N ASP A 7 -6.61 8.56 -5.65
CA ASP A 7 -7.50 8.09 -4.60
C ASP A 7 -8.08 6.74 -4.95
N CYS A 8 -8.31 6.53 -6.24
CA CYS A 8 -8.90 5.30 -6.73
C CYS A 8 -8.84 5.28 -8.26
N GLY A 9 -8.81 4.10 -8.83
CA GLY A 9 -8.74 3.96 -10.26
C GLY A 9 -7.85 2.80 -10.67
N THR A 10 -6.80 2.60 -9.89
CA THR A 10 -5.87 1.52 -10.12
C THR A 10 -6.42 0.20 -9.57
N PRO A 11 -6.00 -0.94 -10.14
CA PRO A 11 -6.47 -2.27 -9.71
C PRO A 11 -5.88 -2.73 -8.39
N GLY A 12 -6.02 -1.88 -7.37
CA GLY A 12 -5.50 -2.21 -6.06
C GLY A 12 -5.71 -1.09 -5.07
N ASN A 13 -6.96 -0.73 -4.84
CA ASN A 13 -7.29 0.39 -3.96
C ASN A 13 -8.06 -0.10 -2.75
N PRO A 14 -7.36 -0.41 -1.64
CA PRO A 14 -8.00 -0.86 -0.41
C PRO A 14 -8.85 0.22 0.25
N CYS A 15 -8.49 1.48 0.04
CA CYS A 15 -9.23 2.58 0.63
C CYS A 15 -10.17 3.24 -0.39
N CYS A 16 -9.65 3.48 -1.59
CA CYS A 16 -10.42 4.08 -2.70
C CYS A 16 -11.06 5.42 -2.32
N ASP A 17 -10.65 6.00 -1.19
CA ASP A 17 -11.25 7.24 -0.70
C ASP A 17 -10.44 8.45 -1.14
N ALA A 18 -11.14 9.52 -1.52
CA ALA A 18 -10.52 10.71 -2.06
C ALA A 18 -9.70 11.47 -1.03
N ALA A 19 -9.99 11.25 0.24
CA ALA A 19 -9.35 11.99 1.31
C ALA A 19 -7.92 11.52 1.55
N THR A 20 -7.52 10.47 0.85
CA THR A 20 -6.21 9.88 1.04
C THR A 20 -5.17 10.57 0.18
N CYS A 21 -5.63 11.18 -0.90
CA CYS A 21 -4.77 11.97 -1.76
C CYS A 21 -4.92 13.44 -1.38
N LYS A 22 -5.33 13.66 -0.13
CA LYS A 22 -5.54 14.99 0.40
C LYS A 22 -4.96 15.06 1.80
N LEU A 23 -4.96 16.25 2.39
CA LEU A 23 -4.35 16.46 3.70
C LEU A 23 -5.33 16.11 4.83
N ARG A 24 -6.34 15.31 4.51
CA ARG A 24 -7.33 14.90 5.49
C ARG A 24 -6.71 13.95 6.51
N PRO A 25 -6.79 14.30 7.80
CA PRO A 25 -6.26 13.47 8.88
C PRO A 25 -6.90 12.09 8.91
N GLY A 26 -6.11 11.08 9.20
CA GLY A 26 -6.62 9.72 9.27
C GLY A 26 -6.44 8.98 7.97
N ALA A 27 -6.49 9.70 6.86
CA ALA A 27 -6.33 9.11 5.55
C ALA A 27 -4.89 9.26 5.10
N GLN A 28 -4.22 8.12 4.90
CA GLN A 28 -2.81 8.12 4.56
C GLN A 28 -2.59 7.64 3.13
N CYS A 29 -3.23 6.54 2.76
CA CYS A 29 -2.96 5.89 1.48
C CYS A 29 -4.23 5.41 0.81
N ALA A 30 -4.16 5.23 -0.51
CA ALA A 30 -5.31 4.80 -1.28
C ALA A 30 -5.05 3.45 -1.95
N GLU A 31 -3.82 3.25 -2.43
CA GLU A 31 -3.45 2.01 -3.11
C GLU A 31 -2.20 1.42 -2.49
N GLY A 32 -1.82 0.23 -2.94
CA GLY A 32 -0.58 -0.38 -2.48
C GLY A 32 -0.81 -1.57 -1.57
N LEU A 33 0.15 -2.48 -1.56
CA LEU A 33 0.07 -3.67 -0.70
C LEU A 33 0.52 -3.34 0.71
N CYS A 34 1.01 -2.13 0.90
CA CYS A 34 1.37 -1.64 2.22
C CYS A 34 0.33 -0.66 2.70
N CYS A 35 -0.87 -0.79 2.17
CA CYS A 35 -1.97 0.07 2.52
C CYS A 35 -3.15 -0.77 2.98
N ASP A 36 -3.56 -0.57 4.22
CA ASP A 36 -4.74 -1.23 4.74
C ASP A 36 -5.63 -0.25 5.45
N GLN A 37 -6.90 -0.22 5.07
CA GLN A 37 -7.89 0.67 5.67
C GLN A 37 -7.41 2.12 5.66
N CYS A 38 -6.83 2.53 4.54
CA CYS A 38 -6.37 3.91 4.32
C CYS A 38 -5.13 4.24 5.15
N ARG A 39 -4.50 3.22 5.72
CA ARG A 39 -3.33 3.42 6.57
C ARG A 39 -2.11 2.69 6.02
N PHE A 40 -0.94 3.28 6.21
CA PHE A 40 0.31 2.66 5.81
C PHE A 40 0.63 1.51 6.73
N MET A 41 1.12 0.41 6.16
CA MET A 41 1.61 -0.69 6.95
C MET A 41 2.99 -0.36 7.49
N LYS A 42 3.11 -0.35 8.81
CA LYS A 42 4.31 0.10 9.49
C LYS A 42 5.53 -0.73 9.08
N GLU A 43 6.70 -0.10 9.20
CA GLU A 43 7.96 -0.73 8.85
C GLU A 43 8.14 -2.02 9.64
N GLY A 44 8.47 -3.08 8.93
CA GLY A 44 8.63 -4.38 9.57
C GLY A 44 7.46 -5.28 9.26
N THR A 45 6.35 -4.69 8.85
CA THR A 45 5.17 -5.43 8.46
C THR A 45 5.35 -5.98 7.05
N VAL A 46 5.04 -7.25 6.87
CA VAL A 46 5.14 -7.88 5.57
C VAL A 46 3.96 -7.49 4.68
N CYS A 47 4.26 -7.09 3.46
CA CYS A 47 3.23 -6.77 2.49
C CYS A 47 2.82 -8.04 1.76
N ARG A 48 3.75 -8.97 1.69
CA ARG A 48 3.53 -10.27 1.07
C ARG A 48 4.08 -11.36 1.96
N ARG A 49 3.22 -12.11 2.61
CA ARG A 49 3.69 -13.25 3.38
C ARG A 49 3.79 -14.46 2.47
N ALA A 50 5.00 -14.73 2.03
CA ALA A 50 5.26 -15.78 1.06
C ALA A 50 5.04 -17.16 1.65
N ARG A 51 4.69 -18.10 0.79
CA ARG A 51 4.39 -19.46 1.21
C ARG A 51 5.63 -20.35 1.18
N GLY A 52 6.68 -19.91 1.88
CA GLY A 52 7.88 -20.72 2.01
C GLY A 52 8.79 -20.67 0.80
N ASP A 53 8.26 -21.08 -0.35
CA ASP A 53 9.02 -21.15 -1.60
C ASP A 53 9.57 -19.78 -1.97
N ASP A 54 8.73 -18.77 -1.84
CA ASP A 54 9.10 -17.41 -2.14
C ASP A 54 9.53 -16.70 -0.85
N MET A 55 10.04 -15.49 -0.97
CA MET A 55 10.53 -14.74 0.18
C MET A 55 9.54 -13.65 0.57
N ASP A 56 9.24 -13.57 1.86
CA ASP A 56 8.30 -12.59 2.38
C ASP A 56 8.85 -11.18 2.22
N ASP A 57 7.98 -10.25 1.83
CA ASP A 57 8.40 -8.89 1.51
C ASP A 57 7.94 -7.92 2.59
N TYR A 58 8.60 -6.78 2.70
CA TYR A 58 8.42 -5.90 3.86
C TYR A 58 8.04 -4.48 3.46
N CYS A 59 7.27 -3.83 4.34
CA CYS A 59 6.84 -2.45 4.15
C CYS A 59 7.77 -1.47 4.86
N ASN A 60 7.81 -0.24 4.36
CA ASN A 60 8.70 0.79 4.92
C ASN A 60 7.96 1.65 5.94
N GLY A 61 6.64 1.55 5.97
CA GLY A 61 5.85 2.23 6.98
C GLY A 61 5.40 3.61 6.56
N ILE A 62 6.11 4.22 5.61
CA ILE A 62 5.75 5.54 5.11
C ILE A 62 5.38 5.47 3.64
N SER A 63 5.24 4.25 3.16
CA SER A 63 4.94 4.03 1.76
C SER A 63 3.72 3.12 1.62
N ALA A 64 2.82 3.51 0.72
CA ALA A 64 1.62 2.74 0.45
C ALA A 64 1.96 1.56 -0.43
N GLY A 65 2.92 1.76 -1.33
CA GLY A 65 3.38 0.70 -2.17
C GLY A 65 4.52 -0.06 -1.53
N CYS A 66 4.57 -1.34 -1.74
CA CYS A 66 5.59 -2.18 -1.12
C CYS A 66 6.83 -2.24 -2.01
N PRO A 67 8.00 -1.93 -1.44
CA PRO A 67 9.27 -2.11 -2.14
C PRO A 67 9.58 -3.58 -2.32
N ARG A 68 10.14 -3.95 -3.46
CA ARG A 68 10.37 -5.35 -3.77
C ARG A 68 11.63 -5.86 -3.09
N ASN A 69 11.47 -6.96 -2.37
CA ASN A 69 12.59 -7.62 -1.72
C ASN A 69 13.63 -8.06 -2.74
N PRO A 70 14.88 -7.59 -2.61
CA PRO A 70 15.96 -7.94 -3.54
C PRO A 70 16.29 -9.43 -3.50
N PHE A 71 15.81 -10.11 -2.47
CA PHE A 71 15.99 -11.54 -2.34
C PHE A 71 14.82 -12.28 -2.97
N HIS A 72 14.73 -12.17 -4.30
CA HIS A 72 13.68 -12.83 -5.08
C HIS A 72 12.32 -12.18 -4.84
N ALA A 73 11.81 -11.50 -5.85
CA ALA A 73 10.53 -10.83 -5.77
C ALA A 73 9.75 -10.99 -7.06
N GLU A 1 -0.86 6.98 -7.11
CA GLU A 1 -1.71 7.40 -5.97
C GLU A 1 -1.89 8.91 -5.97
N ALA A 2 -3.07 9.36 -5.52
CA ALA A 2 -3.39 10.78 -5.40
C ALA A 2 -3.37 11.49 -6.75
N GLY A 3 -3.52 10.72 -7.82
CA GLY A 3 -3.59 11.31 -9.15
C GLY A 3 -4.79 10.80 -9.91
N GLU A 4 -4.55 9.94 -10.89
CA GLU A 4 -5.63 9.28 -11.60
C GLU A 4 -6.36 8.36 -10.65
N GLU A 5 -5.58 7.52 -9.98
CA GLU A 5 -6.10 6.67 -8.92
C GLU A 5 -6.10 7.45 -7.61
N CYS A 6 -6.72 8.63 -7.66
CA CYS A 6 -6.71 9.58 -6.56
C CYS A 6 -7.21 8.94 -5.26
N ASP A 7 -8.49 8.58 -5.24
CA ASP A 7 -9.06 7.90 -4.08
C ASP A 7 -9.28 6.43 -4.38
N CYS A 8 -9.69 6.13 -5.61
CA CYS A 8 -10.04 4.77 -5.98
C CYS A 8 -10.28 4.67 -7.48
N GLY A 9 -9.38 5.25 -8.26
CA GLY A 9 -9.48 5.16 -9.71
C GLY A 9 -9.18 3.76 -10.19
N THR A 10 -8.52 2.98 -9.35
CA THR A 10 -8.18 1.61 -9.65
C THR A 10 -8.66 0.68 -8.53
N PRO A 11 -9.16 -0.50 -8.88
CA PRO A 11 -9.73 -1.46 -7.92
C PRO A 11 -8.68 -2.03 -6.96
N GLY A 12 -7.42 -1.78 -7.25
CA GLY A 12 -6.34 -2.24 -6.40
C GLY A 12 -6.10 -1.31 -5.23
N ASN A 13 -7.00 -0.35 -5.05
CA ASN A 13 -6.93 0.56 -3.90
C ASN A 13 -7.61 -0.07 -2.69
N PRO A 14 -6.82 -0.51 -1.70
CA PRO A 14 -7.38 -1.14 -0.50
C PRO A 14 -7.95 -0.12 0.47
N CYS A 15 -7.58 1.14 0.26
CA CYS A 15 -8.14 2.22 1.04
C CYS A 15 -9.41 2.74 0.39
N CYS A 16 -9.37 2.93 -0.93
CA CYS A 16 -10.53 3.31 -1.75
C CYS A 16 -11.45 4.32 -1.04
N ASP A 17 -10.85 5.24 -0.27
CA ASP A 17 -11.61 6.25 0.44
C ASP A 17 -11.60 7.56 -0.33
N ALA A 18 -12.78 8.12 -0.51
CA ALA A 18 -12.96 9.35 -1.30
C ALA A 18 -12.24 10.54 -0.68
N ALA A 19 -12.01 10.48 0.62
CA ALA A 19 -11.37 11.59 1.32
C ALA A 19 -9.86 11.53 1.17
N THR A 20 -9.38 10.48 0.54
CA THR A 20 -7.95 10.30 0.33
C THR A 20 -7.52 11.02 -0.94
N CYS A 21 -8.49 11.42 -1.74
CA CYS A 21 -8.22 12.24 -2.91
C CYS A 21 -7.98 13.67 -2.48
N LYS A 22 -8.50 14.02 -1.32
CA LYS A 22 -8.34 15.35 -0.76
C LYS A 22 -7.13 15.38 0.15
N LEU A 23 -6.58 16.56 0.38
CA LEU A 23 -5.42 16.71 1.27
C LEU A 23 -5.87 16.77 2.72
N ARG A 24 -6.74 15.83 3.09
CA ARG A 24 -7.24 15.73 4.45
C ARG A 24 -6.27 14.90 5.29
N PRO A 25 -5.90 15.41 6.47
CA PRO A 25 -5.00 14.72 7.39
C PRO A 25 -5.55 13.36 7.82
N GLY A 26 -4.66 12.39 7.94
CA GLY A 26 -5.09 11.06 8.34
C GLY A 26 -5.04 10.08 7.19
N ALA A 27 -5.17 10.60 5.98
CA ALA A 27 -5.06 9.76 4.80
C ALA A 27 -3.63 9.73 4.32
N GLN A 28 -3.03 8.56 4.37
CA GLN A 28 -1.62 8.41 4.04
C GLN A 28 -1.47 7.75 2.68
N CYS A 29 -2.38 6.86 2.34
CA CYS A 29 -2.28 6.10 1.11
C CYS A 29 -3.66 5.77 0.57
N ALA A 30 -3.71 5.43 -0.72
CA ALA A 30 -4.94 5.02 -1.35
C ALA A 30 -4.78 3.63 -1.96
N GLU A 31 -3.63 3.40 -2.58
CA GLU A 31 -3.34 2.13 -3.24
C GLU A 31 -2.06 1.52 -2.70
N GLY A 32 -1.78 0.30 -3.12
CA GLY A 32 -0.53 -0.33 -2.75
C GLY A 32 -0.72 -1.44 -1.73
N LEU A 33 0.17 -2.43 -1.76
CA LEU A 33 0.10 -3.55 -0.83
C LEU A 33 0.57 -3.14 0.56
N CYS A 34 1.20 -1.97 0.64
CA CYS A 34 1.63 -1.42 1.92
C CYS A 34 0.61 -0.44 2.44
N CYS A 35 -0.54 -0.40 1.80
CA CYS A 35 -1.60 0.50 2.20
C CYS A 35 -2.65 -0.25 2.98
N ASP A 36 -2.73 0.03 4.28
CA ASP A 36 -3.71 -0.62 5.13
C ASP A 36 -4.62 0.41 5.77
N GLN A 37 -5.89 0.40 5.34
CA GLN A 37 -6.89 1.34 5.83
C GLN A 37 -6.44 2.79 5.64
N CYS A 38 -5.90 3.08 4.46
CA CYS A 38 -5.46 4.44 4.11
C CYS A 38 -4.26 4.86 4.97
N ARG A 39 -3.65 3.90 5.64
CA ARG A 39 -2.48 4.16 6.48
C ARG A 39 -1.31 3.33 5.98
N PHE A 40 -0.10 3.79 6.25
CA PHE A 40 1.09 3.06 5.86
C PHE A 40 1.26 1.82 6.74
N MET A 41 1.35 0.67 6.10
CA MET A 41 1.54 -0.60 6.79
C MET A 41 2.81 -0.57 7.62
N LYS A 42 2.64 -0.75 8.93
CA LYS A 42 3.74 -0.65 9.88
C LYS A 42 4.90 -1.59 9.52
N GLU A 43 6.11 -1.06 9.66
CA GLU A 43 7.32 -1.77 9.29
C GLU A 43 7.46 -3.08 10.05
N GLY A 44 7.81 -4.13 9.35
CA GLY A 44 7.89 -5.45 9.96
C GLY A 44 6.73 -6.32 9.56
N THR A 45 5.72 -5.70 8.97
CA THR A 45 4.59 -6.44 8.43
C THR A 45 4.83 -6.72 6.96
N VAL A 46 4.50 -7.92 6.52
CA VAL A 46 4.71 -8.29 5.13
C VAL A 46 3.64 -7.69 4.23
N CYS A 47 4.08 -6.92 3.25
CA CYS A 47 3.19 -6.40 2.22
C CYS A 47 3.03 -7.45 1.14
N ARG A 48 4.02 -8.33 1.07
CA ARG A 48 3.98 -9.48 0.19
C ARG A 48 3.98 -10.74 1.05
N ARG A 49 2.90 -11.49 0.99
CA ARG A 49 2.76 -12.68 1.81
C ARG A 49 3.30 -13.89 1.06
N ALA A 50 4.39 -14.46 1.57
CA ALA A 50 5.02 -15.61 0.94
C ALA A 50 4.12 -16.84 1.04
N ARG A 51 4.23 -17.70 0.05
CA ARG A 51 3.44 -18.92 0.02
C ARG A 51 4.30 -20.08 -0.42
N GLY A 52 5.54 -20.10 0.08
CA GLY A 52 6.47 -21.15 -0.29
C GLY A 52 7.12 -20.89 -1.63
N ASP A 53 6.30 -20.89 -2.67
CA ASP A 53 6.77 -20.59 -4.03
C ASP A 53 7.15 -19.12 -4.13
N ASP A 54 6.25 -18.27 -3.67
CA ASP A 54 6.48 -16.83 -3.68
C ASP A 54 7.13 -16.38 -2.38
N MET A 55 8.01 -15.40 -2.47
CA MET A 55 8.76 -14.90 -1.32
C MET A 55 8.05 -13.72 -0.67
N ASP A 56 8.27 -13.54 0.61
CA ASP A 56 7.62 -12.47 1.37
C ASP A 56 8.49 -11.22 1.40
N ASP A 57 7.85 -10.07 1.57
CA ASP A 57 8.55 -8.80 1.67
C ASP A 57 7.99 -7.99 2.82
N TYR A 58 8.87 -7.45 3.64
CA TYR A 58 8.47 -6.65 4.79
C TYR A 58 8.34 -5.18 4.40
N CYS A 59 7.24 -4.58 4.82
CA CYS A 59 6.97 -3.19 4.51
C CYS A 59 7.82 -2.28 5.38
N ASN A 60 8.07 -1.07 4.88
CA ASN A 60 8.99 -0.14 5.55
C ASN A 60 8.24 0.84 6.46
N GLY A 61 6.94 0.68 6.58
CA GLY A 61 6.17 1.47 7.54
C GLY A 61 5.84 2.87 7.05
N ILE A 62 6.62 3.38 6.12
CA ILE A 62 6.42 4.72 5.60
C ILE A 62 6.18 4.68 4.09
N SER A 63 5.72 3.54 3.61
CA SER A 63 5.51 3.33 2.20
C SER A 63 4.11 2.79 1.94
N ALA A 64 3.52 3.20 0.83
CA ALA A 64 2.21 2.69 0.40
C ALA A 64 2.42 1.54 -0.57
N GLY A 65 3.54 1.57 -1.27
CA GLY A 65 3.89 0.49 -2.16
C GLY A 65 4.76 -0.53 -1.47
N CYS A 66 4.70 -1.76 -1.93
CA CYS A 66 5.45 -2.84 -1.29
C CYS A 66 6.90 -2.85 -1.76
N PRO A 67 7.84 -2.56 -0.86
CA PRO A 67 9.27 -2.58 -1.17
C PRO A 67 9.84 -3.98 -1.10
N ARG A 68 10.93 -4.21 -1.80
CA ARG A 68 11.59 -5.51 -1.76
C ARG A 68 12.42 -5.63 -0.49
N ASN A 69 12.26 -6.75 0.19
CA ASN A 69 13.01 -6.99 1.42
C ASN A 69 14.48 -7.24 1.07
N PRO A 70 15.39 -6.42 1.62
CA PRO A 70 16.83 -6.45 1.29
C PRO A 70 17.46 -7.83 1.47
N PHE A 71 16.83 -8.67 2.29
CA PHE A 71 17.33 -10.01 2.55
C PHE A 71 17.26 -10.89 1.30
N HIS A 72 16.56 -10.42 0.27
CA HIS A 72 16.53 -11.14 -1.01
C HIS A 72 16.35 -10.15 -2.15
N ALA A 73 16.89 -8.95 -1.99
CA ALA A 73 16.78 -7.91 -2.99
C ALA A 73 17.78 -8.14 -4.11
N GLU A 1 -6.95 8.65 -14.01
CA GLU A 1 -6.76 8.29 -12.59
C GLU A 1 -6.70 6.77 -12.44
N ALA A 2 -6.83 6.28 -11.21
CA ALA A 2 -6.80 4.85 -10.95
C ALA A 2 -8.07 4.18 -11.48
N GLY A 3 -7.99 3.68 -12.69
CA GLY A 3 -9.14 3.02 -13.30
C GLY A 3 -10.18 4.01 -13.76
N GLU A 4 -11.08 4.39 -12.86
CA GLU A 4 -12.13 5.35 -13.17
C GLU A 4 -12.15 6.49 -12.16
N GLU A 5 -11.65 6.22 -10.97
CA GLU A 5 -11.70 7.18 -9.87
C GLU A 5 -10.40 7.15 -9.08
N CYS A 6 -9.95 8.33 -8.67
CA CYS A 6 -8.68 8.47 -7.97
C CYS A 6 -8.74 7.92 -6.55
N ASP A 7 -9.95 7.78 -6.02
CA ASP A 7 -10.11 7.32 -4.65
C ASP A 7 -10.47 5.83 -4.59
N CYS A 8 -11.26 5.36 -5.54
CA CYS A 8 -11.70 3.97 -5.51
C CYS A 8 -12.12 3.49 -6.91
N GLY A 9 -11.27 3.75 -7.89
CA GLY A 9 -11.56 3.30 -9.24
C GLY A 9 -11.25 1.83 -9.43
N THR A 10 -10.01 1.45 -9.11
CA THR A 10 -9.59 0.07 -9.20
C THR A 10 -10.04 -0.73 -7.98
N PRO A 11 -10.51 -1.98 -8.19
CA PRO A 11 -11.02 -2.83 -7.11
C PRO A 11 -9.92 -3.42 -6.24
N GLY A 12 -9.02 -2.55 -5.78
CA GLY A 12 -7.95 -2.98 -4.91
C GLY A 12 -7.46 -1.84 -4.04
N ASN A 13 -8.33 -0.87 -3.82
CA ASN A 13 -7.99 0.29 -3.01
C ASN A 13 -8.61 0.17 -1.63
N PRO A 14 -7.77 0.09 -0.59
CA PRO A 14 -8.22 -0.17 0.78
C PRO A 14 -8.89 1.03 1.44
N CYS A 15 -8.69 2.22 0.91
CA CYS A 15 -9.24 3.42 1.54
C CYS A 15 -10.52 3.88 0.85
N CYS A 16 -10.49 3.89 -0.48
CA CYS A 16 -11.62 4.34 -1.32
C CYS A 16 -12.23 5.67 -0.88
N ASP A 17 -11.51 6.44 -0.07
CA ASP A 17 -12.03 7.71 0.42
C ASP A 17 -11.53 8.86 -0.44
N ALA A 18 -12.44 9.78 -0.74
CA ALA A 18 -12.13 10.92 -1.60
C ALA A 18 -11.17 11.89 -0.91
N ALA A 19 -11.10 11.80 0.42
CA ALA A 19 -10.23 12.68 1.19
C ALA A 19 -8.77 12.36 0.91
N THR A 20 -8.52 11.17 0.42
CA THR A 20 -7.16 10.75 0.10
C THR A 20 -6.79 11.16 -1.32
N CYS A 21 -7.80 11.38 -2.16
CA CYS A 21 -7.57 11.90 -3.49
C CYS A 21 -7.29 13.40 -3.41
N LYS A 22 -7.97 14.05 -2.47
CA LYS A 22 -7.72 15.45 -2.18
C LYS A 22 -6.62 15.55 -1.13
N LEU A 23 -6.21 16.78 -0.82
CA LEU A 23 -5.13 17.00 0.13
C LEU A 23 -5.66 17.13 1.54
N ARG A 24 -6.55 16.22 1.92
CA ARG A 24 -7.13 16.22 3.25
C ARG A 24 -6.23 15.49 4.24
N PRO A 25 -5.81 16.16 5.33
CA PRO A 25 -5.00 15.54 6.37
C PRO A 25 -5.75 14.41 7.08
N GLY A 26 -5.01 13.38 7.48
CA GLY A 26 -5.61 12.23 8.11
C GLY A 26 -5.61 11.03 7.18
N ALA A 27 -5.72 11.30 5.89
CA ALA A 27 -5.63 10.23 4.90
C ALA A 27 -4.21 10.13 4.39
N GLN A 28 -3.59 8.99 4.64
CA GLN A 28 -2.20 8.81 4.29
C GLN A 28 -2.04 8.06 2.98
N CYS A 29 -2.95 7.15 2.71
CA CYS A 29 -2.86 6.31 1.53
C CYS A 29 -4.23 5.85 1.07
N ALA A 30 -4.33 5.43 -0.19
CA ALA A 30 -5.58 4.89 -0.69
C ALA A 30 -5.32 3.72 -1.62
N GLU A 31 -4.08 3.30 -1.71
CA GLU A 31 -3.68 2.28 -2.68
C GLU A 31 -2.53 1.43 -2.12
N GLY A 32 -2.25 0.32 -2.78
CA GLY A 32 -1.12 -0.50 -2.40
C GLY A 32 -1.47 -1.51 -1.32
N LEU A 33 -0.60 -2.51 -1.17
CA LEU A 33 -0.82 -3.55 -0.18
C LEU A 33 -0.31 -3.12 1.19
N CYS A 34 0.37 -1.97 1.23
CA CYS A 34 0.89 -1.42 2.47
C CYS A 34 -0.08 -0.40 3.04
N CYS A 35 -1.28 -0.36 2.50
CA CYS A 35 -2.26 0.60 2.95
C CYS A 35 -3.40 -0.10 3.66
N ASP A 36 -3.72 0.38 4.86
CA ASP A 36 -4.78 -0.20 5.65
C ASP A 36 -5.62 0.90 6.28
N GLN A 37 -6.88 0.99 5.86
CA GLN A 37 -7.82 1.98 6.38
C GLN A 37 -7.25 3.39 6.23
N CYS A 38 -6.70 3.66 5.04
CA CYS A 38 -6.17 4.98 4.69
C CYS A 38 -4.90 5.31 5.48
N ARG A 39 -4.34 4.31 6.15
CA ARG A 39 -3.12 4.48 6.92
C ARG A 39 -2.06 3.48 6.47
N PHE A 40 -0.79 3.87 6.60
CA PHE A 40 0.31 3.00 6.20
C PHE A 40 0.46 1.84 7.17
N MET A 41 0.52 0.63 6.63
CA MET A 41 0.74 -0.56 7.43
C MET A 41 2.10 -0.51 8.09
N LYS A 42 2.15 -0.84 9.37
CA LYS A 42 3.39 -0.78 10.14
C LYS A 42 4.43 -1.74 9.56
N GLU A 43 5.70 -1.39 9.75
CA GLU A 43 6.82 -2.22 9.33
C GLU A 43 6.68 -3.64 9.89
N GLY A 44 7.01 -4.61 9.05
CA GLY A 44 6.94 -6.00 9.48
C GLY A 44 5.76 -6.73 8.88
N THR A 45 4.79 -5.96 8.38
CA THR A 45 3.63 -6.55 7.72
C THR A 45 4.04 -7.20 6.41
N VAL A 46 3.77 -8.48 6.28
CA VAL A 46 4.18 -9.22 5.09
C VAL A 46 3.15 -9.08 3.97
N CYS A 47 3.62 -8.66 2.81
CA CYS A 47 2.75 -8.47 1.66
C CYS A 47 2.72 -9.74 0.81
N ARG A 48 3.81 -10.48 0.84
CA ARG A 48 3.92 -11.70 0.05
C ARG A 48 4.83 -12.68 0.78
N ARG A 49 4.29 -13.85 1.09
CA ARG A 49 5.07 -14.90 1.74
C ARG A 49 5.82 -15.72 0.68
N ALA A 50 7.05 -16.10 1.00
CA ALA A 50 7.90 -16.81 0.05
C ALA A 50 7.67 -18.30 0.11
N ARG A 51 8.15 -18.99 -0.91
CA ARG A 51 8.04 -20.44 -0.99
C ARG A 51 9.01 -20.97 -2.05
N GLY A 52 10.21 -20.43 -2.05
CA GLY A 52 11.20 -20.82 -3.05
C GLY A 52 11.02 -20.04 -4.33
N ASP A 53 9.86 -20.20 -4.95
CA ASP A 53 9.52 -19.45 -6.15
C ASP A 53 9.30 -17.99 -5.81
N ASP A 54 8.40 -17.76 -4.87
CA ASP A 54 8.06 -16.41 -4.44
C ASP A 54 9.04 -15.93 -3.39
N MET A 55 9.04 -14.62 -3.17
CA MET A 55 9.92 -14.01 -2.18
C MET A 55 9.09 -13.37 -1.08
N ASP A 56 9.71 -13.21 0.08
CA ASP A 56 9.03 -12.62 1.23
C ASP A 56 9.16 -11.10 1.21
N ASP A 57 8.08 -10.43 0.85
CA ASP A 57 8.05 -8.99 0.84
C ASP A 57 7.49 -8.48 2.17
N TYR A 58 8.28 -7.68 2.87
CA TYR A 58 7.84 -7.10 4.13
C TYR A 58 7.71 -5.59 4.00
N CYS A 59 6.58 -5.08 4.46
CA CYS A 59 6.31 -3.65 4.39
C CYS A 59 7.19 -2.91 5.39
N ASN A 60 7.71 -1.76 4.97
CA ASN A 60 8.58 -0.96 5.81
C ASN A 60 7.81 0.14 6.52
N GLY A 61 6.51 0.19 6.27
CA GLY A 61 5.65 1.16 6.93
C GLY A 61 5.95 2.59 6.55
N ILE A 62 6.48 2.78 5.34
CA ILE A 62 6.88 4.09 4.88
C ILE A 62 6.33 4.38 3.49
N SER A 63 5.35 3.59 3.09
CA SER A 63 4.81 3.67 1.75
C SER A 63 3.46 2.98 1.68
N ALA A 64 2.64 3.39 0.72
CA ALA A 64 1.34 2.76 0.48
C ALA A 64 1.53 1.49 -0.33
N GLY A 65 2.57 1.49 -1.14
CA GLY A 65 2.92 0.31 -1.90
C GLY A 65 3.95 -0.51 -1.17
N CYS A 66 3.93 -1.82 -1.39
CA CYS A 66 4.87 -2.71 -0.72
C CYS A 66 6.24 -2.65 -1.38
N PRO A 67 7.27 -2.29 -0.62
CA PRO A 67 8.64 -2.16 -1.13
C PRO A 67 9.19 -3.49 -1.64
N ARG A 68 9.86 -3.42 -2.78
CA ARG A 68 10.44 -4.60 -3.41
C ARG A 68 11.60 -5.16 -2.58
N ASN A 69 11.62 -6.48 -2.41
CA ASN A 69 12.74 -7.12 -1.75
C ASN A 69 13.99 -7.04 -2.64
N PRO A 70 15.09 -6.50 -2.09
CA PRO A 70 16.33 -6.31 -2.84
C PRO A 70 17.14 -7.60 -2.97
N PHE A 71 16.63 -8.67 -2.38
CA PHE A 71 17.33 -9.96 -2.38
C PHE A 71 17.26 -10.60 -3.77
N HIS A 72 16.06 -10.72 -4.30
CA HIS A 72 15.87 -11.28 -5.63
C HIS A 72 15.43 -10.19 -6.61
N ALA A 73 16.26 -9.18 -6.76
CA ALA A 73 15.94 -8.06 -7.63
C ALA A 73 17.13 -7.70 -8.50
N GLU A 1 1.10 9.22 -8.07
CA GLU A 1 0.30 9.41 -9.30
C GLU A 1 -0.84 10.39 -9.05
N ALA A 2 -1.26 11.09 -10.10
CA ALA A 2 -2.33 12.06 -9.99
C ALA A 2 -3.38 11.79 -11.06
N GLY A 3 -4.65 11.94 -10.71
CA GLY A 3 -5.72 11.71 -11.67
C GLY A 3 -6.06 10.25 -11.80
N GLU A 4 -5.06 9.41 -12.02
CA GLU A 4 -5.28 7.98 -12.17
C GLU A 4 -5.28 7.29 -10.81
N GLU A 5 -4.10 7.07 -10.27
CA GLU A 5 -3.96 6.40 -9.00
C GLU A 5 -3.56 7.38 -7.91
N CYS A 6 -4.52 8.15 -7.45
CA CYS A 6 -4.28 9.08 -6.36
C CYS A 6 -5.09 8.67 -5.13
N ASP A 7 -6.39 8.56 -5.31
CA ASP A 7 -7.27 8.10 -4.23
C ASP A 7 -7.73 6.67 -4.50
N CYS A 8 -7.97 6.36 -5.77
CA CYS A 8 -8.46 5.04 -6.16
C CYS A 8 -8.80 5.02 -7.64
N GLY A 9 -7.85 4.59 -8.46
CA GLY A 9 -8.12 4.44 -9.87
C GLY A 9 -8.43 3.00 -10.23
N THR A 10 -7.49 2.12 -9.94
CA THR A 10 -7.65 0.70 -10.19
C THR A 10 -8.65 0.08 -9.21
N PRO A 11 -9.51 -0.83 -9.69
CA PRO A 11 -10.52 -1.50 -8.85
C PRO A 11 -9.92 -2.58 -7.97
N GLY A 12 -8.93 -2.22 -7.17
CA GLY A 12 -8.30 -3.16 -6.28
C GLY A 12 -7.51 -2.47 -5.20
N ASN A 13 -8.05 -1.35 -4.72
CA ASN A 13 -7.37 -0.56 -3.71
C ASN A 13 -8.12 -0.63 -2.39
N PRO A 14 -7.40 -0.89 -1.28
CA PRO A 14 -8.00 -1.19 0.03
C PRO A 14 -9.01 -0.14 0.50
N CYS A 15 -8.53 1.04 0.87
CA CYS A 15 -9.40 2.09 1.39
C CYS A 15 -10.24 2.69 0.27
N CYS A 16 -9.60 2.89 -0.89
CA CYS A 16 -10.24 3.44 -2.08
C CYS A 16 -11.02 4.73 -1.79
N ASP A 17 -10.57 5.47 -0.79
CA ASP A 17 -11.28 6.67 -0.35
C ASP A 17 -10.69 7.92 -1.01
N ALA A 18 -11.58 8.81 -1.41
CA ALA A 18 -11.19 10.05 -2.08
C ALA A 18 -10.41 10.97 -1.14
N ALA A 19 -10.60 10.78 0.16
CA ALA A 19 -9.99 11.63 1.16
C ALA A 19 -8.47 11.43 1.24
N THR A 20 -7.98 10.40 0.56
CA THR A 20 -6.55 10.09 0.62
C THR A 20 -5.79 10.90 -0.43
N CYS A 21 -6.51 11.39 -1.43
CA CYS A 21 -5.92 12.28 -2.42
C CYS A 21 -6.22 13.71 -2.04
N LYS A 22 -6.93 13.86 -0.93
CA LYS A 22 -7.31 15.18 -0.43
C LYS A 22 -6.58 15.45 0.88
N LEU A 23 -6.61 16.69 1.31
CA LEU A 23 -5.93 17.09 2.55
C LEU A 23 -6.81 16.85 3.77
N ARG A 24 -7.64 15.81 3.71
CA ARG A 24 -8.51 15.47 4.82
C ARG A 24 -7.76 14.62 5.85
N PRO A 25 -7.72 15.07 7.11
CA PRO A 25 -7.01 14.37 8.17
C PRO A 25 -7.61 12.98 8.47
N GLY A 26 -6.75 12.00 8.66
CA GLY A 26 -7.20 10.67 8.96
C GLY A 26 -7.03 9.71 7.79
N ALA A 27 -6.87 10.28 6.60
CA ALA A 27 -6.65 9.47 5.42
C ALA A 27 -5.23 9.66 4.90
N GLN A 28 -4.47 8.58 4.92
CA GLN A 28 -3.06 8.64 4.51
C GLN A 28 -2.90 8.11 3.09
N CYS A 29 -3.45 6.93 2.85
CA CYS A 29 -3.33 6.27 1.56
C CYS A 29 -4.49 5.31 1.36
N ALA A 30 -4.77 4.96 0.13
CA ALA A 30 -5.90 4.09 -0.16
C ALA A 30 -5.53 3.02 -1.17
N GLU A 31 -4.26 2.91 -1.48
CA GLU A 31 -3.81 2.01 -2.53
C GLU A 31 -2.68 1.11 -2.02
N GLY A 32 -2.42 0.03 -2.75
CA GLY A 32 -1.29 -0.81 -2.44
C GLY A 32 -1.55 -1.80 -1.34
N LEU A 33 -0.65 -2.76 -1.19
CA LEU A 33 -0.77 -3.77 -0.14
C LEU A 33 -0.21 -3.25 1.18
N CYS A 34 0.55 -2.15 1.12
CA CYS A 34 1.18 -1.59 2.30
C CYS A 34 0.33 -0.50 2.93
N CYS A 35 -0.95 -0.51 2.61
CA CYS A 35 -1.87 0.44 3.20
C CYS A 35 -3.15 -0.25 3.63
N ASP A 36 -3.46 -0.15 4.91
CA ASP A 36 -4.66 -0.74 5.45
C ASP A 36 -5.29 0.23 6.45
N GLN A 37 -6.61 0.27 6.46
CA GLN A 37 -7.35 1.23 7.28
C GLN A 37 -7.03 2.64 6.83
N CYS A 38 -6.71 2.78 5.55
CA CYS A 38 -6.37 4.06 4.93
C CYS A 38 -5.08 4.61 5.54
N ARG A 39 -4.23 3.72 6.05
CA ARG A 39 -2.99 4.10 6.72
C ARG A 39 -1.81 3.31 6.14
N PHE A 40 -0.64 3.91 6.20
CA PHE A 40 0.60 3.26 5.74
C PHE A 40 1.05 2.21 6.74
N MET A 41 1.25 0.99 6.26
CA MET A 41 1.71 -0.10 7.11
C MET A 41 3.13 0.17 7.61
N LYS A 42 3.39 -0.26 8.84
CA LYS A 42 4.67 -0.04 9.47
C LYS A 42 5.78 -0.79 8.73
N GLU A 43 6.96 -0.18 8.71
CA GLU A 43 8.12 -0.80 8.11
C GLU A 43 8.39 -2.16 8.76
N GLY A 44 8.49 -3.19 7.93
CA GLY A 44 8.70 -4.53 8.42
C GLY A 44 7.45 -5.39 8.30
N THR A 45 6.31 -4.75 8.07
CA THR A 45 5.06 -5.47 7.87
C THR A 45 5.06 -6.18 6.53
N VAL A 46 4.68 -7.45 6.53
CA VAL A 46 4.69 -8.25 5.31
C VAL A 46 3.53 -7.88 4.41
N CYS A 47 3.85 -7.31 3.26
CA CYS A 47 2.83 -6.95 2.28
C CYS A 47 2.60 -8.08 1.30
N ARG A 48 3.67 -8.60 0.73
CA ARG A 48 3.58 -9.74 -0.17
C ARG A 48 3.66 -11.01 0.66
N ARG A 49 2.52 -11.69 0.80
CA ARG A 49 2.47 -12.90 1.59
C ARG A 49 3.04 -14.06 0.79
N ALA A 50 4.00 -14.74 1.38
CA ALA A 50 4.66 -15.85 0.72
C ALA A 50 3.75 -17.07 0.69
N ARG A 51 3.84 -17.82 -0.40
CA ARG A 51 2.99 -18.99 -0.59
C ARG A 51 3.70 -20.01 -1.47
N GLY A 52 5.02 -19.94 -1.49
CA GLY A 52 5.80 -20.83 -2.33
C GLY A 52 6.48 -20.08 -3.45
N ASP A 53 5.69 -19.73 -4.47
CA ASP A 53 6.21 -18.98 -5.61
C ASP A 53 6.57 -17.56 -5.19
N ASP A 54 5.70 -16.97 -4.38
CA ASP A 54 5.90 -15.61 -3.89
C ASP A 54 6.69 -15.64 -2.59
N MET A 55 7.50 -14.62 -2.38
CA MET A 55 8.29 -14.49 -1.17
C MET A 55 7.75 -13.35 -0.31
N ASP A 56 7.96 -13.46 1.00
CA ASP A 56 7.48 -12.47 1.94
C ASP A 56 8.26 -11.15 1.82
N ASP A 57 7.57 -10.13 1.34
CA ASP A 57 8.15 -8.79 1.25
C ASP A 57 7.69 -7.92 2.41
N TYR A 58 8.57 -7.05 2.86
CA TYR A 58 8.27 -6.17 3.98
C TYR A 58 8.07 -4.75 3.49
N CYS A 59 7.05 -4.09 4.02
CA CYS A 59 6.77 -2.71 3.68
C CYS A 59 7.85 -1.79 4.22
N ASN A 60 8.14 -0.74 3.47
CA ASN A 60 9.14 0.25 3.85
C ASN A 60 8.54 1.26 4.83
N GLY A 61 7.22 1.18 4.99
CA GLY A 61 6.56 1.96 6.02
C GLY A 61 6.09 3.32 5.56
N ILE A 62 6.67 3.83 4.47
CA ILE A 62 6.35 5.16 4.01
C ILE A 62 5.72 5.16 2.62
N SER A 63 5.52 3.97 2.08
CA SER A 63 4.94 3.83 0.75
C SER A 63 3.74 2.90 0.79
N ALA A 64 2.78 3.17 -0.08
CA ALA A 64 1.54 2.44 -0.13
C ALA A 64 1.70 1.14 -0.89
N GLY A 65 2.61 1.14 -1.85
CA GLY A 65 2.87 -0.03 -2.65
C GLY A 65 3.81 -0.97 -1.95
N CYS A 66 3.62 -2.26 -2.16
CA CYS A 66 4.48 -3.27 -1.57
C CYS A 66 5.83 -3.29 -2.28
N PRO A 67 6.90 -2.91 -1.58
CA PRO A 67 8.23 -2.86 -2.15
C PRO A 67 8.81 -4.25 -2.34
N ARG A 68 9.26 -4.55 -3.54
CA ARG A 68 9.93 -5.80 -3.79
C ARG A 68 11.36 -5.70 -3.26
N ASN A 69 11.59 -6.34 -2.14
CA ASN A 69 12.84 -6.19 -1.41
C ASN A 69 13.99 -6.88 -2.13
N PRO A 70 15.19 -6.28 -2.07
CA PRO A 70 16.38 -6.73 -2.83
C PRO A 70 16.82 -8.14 -2.47
N PHE A 71 16.21 -8.72 -1.45
CA PHE A 71 16.48 -10.10 -1.06
C PHE A 71 16.16 -11.06 -2.19
N HIS A 72 15.23 -10.63 -3.06
CA HIS A 72 14.82 -11.45 -4.19
C HIS A 72 14.50 -10.57 -5.40
N ALA A 73 15.34 -9.56 -5.62
CA ALA A 73 15.12 -8.61 -6.71
C ALA A 73 16.44 -8.24 -7.37
N GLU A 1 -1.21 8.00 -5.99
CA GLU A 1 -2.19 7.84 -7.09
C GLU A 1 -3.07 9.06 -7.19
N ALA A 2 -3.17 9.63 -8.39
CA ALA A 2 -3.99 10.80 -8.61
C ALA A 2 -4.49 10.85 -10.05
N GLY A 3 -5.30 11.84 -10.36
CA GLY A 3 -5.81 12.00 -11.71
C GLY A 3 -6.68 10.84 -12.15
N GLU A 4 -6.07 9.92 -12.89
CA GLU A 4 -6.76 8.74 -13.37
C GLU A 4 -7.11 7.81 -12.21
N GLU A 5 -6.25 7.81 -11.21
CA GLU A 5 -6.43 6.96 -10.04
C GLU A 5 -6.53 7.81 -8.79
N CYS A 6 -7.46 8.75 -8.80
CA CYS A 6 -7.55 9.74 -7.74
C CYS A 6 -8.07 9.12 -6.44
N ASP A 7 -9.10 8.30 -6.52
CA ASP A 7 -9.66 7.67 -5.35
C ASP A 7 -8.85 6.43 -4.96
N CYS A 8 -8.36 5.72 -5.98
CA CYS A 8 -7.47 4.58 -5.77
C CYS A 8 -7.05 4.00 -7.11
N GLY A 9 -8.00 3.89 -8.03
CA GLY A 9 -7.70 3.36 -9.34
C GLY A 9 -7.87 1.86 -9.42
N THR A 10 -6.80 1.11 -9.17
CA THR A 10 -6.81 -0.33 -9.34
C THR A 10 -7.37 -1.05 -8.12
N PRO A 11 -8.19 -2.09 -8.36
CA PRO A 11 -8.69 -2.97 -7.30
C PRO A 11 -7.53 -3.61 -6.54
N GLY A 12 -7.48 -3.37 -5.25
CA GLY A 12 -6.37 -3.81 -4.44
C GLY A 12 -5.85 -2.69 -3.58
N ASN A 13 -6.10 -1.47 -4.02
CA ASN A 13 -5.76 -0.30 -3.24
C ASN A 13 -6.81 -0.08 -2.14
N PRO A 14 -6.42 -0.33 -0.89
CA PRO A 14 -7.35 -0.56 0.23
C PRO A 14 -8.29 0.59 0.55
N CYS A 15 -7.74 1.70 1.05
CA CYS A 15 -8.55 2.80 1.56
C CYS A 15 -9.54 3.31 0.51
N CYS A 16 -9.05 3.46 -0.72
CA CYS A 16 -9.84 3.92 -1.87
C CYS A 16 -11.02 4.81 -1.47
N ASP A 17 -10.71 5.89 -0.77
CA ASP A 17 -11.75 6.79 -0.26
C ASP A 17 -11.94 7.95 -1.22
N ALA A 18 -13.12 8.55 -1.19
CA ALA A 18 -13.36 9.76 -1.94
C ALA A 18 -12.53 10.90 -1.39
N ALA A 19 -12.19 10.79 -0.11
CA ALA A 19 -11.41 11.81 0.57
C ALA A 19 -9.92 11.68 0.26
N THR A 20 -9.51 10.52 -0.24
CA THR A 20 -8.11 10.31 -0.58
C THR A 20 -7.83 10.76 -2.00
N CYS A 21 -8.89 11.22 -2.68
CA CYS A 21 -8.76 11.93 -3.94
C CYS A 21 -8.46 13.40 -3.62
N LYS A 22 -8.49 13.70 -2.33
CA LYS A 22 -8.28 15.03 -1.82
C LYS A 22 -7.19 14.98 -0.74
N LEU A 23 -6.83 16.13 -0.20
CA LEU A 23 -5.81 16.17 0.86
C LEU A 23 -6.47 16.06 2.23
N ARG A 24 -7.15 14.96 2.47
CA ARG A 24 -7.84 14.73 3.74
C ARG A 24 -6.85 14.31 4.82
N PRO A 25 -6.79 15.06 5.93
CA PRO A 25 -5.98 14.69 7.09
C PRO A 25 -6.48 13.38 7.70
N GLY A 26 -5.55 12.53 8.10
CA GLY A 26 -5.91 11.24 8.65
C GLY A 26 -5.66 10.12 7.67
N ALA A 27 -5.66 10.48 6.40
CA ALA A 27 -5.36 9.52 5.35
C ALA A 27 -3.98 9.79 4.78
N GLN A 28 -3.12 8.79 4.86
CA GLN A 28 -1.75 8.92 4.39
C GLN A 28 -1.54 8.11 3.12
N CYS A 29 -2.49 7.23 2.83
CA CYS A 29 -2.39 6.39 1.65
C CYS A 29 -3.76 5.88 1.23
N ALA A 30 -3.88 5.59 -0.05
CA ALA A 30 -5.06 4.94 -0.59
C ALA A 30 -4.64 3.95 -1.65
N GLU A 31 -3.42 3.47 -1.51
CA GLU A 31 -2.77 2.71 -2.55
C GLU A 31 -1.80 1.71 -1.96
N GLY A 32 -1.61 0.60 -2.67
CA GLY A 32 -0.59 -0.36 -2.28
C GLY A 32 -1.07 -1.36 -1.25
N LEU A 33 -0.33 -2.45 -1.13
CA LEU A 33 -0.67 -3.50 -0.18
C LEU A 33 -0.05 -3.22 1.18
N CYS A 34 0.65 -2.09 1.29
CA CYS A 34 1.24 -1.67 2.54
C CYS A 34 0.44 -0.53 3.14
N CYS A 35 -0.83 -0.45 2.75
CA CYS A 35 -1.71 0.57 3.25
C CYS A 35 -2.86 -0.06 4.01
N ASP A 36 -3.08 0.41 5.23
CA ASP A 36 -4.14 -0.09 6.09
C ASP A 36 -4.76 1.05 6.85
N GLN A 37 -6.10 1.08 6.92
CA GLN A 37 -6.87 2.17 7.52
C GLN A 37 -6.39 3.53 7.00
N CYS A 38 -6.07 3.55 5.71
CA CYS A 38 -5.58 4.74 5.03
C CYS A 38 -4.27 5.23 5.68
N ARG A 39 -3.54 4.30 6.28
CA ARG A 39 -2.28 4.60 6.95
C ARG A 39 -1.21 3.62 6.49
N PHE A 40 0.05 4.01 6.63
CA PHE A 40 1.17 3.17 6.23
C PHE A 40 1.34 1.99 7.19
N MET A 41 1.38 0.79 6.64
CA MET A 41 1.62 -0.41 7.43
C MET A 41 2.99 -0.37 8.06
N LYS A 42 3.05 -0.61 9.36
CA LYS A 42 4.29 -0.59 10.12
C LYS A 42 5.30 -1.58 9.54
N GLU A 43 6.57 -1.24 9.66
CA GLU A 43 7.64 -2.05 9.11
C GLU A 43 7.65 -3.44 9.73
N GLY A 44 7.90 -4.44 8.90
CA GLY A 44 7.85 -5.81 9.37
C GLY A 44 6.61 -6.50 8.86
N THR A 45 5.62 -5.70 8.46
CA THR A 45 4.40 -6.23 7.90
C THR A 45 4.65 -6.70 6.47
N VAL A 46 4.32 -7.94 6.18
CA VAL A 46 4.50 -8.46 4.84
C VAL A 46 3.37 -8.02 3.93
N CYS A 47 3.73 -7.32 2.87
CA CYS A 47 2.76 -6.95 1.84
C CYS A 47 2.57 -8.10 0.89
N ARG A 48 3.58 -8.95 0.81
CA ARG A 48 3.51 -10.18 0.05
C ARG A 48 3.90 -11.33 0.97
N ARG A 49 2.98 -12.26 1.16
CA ARG A 49 3.21 -13.38 2.05
C ARG A 49 3.91 -14.51 1.32
N ALA A 50 4.95 -15.04 1.93
CA ALA A 50 5.71 -16.14 1.34
C ALA A 50 5.00 -17.46 1.54
N ARG A 51 4.99 -18.27 0.49
CA ARG A 51 4.37 -19.60 0.55
C ARG A 51 5.15 -20.57 -0.32
N GLY A 52 6.44 -20.30 -0.48
CA GLY A 52 7.26 -21.11 -1.34
C GLY A 52 7.66 -20.36 -2.61
N ASP A 53 6.79 -20.39 -3.60
CA ASP A 53 7.03 -19.68 -4.85
C ASP A 53 6.98 -18.17 -4.66
N ASP A 54 6.14 -17.75 -3.73
CA ASP A 54 6.03 -16.34 -3.40
C ASP A 54 6.95 -16.02 -2.22
N MET A 55 7.62 -14.89 -2.30
CA MET A 55 8.55 -14.48 -1.25
C MET A 55 7.89 -13.46 -0.34
N ASP A 56 8.46 -13.30 0.85
CA ASP A 56 7.92 -12.39 1.85
C ASP A 56 8.61 -11.02 1.77
N ASP A 57 7.83 -10.00 1.48
CA ASP A 57 8.33 -8.64 1.39
C ASP A 57 7.77 -7.79 2.52
N TYR A 58 8.65 -7.06 3.20
CA TYR A 58 8.26 -6.28 4.36
C TYR A 58 8.05 -4.82 3.98
N CYS A 59 6.93 -4.28 4.43
CA CYS A 59 6.66 -2.86 4.30
C CYS A 59 7.62 -2.08 5.20
N ASN A 60 7.97 -0.87 4.82
CA ASN A 60 8.99 -0.12 5.54
C ASN A 60 8.39 0.88 6.52
N GLY A 61 7.09 0.74 6.77
CA GLY A 61 6.43 1.60 7.75
C GLY A 61 6.05 2.96 7.20
N ILE A 62 6.75 3.39 6.15
CA ILE A 62 6.47 4.66 5.50
C ILE A 62 6.13 4.44 4.04
N SER A 63 5.85 3.19 3.70
CA SER A 63 5.58 2.81 2.33
C SER A 63 4.15 2.31 2.21
N ALA A 64 3.45 2.78 1.17
CA ALA A 64 2.10 2.33 0.91
C ALA A 64 2.11 1.22 -0.12
N GLY A 65 3.03 1.33 -1.08
CA GLY A 65 3.16 0.32 -2.09
C GLY A 65 3.99 -0.85 -1.60
N CYS A 66 3.71 -2.03 -2.14
CA CYS A 66 4.44 -3.23 -1.76
C CYS A 66 5.79 -3.25 -2.48
N PRO A 67 6.90 -3.18 -1.73
CA PRO A 67 8.24 -3.15 -2.31
C PRO A 67 8.50 -4.32 -3.24
N ARG A 68 9.01 -4.02 -4.42
CA ARG A 68 9.33 -5.04 -5.41
C ARG A 68 10.37 -6.00 -4.85
N ASN A 69 10.15 -7.29 -5.06
CA ASN A 69 11.01 -8.32 -4.49
C ASN A 69 12.35 -8.35 -5.22
N PRO A 70 13.44 -8.01 -4.53
CA PRO A 70 14.76 -7.90 -5.14
C PRO A 70 15.44 -9.25 -5.36
N PHE A 71 14.82 -10.30 -4.86
CA PHE A 71 15.38 -11.64 -4.98
C PHE A 71 15.19 -12.18 -6.40
N HIS A 72 14.13 -11.71 -7.05
CA HIS A 72 13.85 -12.10 -8.43
C HIS A 72 13.09 -10.99 -9.13
N ALA A 73 13.81 -10.22 -9.95
CA ALA A 73 13.22 -9.12 -10.69
C ALA A 73 12.71 -9.60 -12.04
N GLU A 1 -2.72 3.93 -9.93
CA GLU A 1 -2.33 5.27 -10.41
C GLU A 1 -3.14 6.33 -9.69
N ALA A 2 -2.54 6.96 -8.68
CA ALA A 2 -3.24 7.94 -7.86
C ALA A 2 -3.57 9.21 -8.65
N GLY A 3 -2.93 9.38 -9.79
CA GLY A 3 -3.23 10.50 -10.65
C GLY A 3 -4.60 10.37 -11.28
N GLU A 4 -4.94 9.16 -11.66
CA GLU A 4 -6.23 8.88 -12.28
C GLU A 4 -7.23 8.41 -11.23
N GLU A 5 -6.77 7.50 -10.38
CA GLU A 5 -7.56 6.98 -9.28
C GLU A 5 -7.28 7.81 -8.03
N CYS A 6 -7.57 9.10 -8.13
CA CYS A 6 -7.23 10.03 -7.07
C CYS A 6 -8.05 9.76 -5.82
N ASP A 7 -9.36 9.67 -5.97
CA ASP A 7 -10.24 9.35 -4.87
C ASP A 7 -10.59 7.88 -4.89
N CYS A 8 -10.68 7.33 -6.10
CA CYS A 8 -11.02 5.93 -6.30
C CYS A 8 -11.09 5.65 -7.80
N GLY A 9 -11.63 4.50 -8.17
CA GLY A 9 -11.73 4.14 -9.57
C GLY A 9 -11.93 2.65 -9.74
N THR A 10 -11.36 1.89 -8.83
CA THR A 10 -11.49 0.45 -8.84
C THR A 10 -11.77 -0.07 -7.43
N PRO A 11 -12.60 -1.12 -7.31
CA PRO A 11 -12.88 -1.78 -6.02
C PRO A 11 -11.63 -2.43 -5.45
N GLY A 12 -10.59 -2.51 -6.28
CA GLY A 12 -9.31 -3.04 -5.83
C GLY A 12 -8.52 -1.99 -5.08
N ASN A 13 -8.98 -0.76 -5.10
CA ASN A 13 -8.34 0.32 -4.36
C ASN A 13 -8.74 0.23 -2.90
N PRO A 14 -7.78 -0.07 -2.01
CA PRO A 14 -8.03 -0.35 -0.60
C PRO A 14 -8.69 0.81 0.15
N CYS A 15 -8.40 2.04 -0.21
CA CYS A 15 -8.97 3.16 0.52
C CYS A 15 -10.24 3.68 -0.16
N CYS A 16 -10.17 3.85 -1.48
CA CYS A 16 -11.29 4.35 -2.31
C CYS A 16 -11.95 5.61 -1.73
N ASP A 17 -11.30 6.25 -0.76
CA ASP A 17 -11.85 7.41 -0.10
C ASP A 17 -11.28 8.68 -0.72
N ALA A 18 -12.12 9.70 -0.81
CA ALA A 18 -11.73 10.97 -1.39
C ALA A 18 -10.70 11.68 -0.53
N ALA A 19 -10.56 11.23 0.70
CA ALA A 19 -9.59 11.81 1.65
C ALA A 19 -8.17 11.72 1.12
N THR A 20 -7.92 10.79 0.20
CA THR A 20 -6.58 10.63 -0.36
C THR A 20 -6.38 11.52 -1.57
N CYS A 21 -7.45 12.19 -1.99
CA CYS A 21 -7.38 13.18 -3.05
C CYS A 21 -7.56 14.56 -2.44
N LYS A 22 -7.54 14.59 -1.13
CA LYS A 22 -7.77 15.80 -0.35
C LYS A 22 -6.77 15.86 0.79
N LEU A 23 -6.82 16.91 1.59
CA LEU A 23 -5.92 17.05 2.72
C LEU A 23 -6.65 16.71 4.02
N ARG A 24 -7.53 15.72 3.95
CA ARG A 24 -8.25 15.25 5.12
C ARG A 24 -7.36 14.32 5.95
N PRO A 25 -7.15 14.65 7.23
CA PRO A 25 -6.32 13.84 8.13
C PRO A 25 -6.85 12.42 8.30
N GLY A 26 -5.93 11.47 8.48
CA GLY A 26 -6.32 10.10 8.69
C GLY A 26 -6.04 9.23 7.49
N ALA A 27 -5.89 9.84 6.34
CA ALA A 27 -5.57 9.11 5.12
C ALA A 27 -4.15 9.42 4.67
N GLN A 28 -3.33 8.38 4.69
CA GLN A 28 -1.92 8.52 4.31
C GLN A 28 -1.68 7.97 2.92
N CYS A 29 -2.47 6.98 2.53
CA CYS A 29 -2.31 6.32 1.24
C CYS A 29 -3.66 5.84 0.73
N ALA A 30 -3.71 5.46 -0.53
CA ALA A 30 -4.96 5.05 -1.15
C ALA A 30 -4.86 3.66 -1.77
N GLU A 31 -3.72 3.34 -2.38
CA GLU A 31 -3.59 2.09 -3.13
C GLU A 31 -2.32 1.34 -2.77
N GLY A 32 -2.36 0.02 -2.95
CA GLY A 32 -1.21 -0.81 -2.69
C GLY A 32 -1.49 -1.90 -1.68
N LEU A 33 -0.68 -2.96 -1.73
CA LEU A 33 -0.80 -4.08 -0.79
C LEU A 33 -0.24 -3.71 0.57
N CYS A 34 0.41 -2.55 0.64
CA CYS A 34 1.00 -2.08 1.88
C CYS A 34 0.20 -0.89 2.40
N CYS A 35 -0.98 -0.71 1.85
CA CYS A 35 -1.87 0.34 2.27
C CYS A 35 -3.16 -0.27 2.81
N ASP A 36 -3.40 -0.10 4.09
CA ASP A 36 -4.57 -0.69 4.73
C ASP A 36 -5.26 0.35 5.59
N GLN A 37 -6.56 0.53 5.37
CA GLN A 37 -7.35 1.52 6.08
C GLN A 37 -6.84 2.93 5.76
N CYS A 38 -6.44 3.11 4.50
CA CYS A 38 -5.88 4.38 4.03
C CYS A 38 -4.62 4.73 4.81
N ARG A 39 -3.91 3.73 5.29
CA ARG A 39 -2.75 3.91 6.15
C ARG A 39 -1.61 3.02 5.70
N PHE A 40 -0.40 3.56 5.71
CA PHE A 40 0.80 2.79 5.38
C PHE A 40 1.00 1.67 6.40
N MET A 41 1.39 0.50 5.91
CA MET A 41 1.74 -0.60 6.80
C MET A 41 3.13 -0.36 7.38
N LYS A 42 3.23 -0.53 8.68
CA LYS A 42 4.46 -0.25 9.41
C LYS A 42 5.57 -1.21 8.98
N GLU A 43 6.80 -0.76 9.18
CA GLU A 43 7.96 -1.57 8.86
C GLU A 43 7.95 -2.86 9.66
N GLY A 44 8.15 -3.97 8.98
CA GLY A 44 8.08 -5.27 9.62
C GLY A 44 6.81 -6.01 9.27
N THR A 45 5.81 -5.28 8.81
CA THR A 45 4.58 -5.90 8.35
C THR A 45 4.72 -6.32 6.89
N VAL A 46 4.34 -7.57 6.60
CA VAL A 46 4.50 -8.10 5.25
C VAL A 46 3.37 -7.64 4.32
N CYS A 47 3.74 -7.30 3.11
CA CYS A 47 2.77 -7.00 2.06
C CYS A 47 2.64 -8.20 1.13
N ARG A 48 3.61 -9.10 1.20
CA ARG A 48 3.56 -10.36 0.47
C ARG A 48 3.78 -11.50 1.44
N ARG A 49 2.74 -12.29 1.68
CA ARG A 49 2.90 -13.48 2.50
C ARG A 49 3.34 -14.64 1.64
N ALA A 50 4.60 -15.01 1.78
CA ALA A 50 5.21 -16.03 0.95
C ALA A 50 4.59 -17.40 1.20
N ARG A 51 4.62 -18.23 0.18
CA ARG A 51 4.13 -19.59 0.28
C ARG A 51 5.23 -20.59 -0.01
N GLY A 52 6.44 -20.26 0.43
CA GLY A 52 7.58 -21.14 0.24
C GLY A 52 8.26 -20.91 -1.10
N ASP A 53 7.45 -20.76 -2.14
CA ASP A 53 7.95 -20.44 -3.46
C ASP A 53 8.61 -19.07 -3.48
N ASP A 54 7.89 -18.09 -2.94
CA ASP A 54 8.36 -16.71 -2.90
C ASP A 54 8.89 -16.35 -1.52
N MET A 55 9.22 -15.08 -1.33
CA MET A 55 9.80 -14.62 -0.08
C MET A 55 8.97 -13.47 0.50
N ASP A 56 8.66 -13.56 1.78
CA ASP A 56 7.83 -12.56 2.46
C ASP A 56 8.45 -11.17 2.35
N ASP A 57 7.75 -10.26 1.69
CA ASP A 57 8.23 -8.89 1.56
C ASP A 57 7.71 -8.02 2.70
N TYR A 58 8.63 -7.36 3.37
CA TYR A 58 8.30 -6.54 4.52
C TYR A 58 8.21 -5.07 4.12
N CYS A 59 7.17 -4.41 4.59
CA CYS A 59 6.97 -2.99 4.34
C CYS A 59 8.01 -2.15 5.05
N ASN A 60 8.29 -0.97 4.50
CA ASN A 60 9.28 -0.07 5.06
C ASN A 60 8.62 1.04 5.86
N GLY A 61 7.30 0.97 5.98
CA GLY A 61 6.55 1.97 6.73
C GLY A 61 6.21 3.19 5.90
N ILE A 62 6.97 3.42 4.84
CA ILE A 62 6.75 4.57 3.97
C ILE A 62 6.30 4.10 2.59
N SER A 63 5.70 2.93 2.55
CA SER A 63 5.29 2.32 1.31
C SER A 63 3.79 2.07 1.28
N ALA A 64 3.15 2.53 0.22
CA ALA A 64 1.74 2.23 0.01
C ALA A 64 1.62 0.96 -0.80
N GLY A 65 2.51 0.82 -1.77
CA GLY A 65 2.60 -0.41 -2.52
C GLY A 65 3.58 -1.35 -1.86
N CYS A 66 3.64 -2.58 -2.33
CA CYS A 66 4.50 -3.58 -1.72
C CYS A 66 5.93 -3.43 -2.23
N PRO A 67 6.87 -3.05 -1.35
CA PRO A 67 8.27 -2.92 -1.72
C PRO A 67 8.93 -4.29 -1.84
N ARG A 68 9.57 -4.54 -2.98
CA ARG A 68 10.24 -5.80 -3.20
C ARG A 68 11.63 -5.77 -2.59
N ASN A 69 11.87 -6.65 -1.64
CA ASN A 69 13.18 -6.75 -1.03
C ASN A 69 14.08 -7.58 -1.92
N PRO A 70 15.10 -6.95 -2.52
CA PRO A 70 15.96 -7.60 -3.51
C PRO A 70 17.03 -8.49 -2.89
N PHE A 71 16.65 -9.23 -1.85
CA PHE A 71 17.57 -10.13 -1.20
C PHE A 71 17.49 -11.52 -1.83
N HIS A 72 16.33 -12.16 -1.69
CA HIS A 72 16.11 -13.46 -2.29
C HIS A 72 14.73 -13.54 -2.94
N ALA A 73 14.16 -12.38 -3.22
CA ALA A 73 12.85 -12.30 -3.86
C ALA A 73 13.00 -12.50 -5.36
N GLU A 1 -2.55 6.41 -7.26
CA GLU A 1 -1.64 7.36 -7.92
C GLU A 1 -2.05 8.79 -7.58
N ALA A 2 -1.40 9.76 -8.22
CA ALA A 2 -1.75 11.15 -8.03
C ALA A 2 -2.42 11.70 -9.28
N GLY A 3 -3.35 12.63 -9.10
CA GLY A 3 -4.05 13.20 -10.23
C GLY A 3 -5.47 12.70 -10.34
N GLU A 4 -5.72 11.84 -11.32
CA GLU A 4 -7.07 11.32 -11.55
C GLU A 4 -7.28 10.02 -10.77
N GLU A 5 -6.30 9.13 -10.85
CA GLU A 5 -6.35 7.88 -10.13
C GLU A 5 -5.83 8.09 -8.71
N CYS A 6 -6.38 9.10 -8.05
CA CYS A 6 -5.88 9.56 -6.77
C CYS A 6 -6.47 8.79 -5.59
N ASP A 7 -7.79 8.63 -5.59
CA ASP A 7 -8.47 8.02 -4.45
C ASP A 7 -8.33 6.50 -4.46
N CYS A 8 -8.25 5.93 -5.64
CA CYS A 8 -8.20 4.48 -5.76
C CYS A 8 -7.53 4.06 -7.06
N GLY A 9 -8.10 4.46 -8.18
CA GLY A 9 -7.58 4.07 -9.47
C GLY A 9 -8.04 2.70 -9.89
N THR A 10 -7.56 1.69 -9.19
CA THR A 10 -7.89 0.31 -9.53
C THR A 10 -8.78 -0.31 -8.47
N PRO A 11 -9.95 -0.84 -8.88
CA PRO A 11 -10.92 -1.44 -7.96
C PRO A 11 -10.32 -2.63 -7.21
N GLY A 12 -10.26 -2.54 -5.90
CA GLY A 12 -9.65 -3.58 -5.12
C GLY A 12 -8.54 -3.05 -4.23
N ASN A 13 -8.21 -1.78 -4.40
CA ASN A 13 -7.24 -1.11 -3.53
C ASN A 13 -7.78 -1.00 -2.11
N PRO A 14 -6.89 -0.95 -1.11
CA PRO A 14 -7.27 -1.03 0.30
C PRO A 14 -8.35 -0.04 0.73
N CYS A 15 -8.05 1.25 0.61
CA CYS A 15 -8.94 2.26 1.16
C CYS A 15 -9.82 2.88 0.07
N CYS A 16 -9.23 3.19 -1.07
CA CYS A 16 -9.96 3.84 -2.17
C CYS A 16 -10.85 4.98 -1.69
N ASP A 17 -10.34 5.75 -0.72
CA ASP A 17 -11.11 6.83 -0.13
C ASP A 17 -10.75 8.15 -0.80
N ALA A 18 -11.76 8.96 -1.05
CA ALA A 18 -11.59 10.24 -1.70
C ALA A 18 -10.87 11.23 -0.78
N ALA A 19 -10.85 10.92 0.51
CA ALA A 19 -10.17 11.76 1.49
C ALA A 19 -8.66 11.76 1.25
N THR A 20 -8.17 10.74 0.55
CA THR A 20 -6.77 10.63 0.25
C THR A 20 -6.45 11.40 -1.04
N CYS A 21 -7.44 11.50 -1.91
CA CYS A 21 -7.32 12.30 -3.12
C CYS A 21 -7.37 13.78 -2.75
N LYS A 22 -8.15 14.07 -1.72
CA LYS A 22 -8.25 15.40 -1.18
C LYS A 22 -7.16 15.60 -0.12
N LEU A 23 -7.04 16.81 0.39
CA LEU A 23 -6.07 17.09 1.44
C LEU A 23 -6.75 16.98 2.80
N ARG A 24 -7.54 15.92 2.96
CA ARG A 24 -8.29 15.69 4.18
C ARG A 24 -7.40 14.98 5.21
N PRO A 25 -7.26 15.54 6.42
CA PRO A 25 -6.43 14.96 7.47
C PRO A 25 -6.96 13.60 7.94
N GLY A 26 -6.05 12.71 8.30
CA GLY A 26 -6.42 11.40 8.77
C GLY A 26 -6.08 10.31 7.78
N ALA A 27 -6.11 10.65 6.50
CA ALA A 27 -5.75 9.70 5.46
C ALA A 27 -4.30 9.87 5.07
N GLN A 28 -3.53 8.80 5.20
CA GLN A 28 -2.13 8.80 4.80
C GLN A 28 -1.97 8.22 3.41
N CYS A 29 -2.76 7.20 3.12
CA CYS A 29 -2.69 6.50 1.84
C CYS A 29 -4.06 5.95 1.48
N ALA A 30 -4.17 5.38 0.29
CA ALA A 30 -5.42 4.75 -0.11
C ALA A 30 -5.19 3.55 -1.02
N GLU A 31 -3.95 3.32 -1.37
CA GLU A 31 -3.61 2.31 -2.36
C GLU A 31 -2.43 1.47 -1.89
N GLY A 32 -2.14 0.41 -2.63
CA GLY A 32 -0.97 -0.40 -2.34
C GLY A 32 -1.24 -1.49 -1.32
N LEU A 33 -0.36 -2.48 -1.29
CA LEU A 33 -0.50 -3.60 -0.37
C LEU A 33 0.11 -3.26 1.00
N CYS A 34 0.64 -2.05 1.11
CA CYS A 34 1.23 -1.59 2.35
C CYS A 34 0.36 -0.53 2.99
N CYS A 35 -0.91 -0.53 2.63
CA CYS A 35 -1.85 0.42 3.16
C CYS A 35 -3.16 -0.29 3.49
N ASP A 36 -3.80 0.14 4.57
CA ASP A 36 -5.14 -0.32 4.90
C ASP A 36 -5.81 0.71 5.78
N GLN A 37 -7.11 0.91 5.55
CA GLN A 37 -7.88 1.93 6.26
C GLN A 37 -7.24 3.30 6.12
N CYS A 38 -6.60 3.50 4.96
CA CYS A 38 -5.95 4.76 4.63
C CYS A 38 -4.73 5.03 5.52
N ARG A 39 -4.20 3.99 6.15
CA ARG A 39 -3.04 4.11 7.01
C ARG A 39 -1.92 3.20 6.50
N PHE A 40 -0.70 3.75 6.46
CA PHE A 40 0.48 2.97 6.08
C PHE A 40 0.71 1.81 7.03
N MET A 41 1.10 0.67 6.49
CA MET A 41 1.45 -0.48 7.31
C MET A 41 2.86 -0.33 7.83
N LYS A 42 3.06 -0.73 9.07
CA LYS A 42 4.34 -0.55 9.75
C LYS A 42 5.45 -1.31 9.05
N GLU A 43 6.67 -0.84 9.24
CA GLU A 43 7.84 -1.47 8.63
C GLU A 43 8.00 -2.90 9.14
N GLY A 44 8.14 -3.83 8.22
CA GLY A 44 8.25 -5.23 8.57
C GLY A 44 6.98 -6.00 8.28
N THR A 45 5.93 -5.29 7.90
CA THR A 45 4.67 -5.92 7.53
C THR A 45 4.76 -6.50 6.12
N VAL A 46 4.27 -7.71 5.96
CA VAL A 46 4.28 -8.38 4.66
C VAL A 46 3.18 -7.81 3.77
N CYS A 47 3.58 -7.22 2.66
CA CYS A 47 2.64 -6.68 1.69
C CYS A 47 2.23 -7.75 0.69
N ARG A 48 3.18 -8.23 -0.10
CA ARG A 48 2.91 -9.32 -1.02
C ARG A 48 3.36 -10.63 -0.39
N ARG A 49 2.51 -11.64 -0.47
CA ARG A 49 2.81 -12.90 0.20
C ARG A 49 3.27 -13.95 -0.80
N ALA A 50 4.21 -14.76 -0.38
CA ALA A 50 4.72 -15.85 -1.20
C ALA A 50 3.87 -17.09 -1.03
N ARG A 51 3.68 -17.83 -2.11
CA ARG A 51 2.87 -19.04 -2.08
C ARG A 51 3.71 -20.28 -2.37
N GLY A 52 4.95 -20.24 -1.91
CA GLY A 52 5.86 -21.35 -2.17
C GLY A 52 6.55 -21.22 -3.50
N ASP A 53 7.13 -20.04 -3.74
CA ASP A 53 7.82 -19.73 -4.99
C ASP A 53 8.43 -18.35 -4.89
N ASP A 54 7.60 -17.41 -4.50
CA ASP A 54 8.03 -16.02 -4.34
C ASP A 54 8.75 -15.86 -3.01
N MET A 55 9.10 -14.63 -2.69
CA MET A 55 9.63 -14.30 -1.38
C MET A 55 8.83 -13.15 -0.80
N ASP A 56 8.31 -13.36 0.41
CA ASP A 56 7.42 -12.38 1.04
C ASP A 56 8.10 -11.03 1.23
N ASP A 57 7.41 -9.98 0.78
CA ASP A 57 7.96 -8.63 0.80
C ASP A 57 7.60 -7.91 2.09
N TYR A 58 8.36 -6.89 2.44
CA TYR A 58 8.13 -6.15 3.67
C TYR A 58 7.97 -4.66 3.41
N CYS A 59 6.98 -4.07 4.03
CA CYS A 59 6.72 -2.64 3.92
C CYS A 59 7.73 -1.84 4.73
N ASN A 60 8.04 -0.63 4.29
CA ASN A 60 9.01 0.22 4.96
C ASN A 60 8.33 1.18 5.94
N GLY A 61 7.04 0.99 6.15
CA GLY A 61 6.32 1.76 7.16
C GLY A 61 5.83 3.10 6.65
N ILE A 62 6.49 3.64 5.64
CA ILE A 62 6.08 4.90 5.04
C ILE A 62 5.67 4.69 3.59
N SER A 63 5.58 3.44 3.21
CA SER A 63 5.25 3.06 1.86
C SER A 63 3.84 2.51 1.78
N ALA A 64 3.10 2.95 0.80
CA ALA A 64 1.79 2.39 0.51
C ALA A 64 1.94 1.25 -0.49
N GLY A 65 2.90 1.41 -1.38
CA GLY A 65 3.19 0.38 -2.35
C GLY A 65 4.11 -0.68 -1.77
N CYS A 66 3.95 -1.90 -2.23
CA CYS A 66 4.72 -3.02 -1.72
C CYS A 66 6.15 -2.99 -2.26
N PRO A 67 7.14 -2.80 -1.38
CA PRO A 67 8.56 -2.83 -1.77
C PRO A 67 8.96 -4.22 -2.23
N ARG A 68 9.53 -4.32 -3.41
CA ARG A 68 9.80 -5.60 -4.01
C ARG A 68 11.09 -6.21 -3.46
N ASN A 69 10.99 -7.46 -3.04
CA ASN A 69 12.13 -8.24 -2.59
C ASN A 69 13.18 -8.35 -3.70
N PRO A 70 14.40 -7.86 -3.46
CA PRO A 70 15.46 -7.83 -4.46
C PRO A 70 16.29 -9.11 -4.53
N PHE A 71 15.62 -10.25 -4.36
CA PHE A 71 16.30 -11.54 -4.43
C PHE A 71 15.62 -12.43 -5.45
N HIS A 72 14.47 -12.98 -5.09
CA HIS A 72 13.72 -13.87 -5.97
C HIS A 72 12.23 -13.68 -5.78
N ALA A 73 11.72 -12.58 -6.31
CA ALA A 73 10.30 -12.27 -6.25
C ALA A 73 9.95 -11.19 -7.26
N GLU A 1 -0.06 9.40 -9.96
CA GLU A 1 -1.02 9.60 -11.07
C GLU A 1 -2.01 10.70 -10.71
N ALA A 2 -2.87 10.44 -9.72
CA ALA A 2 -3.80 11.46 -9.21
C ALA A 2 -4.69 12.04 -10.29
N GLY A 3 -5.26 11.18 -11.12
CA GLY A 3 -6.23 11.61 -12.10
C GLY A 3 -7.47 10.76 -12.04
N GLU A 4 -7.57 9.78 -12.91
CA GLU A 4 -8.60 8.77 -12.81
C GLU A 4 -8.25 7.84 -11.65
N GLU A 5 -6.95 7.61 -11.51
CA GLU A 5 -6.41 6.86 -10.40
C GLU A 5 -6.01 7.82 -9.29
N CYS A 6 -6.98 8.40 -8.62
CA CYS A 6 -6.69 9.45 -7.64
C CYS A 6 -7.02 8.99 -6.22
N ASP A 7 -8.19 8.38 -6.03
CA ASP A 7 -8.60 7.91 -4.71
C ASP A 7 -7.94 6.57 -4.40
N CYS A 8 -7.50 5.87 -5.43
CA CYS A 8 -6.72 4.66 -5.27
C CYS A 8 -6.13 4.23 -6.61
N GLY A 9 -6.96 3.65 -7.47
CA GLY A 9 -6.52 3.26 -8.80
C GLY A 9 -5.35 2.30 -8.78
N THR A 10 -5.53 1.15 -8.15
CA THR A 10 -4.48 0.16 -8.06
C THR A 10 -5.06 -1.26 -8.08
N PRO A 11 -4.28 -2.25 -8.56
CA PRO A 11 -4.62 -3.67 -8.41
C PRO A 11 -4.47 -4.10 -6.96
N GLY A 12 -5.23 -3.44 -6.10
CA GLY A 12 -5.09 -3.59 -4.68
C GLY A 12 -5.52 -2.31 -3.99
N ASN A 13 -6.82 -2.10 -3.95
CA ASN A 13 -7.38 -0.84 -3.49
C ASN A 13 -8.31 -1.07 -2.28
N PRO A 14 -7.78 -0.93 -1.07
CA PRO A 14 -8.53 -1.19 0.15
C PRO A 14 -9.37 0.00 0.61
N CYS A 15 -8.81 1.21 0.55
CA CYS A 15 -9.46 2.37 1.14
C CYS A 15 -10.19 3.23 0.10
N CYS A 16 -9.56 3.47 -1.05
CA CYS A 16 -10.15 4.29 -2.13
C CYS A 16 -10.94 5.49 -1.59
N ASP A 17 -10.34 6.26 -0.68
CA ASP A 17 -11.03 7.38 -0.09
C ASP A 17 -10.67 8.67 -0.82
N ALA A 18 -11.65 9.55 -0.95
CA ALA A 18 -11.49 10.82 -1.65
C ALA A 18 -10.54 11.74 -0.90
N ALA A 19 -10.32 11.46 0.38
CA ALA A 19 -9.41 12.27 1.19
C ALA A 19 -7.98 12.08 0.76
N THR A 20 -7.72 10.99 0.04
CA THR A 20 -6.39 10.70 -0.47
C THR A 20 -6.20 11.35 -1.83
N CYS A 21 -7.31 11.74 -2.45
CA CYS A 21 -7.27 12.49 -3.71
C CYS A 21 -7.21 13.98 -3.39
N LYS A 22 -7.13 14.27 -2.10
CA LYS A 22 -7.14 15.64 -1.59
C LYS A 22 -6.12 15.76 -0.47
N LEU A 23 -5.98 16.96 0.08
CA LEU A 23 -5.08 17.17 1.20
C LEU A 23 -5.86 17.14 2.51
N ARG A 24 -6.76 16.18 2.63
CA ARG A 24 -7.56 16.00 3.83
C ARG A 24 -6.81 15.16 4.86
N PRO A 25 -6.67 15.68 6.09
CA PRO A 25 -5.97 14.99 7.19
C PRO A 25 -6.61 13.65 7.56
N GLY A 26 -5.78 12.71 7.99
CA GLY A 26 -6.27 11.43 8.44
C GLY A 26 -5.95 10.30 7.47
N ALA A 27 -5.95 10.63 6.19
CA ALA A 27 -5.64 9.64 5.17
C ALA A 27 -4.26 9.89 4.61
N GLN A 28 -3.37 8.93 4.78
CA GLN A 28 -2.01 9.06 4.29
C GLN A 28 -1.84 8.22 3.03
N CYS A 29 -2.81 7.37 2.77
CA CYS A 29 -2.81 6.51 1.61
C CYS A 29 -4.23 6.01 1.38
N ALA A 30 -4.45 5.28 0.30
CA ALA A 30 -5.73 4.66 0.07
C ALA A 30 -5.61 3.45 -0.84
N GLU A 31 -4.37 3.16 -1.22
CA GLU A 31 -4.07 2.13 -2.19
C GLU A 31 -2.82 1.34 -1.78
N GLY A 32 -2.76 0.09 -2.18
CA GLY A 32 -1.59 -0.71 -1.89
C GLY A 32 -1.87 -1.79 -0.88
N LEU A 33 -0.97 -2.75 -0.77
CA LEU A 33 -1.13 -3.88 0.13
C LEU A 33 -0.70 -3.53 1.55
N CYS A 34 0.03 -2.44 1.71
CA CYS A 34 0.48 -2.02 3.04
C CYS A 34 -0.47 -0.98 3.61
N CYS A 35 -1.24 -0.34 2.75
CA CYS A 35 -2.19 0.65 3.19
C CYS A 35 -3.39 -0.02 3.82
N ASP A 36 -3.51 0.11 5.12
CA ASP A 36 -4.59 -0.50 5.87
C ASP A 36 -5.56 0.56 6.35
N GLN A 37 -6.73 0.61 5.71
CA GLN A 37 -7.76 1.60 6.01
C GLN A 37 -7.22 3.02 5.94
N CYS A 38 -6.60 3.33 4.80
CA CYS A 38 -6.12 4.69 4.50
C CYS A 38 -4.92 5.07 5.38
N ARG A 39 -4.38 4.09 6.09
CA ARG A 39 -3.25 4.32 7.00
C ARG A 39 -2.13 3.33 6.68
N PHE A 40 -0.90 3.78 6.85
CA PHE A 40 0.26 2.93 6.59
C PHE A 40 0.37 1.85 7.66
N MET A 41 0.73 0.65 7.25
CA MET A 41 1.05 -0.41 8.18
C MET A 41 2.47 -0.26 8.70
N LYS A 42 2.69 -0.67 9.94
CA LYS A 42 4.01 -0.60 10.54
C LYS A 42 5.00 -1.45 9.75
N GLU A 43 6.27 -1.05 9.76
CA GLU A 43 7.31 -1.80 9.10
C GLU A 43 7.37 -3.21 9.68
N GLY A 44 7.62 -4.18 8.81
CA GLY A 44 7.67 -5.56 9.26
C GLY A 44 6.43 -6.32 8.91
N THR A 45 5.44 -5.62 8.36
CA THR A 45 4.22 -6.26 7.93
C THR A 45 4.41 -6.92 6.56
N VAL A 46 4.29 -8.24 6.52
CA VAL A 46 4.44 -8.96 5.28
C VAL A 46 3.25 -8.70 4.36
N CYS A 47 3.53 -8.08 3.22
CA CYS A 47 2.49 -7.79 2.24
C CYS A 47 2.57 -8.77 1.07
N ARG A 48 3.69 -9.49 1.01
CA ARG A 48 3.90 -10.49 -0.02
C ARG A 48 4.40 -11.77 0.62
N ARG A 49 3.52 -12.77 0.68
CA ARG A 49 3.85 -14.02 1.35
C ARG A 49 4.69 -14.90 0.45
N ALA A 50 5.78 -15.41 1.00
CA ALA A 50 6.69 -16.27 0.26
C ALA A 50 6.06 -17.62 -0.06
N ARG A 51 6.67 -18.33 -0.98
CA ARG A 51 6.21 -19.65 -1.39
C ARG A 51 7.35 -20.39 -2.09
N GLY A 52 8.54 -20.22 -1.55
CA GLY A 52 9.73 -20.76 -2.19
C GLY A 52 10.21 -19.85 -3.30
N ASP A 53 9.38 -19.69 -4.32
CA ASP A 53 9.68 -18.79 -5.43
C ASP A 53 9.73 -17.34 -4.94
N ASP A 54 8.75 -16.97 -4.13
CA ASP A 54 8.68 -15.62 -3.59
C ASP A 54 9.34 -15.55 -2.24
N MET A 55 9.57 -14.33 -1.77
CA MET A 55 10.07 -14.09 -0.43
C MET A 55 9.12 -13.15 0.28
N ASP A 56 9.06 -13.28 1.60
CA ASP A 56 8.14 -12.48 2.41
C ASP A 56 8.62 -11.03 2.47
N ASP A 57 7.96 -10.18 1.71
CA ASP A 57 8.33 -8.77 1.68
C ASP A 57 7.61 -8.01 2.76
N TYR A 58 8.39 -7.34 3.60
CA TYR A 58 7.85 -6.59 4.71
C TYR A 58 7.73 -5.12 4.33
N CYS A 59 6.60 -4.54 4.63
CA CYS A 59 6.36 -3.14 4.36
C CYS A 59 7.34 -2.27 5.14
N ASN A 60 7.71 -1.14 4.56
CA ASN A 60 8.72 -0.25 5.13
C ASN A 60 8.08 0.67 6.18
N GLY A 61 6.77 0.57 6.33
CA GLY A 61 6.07 1.33 7.35
C GLY A 61 5.63 2.70 6.86
N ILE A 62 6.29 3.18 5.83
CA ILE A 62 5.98 4.49 5.25
C ILE A 62 5.58 4.35 3.79
N SER A 63 5.28 3.13 3.40
CA SER A 63 4.92 2.82 2.03
C SER A 63 3.51 2.28 1.96
N ALA A 64 2.73 2.76 1.00
CA ALA A 64 1.35 2.32 0.84
C ALA A 64 1.33 1.03 0.04
N GLY A 65 2.28 0.89 -0.86
CA GLY A 65 2.37 -0.29 -1.68
C GLY A 65 3.21 -1.35 -1.02
N CYS A 66 3.39 -2.48 -1.71
CA CYS A 66 4.21 -3.55 -1.20
C CYS A 66 5.61 -3.46 -1.78
N PRO A 67 6.60 -3.07 -0.95
CA PRO A 67 7.99 -2.88 -1.41
C PRO A 67 8.61 -4.18 -1.92
N ARG A 68 9.14 -4.12 -3.13
CA ARG A 68 9.81 -5.28 -3.71
C ARG A 68 11.29 -5.25 -3.36
N ASN A 69 11.74 -6.29 -2.68
CA ASN A 69 13.15 -6.41 -2.31
C ASN A 69 14.01 -6.57 -3.56
N PRO A 70 15.20 -5.96 -3.57
CA PRO A 70 16.14 -6.08 -4.69
C PRO A 70 17.08 -7.27 -4.53
N PHE A 71 16.59 -8.34 -3.90
CA PHE A 71 17.43 -9.51 -3.62
C PHE A 71 16.94 -10.72 -4.40
N HIS A 72 16.18 -10.48 -5.47
CA HIS A 72 15.70 -11.55 -6.33
C HIS A 72 15.48 -11.02 -7.74
N ALA A 73 16.41 -10.20 -8.19
CA ALA A 73 16.34 -9.61 -9.51
C ALA A 73 17.47 -10.13 -10.39
N GLU A 1 -16.08 7.82 -14.32
CA GLU A 1 -14.65 8.11 -14.63
C GLU A 1 -14.03 8.94 -13.51
N ALA A 2 -12.95 9.67 -13.83
CA ALA A 2 -12.25 10.50 -12.87
C ALA A 2 -13.22 11.39 -12.09
N GLY A 3 -13.01 11.48 -10.79
CA GLY A 3 -13.93 12.21 -9.94
C GLY A 3 -14.81 11.27 -9.16
N GLU A 4 -15.51 10.40 -9.88
CA GLU A 4 -16.37 9.40 -9.24
C GLU A 4 -15.54 8.17 -8.89
N GLU A 5 -14.61 7.83 -9.78
CA GLU A 5 -13.65 6.78 -9.52
C GLU A 5 -12.30 7.38 -9.14
N CYS A 6 -12.29 8.18 -8.10
CA CYS A 6 -11.08 8.85 -7.65
C CYS A 6 -10.41 8.05 -6.54
N ASP A 7 -11.15 7.81 -5.47
CA ASP A 7 -10.63 7.13 -4.29
C ASP A 7 -10.70 5.62 -4.46
N CYS A 8 -11.53 5.18 -5.39
CA CYS A 8 -11.70 3.77 -5.66
C CYS A 8 -12.19 3.56 -7.08
N GLY A 9 -12.00 2.36 -7.60
CA GLY A 9 -12.36 2.08 -8.97
C GLY A 9 -11.23 1.45 -9.72
N THR A 10 -10.02 1.77 -9.29
CA THR A 10 -8.81 1.24 -9.90
C THR A 10 -8.38 -0.04 -9.18
N PRO A 11 -8.12 -1.12 -9.94
CA PRO A 11 -7.60 -2.37 -9.37
C PRO A 11 -6.28 -2.13 -8.66
N GLY A 12 -6.34 -2.03 -7.33
CA GLY A 12 -5.17 -1.68 -6.56
C GLY A 12 -5.51 -0.73 -5.43
N ASN A 13 -6.79 -0.37 -5.34
CA ASN A 13 -7.29 0.48 -4.25
C ASN A 13 -7.82 -0.37 -3.10
N PRO A 14 -7.03 -0.54 -2.04
CA PRO A 14 -7.42 -1.33 -0.88
C PRO A 14 -8.19 -0.53 0.17
N CYS A 15 -8.08 0.79 0.12
CA CYS A 15 -8.73 1.63 1.11
C CYS A 15 -10.03 2.21 0.58
N CYS A 16 -10.02 2.67 -0.68
CA CYS A 16 -11.20 3.25 -1.31
C CYS A 16 -11.90 4.27 -0.40
N ASP A 17 -11.11 5.07 0.31
CA ASP A 17 -11.65 6.11 1.16
C ASP A 17 -11.59 7.46 0.45
N ALA A 18 -12.71 8.16 0.43
CA ALA A 18 -12.84 9.42 -0.28
C ALA A 18 -11.97 10.52 0.31
N ALA A 19 -11.51 10.32 1.54
CA ALA A 19 -10.72 11.33 2.24
C ALA A 19 -9.33 11.48 1.61
N THR A 20 -9.02 10.62 0.65
CA THR A 20 -7.73 10.67 -0.02
C THR A 20 -7.79 11.63 -1.21
N CYS A 21 -8.99 11.83 -1.73
CA CYS A 21 -9.20 12.82 -2.78
C CYS A 21 -9.56 14.16 -2.16
N LYS A 22 -9.90 14.12 -0.88
CA LYS A 22 -10.19 15.32 -0.10
C LYS A 22 -8.91 15.79 0.57
N LEU A 23 -8.97 16.89 1.28
CA LEU A 23 -7.81 17.43 1.97
C LEU A 23 -7.92 17.14 3.48
N ARG A 24 -8.45 15.97 3.78
CA ARG A 24 -8.61 15.54 5.16
C ARG A 24 -7.32 14.91 5.69
N PRO A 25 -6.82 15.39 6.83
CA PRO A 25 -5.62 14.86 7.46
C PRO A 25 -5.80 13.42 7.93
N GLY A 26 -4.73 12.63 7.86
CA GLY A 26 -4.80 11.25 8.29
C GLY A 26 -4.77 10.29 7.13
N ALA A 27 -5.32 10.71 6.00
CA ALA A 27 -5.31 9.89 4.80
C ALA A 27 -3.98 10.04 4.09
N GLN A 28 -3.28 8.93 3.92
CA GLN A 28 -1.96 8.95 3.31
C GLN A 28 -1.99 8.35 1.90
N CYS A 29 -2.64 7.21 1.76
CA CYS A 29 -2.64 6.49 0.50
C CYS A 29 -4.00 5.85 0.25
N ALA A 30 -4.28 5.53 -1.00
CA ALA A 30 -5.52 4.86 -1.35
C ALA A 30 -5.25 3.65 -2.24
N GLU A 31 -3.98 3.37 -2.45
CA GLU A 31 -3.57 2.29 -3.34
C GLU A 31 -2.35 1.57 -2.81
N GLY A 32 -2.11 0.37 -3.33
CA GLY A 32 -0.95 -0.39 -2.92
C GLY A 32 -1.27 -1.43 -1.87
N LEU A 33 -0.58 -2.56 -1.92
CA LEU A 33 -0.80 -3.65 -0.99
C LEU A 33 -0.10 -3.38 0.35
N CYS A 34 0.56 -2.24 0.42
CA CYS A 34 1.23 -1.83 1.64
C CYS A 34 0.49 -0.63 2.24
N CYS A 35 -0.79 -0.54 1.90
CA CYS A 35 -1.62 0.55 2.39
C CYS A 35 -2.95 0.00 2.89
N ASP A 36 -3.21 0.15 4.17
CA ASP A 36 -4.48 -0.28 4.76
C ASP A 36 -5.07 0.87 5.56
N GLN A 37 -6.39 1.03 5.45
CA GLN A 37 -7.10 2.12 6.10
C GLN A 37 -6.51 3.47 5.68
N CYS A 38 -5.95 3.50 4.47
CA CYS A 38 -5.36 4.70 3.89
C CYS A 38 -4.11 5.12 4.64
N ARG A 39 -3.47 4.17 5.30
CA ARG A 39 -2.23 4.39 6.02
C ARG A 39 -1.17 3.42 5.52
N PHE A 40 0.04 3.94 5.33
CA PHE A 40 1.18 3.10 4.96
C PHE A 40 1.41 2.04 6.04
N MET A 41 1.50 0.78 5.61
CA MET A 41 1.71 -0.31 6.55
C MET A 41 3.06 -0.15 7.25
N LYS A 42 2.99 0.13 8.55
CA LYS A 42 4.18 0.29 9.38
C LYS A 42 5.16 -0.85 9.19
N GLU A 43 6.45 -0.52 9.25
CA GLU A 43 7.51 -1.47 9.00
C GLU A 43 7.44 -2.65 9.95
N GLY A 44 7.73 -3.82 9.43
CA GLY A 44 7.60 -5.04 10.21
C GLY A 44 6.37 -5.82 9.80
N THR A 45 5.52 -5.17 9.02
CA THR A 45 4.34 -5.80 8.49
C THR A 45 4.61 -6.35 7.10
N VAL A 46 4.19 -7.57 6.84
CA VAL A 46 4.37 -8.15 5.52
C VAL A 46 3.27 -7.70 4.57
N CYS A 47 3.67 -7.32 3.37
CA CYS A 47 2.72 -6.96 2.33
C CYS A 47 2.62 -8.08 1.31
N ARG A 48 3.35 -9.15 1.56
CA ARG A 48 3.36 -10.31 0.69
C ARG A 48 3.74 -11.53 1.51
N ARG A 49 2.77 -12.40 1.76
CA ARG A 49 2.99 -13.60 2.55
C ARG A 49 3.66 -14.67 1.70
N ALA A 50 4.73 -15.24 2.25
CA ALA A 50 5.48 -16.28 1.56
C ALA A 50 4.67 -17.57 1.46
N ARG A 51 4.84 -18.26 0.35
CA ARG A 51 4.10 -19.48 0.09
C ARG A 51 5.03 -20.55 -0.47
N GLY A 52 6.29 -20.49 -0.08
CA GLY A 52 7.27 -21.44 -0.57
C GLY A 52 7.85 -21.01 -1.90
N ASP A 53 6.98 -20.85 -2.88
CA ASP A 53 7.38 -20.37 -4.20
C ASP A 53 7.80 -18.91 -4.11
N ASP A 54 7.10 -18.17 -3.27
CA ASP A 54 7.38 -16.75 -3.08
C ASP A 54 7.91 -16.52 -1.67
N MET A 55 8.81 -15.55 -1.54
CA MET A 55 9.34 -15.17 -0.24
C MET A 55 8.54 -14.00 0.32
N ASP A 56 8.52 -13.87 1.64
CA ASP A 56 7.70 -12.87 2.29
C ASP A 56 8.40 -11.50 2.28
N ASP A 57 7.67 -10.49 1.83
CA ASP A 57 8.21 -9.14 1.74
C ASP A 57 7.66 -8.27 2.85
N TYR A 58 8.45 -7.28 3.24
CA TYR A 58 8.12 -6.46 4.40
C TYR A 58 7.92 -5.01 4.00
N CYS A 59 6.93 -4.38 4.60
CA CYS A 59 6.67 -2.97 4.39
C CYS A 59 7.71 -2.11 5.11
N ASN A 60 8.11 -1.03 4.47
CA ASN A 60 9.11 -0.12 5.02
C ASN A 60 8.44 0.89 5.95
N GLY A 61 7.11 0.90 5.94
CA GLY A 61 6.37 1.77 6.84
C GLY A 61 6.00 3.10 6.22
N ILE A 62 6.75 3.49 5.21
CA ILE A 62 6.54 4.76 4.53
C ILE A 62 6.24 4.54 3.06
N SER A 63 5.63 3.39 2.77
CA SER A 63 5.36 3.01 1.40
C SER A 63 3.94 2.49 1.25
N ALA A 64 3.29 2.88 0.18
CA ALA A 64 1.96 2.36 -0.15
C ALA A 64 2.11 1.11 -1.01
N GLY A 65 3.17 1.08 -1.79
CA GLY A 65 3.47 -0.09 -2.59
C GLY A 65 4.27 -1.10 -1.80
N CYS A 66 4.08 -2.37 -2.10
CA CYS A 66 4.77 -3.43 -1.39
C CYS A 66 6.24 -3.49 -1.80
N PRO A 67 7.16 -3.17 -0.88
CA PRO A 67 8.59 -3.20 -1.14
C PRO A 67 9.10 -4.62 -1.36
N ARG A 68 9.79 -4.84 -2.45
CA ARG A 68 10.35 -6.14 -2.75
C ARG A 68 11.76 -6.25 -2.16
N ASN A 69 11.96 -7.25 -1.31
CA ASN A 69 13.26 -7.50 -0.70
C ASN A 69 14.32 -7.71 -1.78
N PRO A 70 15.54 -7.19 -1.55
CA PRO A 70 16.63 -7.23 -2.53
C PRO A 70 17.17 -8.65 -2.75
N PHE A 71 16.47 -9.64 -2.21
CA PHE A 71 16.85 -11.03 -2.37
C PHE A 71 16.12 -11.64 -3.57
N HIS A 72 15.27 -10.85 -4.21
CA HIS A 72 14.59 -11.27 -5.43
C HIS A 72 14.40 -10.08 -6.35
N ALA A 73 15.47 -9.31 -6.51
CA ALA A 73 15.44 -8.12 -7.34
C ALA A 73 16.77 -7.94 -8.04
N GLU A 1 -4.59 15.06 -7.71
CA GLU A 1 -4.50 13.59 -7.61
C GLU A 1 -3.09 13.11 -7.89
N ALA A 2 -2.67 12.08 -7.16
CA ALA A 2 -1.39 11.44 -7.41
C ALA A 2 -1.45 10.58 -8.67
N GLY A 3 -1.00 11.13 -9.78
CA GLY A 3 -1.05 10.42 -11.03
C GLY A 3 -2.45 10.35 -11.58
N GLU A 4 -3.04 9.16 -11.57
CA GLU A 4 -4.38 8.95 -12.08
C GLU A 4 -5.22 8.17 -11.08
N GLU A 5 -4.81 6.95 -10.79
CA GLU A 5 -5.52 6.09 -9.84
C GLU A 5 -5.05 6.39 -8.43
N CYS A 6 -5.29 7.62 -7.99
CA CYS A 6 -4.82 8.08 -6.70
C CYS A 6 -5.64 7.48 -5.57
N ASP A 7 -6.94 7.74 -5.57
CA ASP A 7 -7.80 7.26 -4.51
C ASP A 7 -8.25 5.84 -4.80
N CYS A 8 -8.52 5.56 -6.08
CA CYS A 8 -8.97 4.23 -6.48
C CYS A 8 -8.93 4.11 -7.99
N GLY A 9 -10.01 4.52 -8.66
CA GLY A 9 -10.12 4.33 -10.09
C GLY A 9 -10.36 2.88 -10.45
N THR A 10 -9.44 2.03 -10.04
CA THR A 10 -9.56 0.61 -10.23
C THR A 10 -9.96 -0.05 -8.91
N PRO A 11 -11.17 -0.64 -8.85
CA PRO A 11 -11.67 -1.31 -7.64
C PRO A 11 -10.70 -2.39 -7.17
N GLY A 12 -10.07 -2.15 -6.04
CA GLY A 12 -9.08 -3.06 -5.54
C GLY A 12 -8.13 -2.41 -4.55
N ASN A 13 -7.96 -1.10 -4.67
CA ASN A 13 -7.13 -0.36 -3.73
C ASN A 13 -7.76 -0.39 -2.34
N PRO A 14 -6.93 -0.54 -1.29
CA PRO A 14 -7.41 -0.76 0.08
C PRO A 14 -8.48 0.23 0.54
N CYS A 15 -8.18 1.52 0.47
CA CYS A 15 -9.09 2.52 1.00
C CYS A 15 -10.06 2.99 -0.08
N CYS A 16 -9.55 3.21 -1.28
CA CYS A 16 -10.34 3.71 -2.41
C CYS A 16 -11.22 4.92 -2.04
N ASP A 17 -10.77 5.70 -1.08
CA ASP A 17 -11.52 6.88 -0.65
C ASP A 17 -10.95 8.12 -1.33
N ALA A 18 -11.84 8.90 -1.94
CA ALA A 18 -11.44 10.08 -2.69
C ALA A 18 -10.80 11.13 -1.80
N ALA A 19 -11.11 11.08 -0.51
CA ALA A 19 -10.58 12.05 0.44
C ALA A 19 -9.23 11.59 0.98
N THR A 20 -8.90 10.32 0.78
CA THR A 20 -7.63 9.80 1.25
C THR A 20 -6.54 10.00 0.20
N CYS A 21 -6.95 10.53 -0.96
CA CYS A 21 -6.00 11.02 -1.94
C CYS A 21 -5.55 12.41 -1.52
N LYS A 22 -6.27 12.97 -0.56
CA LYS A 22 -5.96 14.28 -0.01
C LYS A 22 -5.24 14.09 1.32
N LEU A 23 -4.38 15.04 1.67
CA LEU A 23 -3.62 14.92 2.91
C LEU A 23 -4.42 15.43 4.09
N ARG A 24 -5.60 14.86 4.28
CA ARG A 24 -6.45 15.20 5.41
C ARG A 24 -6.04 14.38 6.63
N PRO A 25 -6.21 14.93 7.84
CA PRO A 25 -5.92 14.21 9.08
C PRO A 25 -6.72 12.92 9.18
N GLY A 26 -6.03 11.80 9.29
CA GLY A 26 -6.69 10.52 9.33
C GLY A 26 -6.49 9.74 8.05
N ALA A 27 -6.05 10.43 7.02
CA ALA A 27 -5.77 9.80 5.74
C ALA A 27 -4.27 9.77 5.47
N GLN A 28 -3.75 8.59 5.24
CA GLN A 28 -2.34 8.44 4.93
C GLN A 28 -2.16 7.95 3.50
N CYS A 29 -2.98 6.99 3.10
CA CYS A 29 -2.86 6.38 1.80
C CYS A 29 -4.20 5.83 1.33
N ALA A 30 -4.28 5.51 0.04
CA ALA A 30 -5.48 4.94 -0.53
C ALA A 30 -5.16 3.75 -1.41
N GLU A 31 -3.91 3.67 -1.85
CA GLU A 31 -3.47 2.64 -2.78
C GLU A 31 -2.38 1.77 -2.15
N GLY A 32 -2.05 0.68 -2.82
CA GLY A 32 -0.90 -0.12 -2.42
C GLY A 32 -1.23 -1.19 -1.42
N LEU A 33 -0.40 -2.22 -1.39
CA LEU A 33 -0.58 -3.34 -0.46
C LEU A 33 -0.07 -2.97 0.93
N CYS A 34 0.75 -1.93 1.00
CA CYS A 34 1.31 -1.48 2.28
C CYS A 34 0.42 -0.41 2.88
N CYS A 35 -0.81 -0.37 2.42
CA CYS A 35 -1.80 0.53 2.97
C CYS A 35 -2.86 -0.26 3.69
N ASP A 36 -2.92 -0.10 5.00
CA ASP A 36 -3.86 -0.83 5.84
C ASP A 36 -5.00 0.08 6.27
N GLN A 37 -6.11 -0.03 5.55
CA GLN A 37 -7.30 0.76 5.84
C GLN A 37 -6.99 2.25 5.91
N CYS A 38 -6.44 2.76 4.81
CA CYS A 38 -6.16 4.20 4.63
C CYS A 38 -4.96 4.65 5.47
N ARG A 39 -4.30 3.71 6.14
CA ARG A 39 -3.15 4.00 6.98
C ARG A 39 -1.91 3.28 6.46
N PHE A 40 -0.75 3.90 6.60
CA PHE A 40 0.49 3.27 6.18
C PHE A 40 0.82 2.08 7.06
N MET A 41 1.09 0.94 6.44
CA MET A 41 1.54 -0.24 7.15
C MET A 41 2.93 0.00 7.71
N LYS A 42 3.04 -0.10 9.02
CA LYS A 42 4.30 0.15 9.72
C LYS A 42 5.40 -0.77 9.20
N GLU A 43 6.62 -0.27 9.25
CA GLU A 43 7.80 -0.99 8.81
C GLU A 43 7.86 -2.38 9.42
N GLY A 44 8.01 -3.39 8.57
CA GLY A 44 8.05 -4.76 9.04
C GLY A 44 6.78 -5.53 8.73
N THR A 45 5.75 -4.82 8.28
CA THR A 45 4.51 -5.47 7.91
C THR A 45 4.62 -6.06 6.51
N VAL A 46 4.16 -7.28 6.35
CA VAL A 46 4.29 -8.00 5.09
C VAL A 46 3.27 -7.53 4.05
N CYS A 47 3.75 -7.13 2.89
CA CYS A 47 2.88 -6.77 1.77
C CYS A 47 2.77 -7.93 0.79
N ARG A 48 3.90 -8.41 0.31
CA ARG A 48 3.93 -9.59 -0.55
C ARG A 48 3.88 -10.84 0.32
N ARG A 49 2.73 -11.50 0.33
CA ARG A 49 2.54 -12.66 1.18
C ARG A 49 3.24 -13.87 0.61
N ALA A 50 3.86 -14.63 1.49
CA ALA A 50 4.55 -15.84 1.09
C ALA A 50 3.58 -17.01 1.01
N ARG A 51 3.67 -17.76 -0.08
CA ARG A 51 2.77 -18.89 -0.28
C ARG A 51 3.52 -20.05 -0.93
N GLY A 52 4.79 -20.19 -0.58
CA GLY A 52 5.60 -21.26 -1.13
C GLY A 52 7.01 -20.80 -1.43
N ASP A 53 7.29 -20.62 -2.71
CA ASP A 53 8.62 -20.18 -3.15
C ASP A 53 8.75 -18.68 -2.98
N ASP A 54 7.62 -18.01 -2.80
CA ASP A 54 7.60 -16.59 -2.55
C ASP A 54 7.92 -16.31 -1.09
N MET A 55 8.49 -15.15 -0.84
CA MET A 55 8.85 -14.75 0.51
C MET A 55 7.90 -13.69 1.02
N ASP A 56 7.84 -13.54 2.32
CA ASP A 56 7.07 -12.49 2.96
C ASP A 56 7.87 -11.21 2.99
N ASP A 57 7.53 -10.28 2.09
CA ASP A 57 8.29 -9.04 1.97
C ASP A 57 7.70 -7.95 2.84
N TYR A 58 8.58 -7.20 3.49
CA TYR A 58 8.18 -6.27 4.53
C TYR A 58 8.16 -4.84 4.02
N CYS A 59 7.06 -4.14 4.27
CA CYS A 59 6.91 -2.74 3.92
C CYS A 59 7.88 -1.88 4.72
N ASN A 60 8.38 -0.83 4.09
CA ASN A 60 9.32 0.09 4.73
C ASN A 60 8.57 1.02 5.67
N GLY A 61 7.25 1.09 5.51
CA GLY A 61 6.41 1.85 6.42
C GLY A 61 6.12 3.25 5.92
N ILE A 62 7.00 3.78 5.09
CA ILE A 62 6.84 5.14 4.58
C ILE A 62 6.24 5.14 3.19
N SER A 63 5.81 3.98 2.75
CA SER A 63 5.28 3.81 1.41
C SER A 63 4.03 2.95 1.43
N ALA A 64 3.09 3.28 0.56
CA ALA A 64 1.85 2.54 0.45
C ALA A 64 2.01 1.37 -0.51
N GLY A 65 2.94 1.52 -1.43
CA GLY A 65 3.22 0.45 -2.38
C GLY A 65 4.17 -0.56 -1.80
N CYS A 66 3.97 -1.82 -2.17
CA CYS A 66 4.82 -2.91 -1.68
C CYS A 66 6.19 -2.82 -2.32
N PRO A 67 7.25 -2.71 -1.49
CA PRO A 67 8.63 -2.58 -1.97
C PRO A 67 9.04 -3.74 -2.87
N ARG A 68 9.63 -3.41 -4.00
CA ARG A 68 10.06 -4.42 -4.95
C ARG A 68 11.16 -5.28 -4.35
N ASN A 69 10.86 -6.56 -4.18
CA ASN A 69 11.83 -7.51 -3.65
C ASN A 69 13.02 -7.66 -4.61
N PRO A 70 14.22 -7.89 -4.06
CA PRO A 70 15.48 -7.88 -4.83
C PRO A 70 15.68 -9.11 -5.71
N PHE A 71 14.64 -9.51 -6.43
CA PHE A 71 14.75 -10.60 -7.37
C PHE A 71 15.27 -10.08 -8.71
N HIS A 72 16.48 -9.54 -8.67
CA HIS A 72 17.12 -8.95 -9.85
C HIS A 72 16.34 -7.72 -10.31
N ALA A 73 16.38 -6.66 -9.52
CA ALA A 73 15.68 -5.43 -9.83
C ALA A 73 16.60 -4.24 -9.75
N GLU A 1 2.16 4.32 -9.72
CA GLU A 1 0.83 4.65 -10.27
C GLU A 1 0.06 5.52 -9.29
N ALA A 2 0.37 6.81 -9.29
CA ALA A 2 -0.25 7.75 -8.36
C ALA A 2 -1.11 8.76 -9.10
N GLY A 3 -1.71 8.33 -10.20
CA GLY A 3 -2.60 9.19 -10.94
C GLY A 3 -4.04 8.95 -10.51
N GLU A 4 -4.77 8.20 -11.33
CA GLU A 4 -6.13 7.81 -10.97
C GLU A 4 -6.09 6.57 -10.10
N GLU A 5 -4.93 5.92 -10.10
CA GLU A 5 -4.73 4.70 -9.36
C GLU A 5 -4.52 5.01 -7.88
N CYS A 6 -4.37 6.30 -7.60
CA CYS A 6 -4.09 6.77 -6.26
C CYS A 6 -5.24 6.49 -5.30
N ASP A 7 -6.48 6.71 -5.75
CA ASP A 7 -7.62 6.52 -4.87
C ASP A 7 -8.19 5.12 -5.01
N CYS A 8 -8.27 4.59 -6.24
CA CYS A 8 -8.80 3.24 -6.44
C CYS A 8 -8.74 2.85 -7.92
N GLY A 9 -7.77 3.37 -8.64
CA GLY A 9 -7.67 3.10 -10.06
C GLY A 9 -6.87 1.85 -10.35
N THR A 10 -6.55 1.11 -9.31
CA THR A 10 -5.81 -0.14 -9.44
C THR A 10 -6.44 -1.22 -8.58
N PRO A 11 -6.39 -2.48 -9.02
CA PRO A 11 -6.98 -3.62 -8.29
C PRO A 11 -6.16 -4.02 -7.06
N GLY A 12 -5.88 -3.05 -6.20
CA GLY A 12 -5.14 -3.30 -4.99
C GLY A 12 -5.21 -2.13 -4.04
N ASN A 13 -6.35 -1.46 -4.03
CA ASN A 13 -6.54 -0.29 -3.19
C ASN A 13 -7.51 -0.62 -2.05
N PRO A 14 -7.04 -0.51 -0.81
CA PRO A 14 -7.84 -0.85 0.38
C PRO A 14 -8.90 0.19 0.74
N CYS A 15 -8.52 1.46 0.68
CA CYS A 15 -9.42 2.53 1.14
C CYS A 15 -10.34 2.98 0.02
N CYS A 16 -9.78 3.07 -1.18
CA CYS A 16 -10.51 3.46 -2.40
C CYS A 16 -11.30 4.75 -2.25
N ASP A 17 -10.93 5.58 -1.29
CA ASP A 17 -11.62 6.85 -1.08
C ASP A 17 -10.89 7.97 -1.81
N ALA A 18 -11.66 8.83 -2.46
CA ALA A 18 -11.09 9.94 -3.21
C ALA A 18 -10.46 10.96 -2.26
N ALA A 19 -10.97 11.01 -1.04
CA ALA A 19 -10.46 11.95 -0.05
C ALA A 19 -9.13 11.49 0.53
N THR A 20 -8.89 10.19 0.45
CA THR A 20 -7.68 9.63 1.04
C THR A 20 -6.52 9.66 0.04
N CYS A 21 -6.79 10.23 -1.13
CA CYS A 21 -5.73 10.53 -2.09
C CYS A 21 -5.31 11.98 -1.90
N LYS A 22 -5.95 12.64 -0.96
CA LYS A 22 -5.73 14.04 -0.67
C LYS A 22 -5.08 14.20 0.69
N LEU A 23 -4.54 15.38 0.96
CA LEU A 23 -3.86 15.65 2.23
C LEU A 23 -4.88 15.95 3.34
N ARG A 24 -5.79 15.02 3.53
CA ARG A 24 -6.84 15.14 4.54
C ARG A 24 -6.30 14.72 5.91
N PRO A 25 -6.71 15.42 6.97
CA PRO A 25 -6.31 15.07 8.34
C PRO A 25 -6.79 13.67 8.72
N GLY A 26 -5.85 12.80 9.04
CA GLY A 26 -6.17 11.44 9.40
C GLY A 26 -5.90 10.45 8.28
N ALA A 27 -6.07 10.91 7.05
CA ALA A 27 -5.86 10.06 5.89
C ALA A 27 -4.42 10.12 5.43
N GLN A 28 -3.89 8.98 5.01
CA GLN A 28 -2.50 8.91 4.56
C GLN A 28 -2.39 8.29 3.18
N CYS A 29 -3.16 7.25 2.92
CA CYS A 29 -3.07 6.55 1.65
C CYS A 29 -4.40 5.91 1.28
N ALA A 30 -4.51 5.50 0.02
CA ALA A 30 -5.72 4.85 -0.45
C ALA A 30 -5.40 3.63 -1.31
N GLU A 31 -4.12 3.47 -1.65
CA GLU A 31 -3.71 2.41 -2.55
C GLU A 31 -2.62 1.55 -1.92
N GLY A 32 -2.35 0.40 -2.53
CA GLY A 32 -1.20 -0.39 -2.18
C GLY A 32 -1.48 -1.40 -1.08
N LEU A 33 -0.57 -2.37 -0.97
CA LEU A 33 -0.65 -3.40 0.06
C LEU A 33 0.08 -2.96 1.32
N CYS A 34 0.65 -1.76 1.28
CA CYS A 34 1.29 -1.17 2.44
C CYS A 34 0.36 -0.14 3.07
N CYS A 35 -0.91 -0.28 2.79
CA CYS A 35 -1.91 0.64 3.28
C CYS A 35 -3.12 -0.11 3.80
N ASP A 36 -3.55 0.23 5.01
CA ASP A 36 -4.75 -0.35 5.60
C ASP A 36 -5.46 0.71 6.41
N GLN A 37 -6.79 0.72 6.31
CA GLN A 37 -7.60 1.75 6.97
C GLN A 37 -7.18 3.13 6.51
N CYS A 38 -6.79 3.21 5.24
CA CYS A 38 -6.32 4.45 4.63
C CYS A 38 -5.06 4.97 5.32
N ARG A 39 -4.35 4.06 5.98
CA ARG A 39 -3.15 4.39 6.74
C ARG A 39 -1.98 3.52 6.31
N PHE A 40 -0.78 4.05 6.42
CA PHE A 40 0.43 3.31 6.06
C PHE A 40 0.68 2.18 7.05
N MET A 41 1.00 1.00 6.53
CA MET A 41 1.37 -0.12 7.37
C MET A 41 2.77 0.08 7.92
N LYS A 42 2.93 -0.19 9.21
CA LYS A 42 4.21 0.01 9.89
C LYS A 42 5.28 -0.90 9.32
N GLU A 43 6.51 -0.38 9.24
CA GLU A 43 7.65 -1.12 8.72
C GLU A 43 7.87 -2.40 9.52
N GLY A 44 8.20 -3.47 8.81
CA GLY A 44 8.38 -4.75 9.47
C GLY A 44 7.21 -5.68 9.19
N THR A 45 6.10 -5.10 8.77
CA THR A 45 4.94 -5.87 8.40
C THR A 45 5.06 -6.34 6.96
N VAL A 46 4.74 -7.59 6.70
CA VAL A 46 4.78 -8.09 5.33
C VAL A 46 3.58 -7.57 4.54
N CYS A 47 3.86 -6.93 3.42
CA CYS A 47 2.81 -6.42 2.56
C CYS A 47 2.37 -7.49 1.59
N ARG A 48 3.21 -8.49 1.38
CA ARG A 48 2.86 -9.67 0.62
C ARG A 48 3.35 -10.90 1.35
N ARG A 49 2.49 -11.90 1.48
CA ARG A 49 2.87 -13.14 2.13
C ARG A 49 3.19 -14.20 1.07
N ALA A 50 4.38 -14.77 1.18
CA ALA A 50 4.81 -15.80 0.25
C ALA A 50 4.16 -17.13 0.57
N ARG A 51 4.16 -18.01 -0.40
CA ARG A 51 3.57 -19.34 -0.26
C ARG A 51 4.68 -20.38 -0.13
N GLY A 52 5.91 -19.95 -0.34
CA GLY A 52 7.04 -20.85 -0.23
C GLY A 52 8.05 -20.63 -1.33
N ASP A 53 7.60 -20.84 -2.57
CA ASP A 53 8.46 -20.65 -3.73
C ASP A 53 8.80 -19.17 -3.92
N ASP A 54 7.79 -18.33 -3.74
CA ASP A 54 7.95 -16.89 -3.93
C ASP A 54 8.53 -16.24 -2.68
N MET A 55 8.57 -14.92 -2.65
CA MET A 55 9.22 -14.20 -1.58
C MET A 55 8.24 -13.25 -0.88
N ASP A 56 8.25 -13.30 0.45
CA ASP A 56 7.44 -12.40 1.25
C ASP A 56 8.11 -11.04 1.35
N ASP A 57 7.37 -10.00 0.99
CA ASP A 57 7.92 -8.65 0.94
C ASP A 57 7.59 -7.88 2.21
N TYR A 58 8.53 -7.06 2.65
CA TYR A 58 8.39 -6.32 3.89
C TYR A 58 8.11 -4.86 3.60
N CYS A 59 7.18 -4.30 4.35
CA CYS A 59 6.75 -2.93 4.13
C CYS A 59 7.75 -1.94 4.72
N ASN A 60 7.83 -0.76 4.12
CA ASN A 60 8.79 0.26 4.53
C ASN A 60 8.19 1.21 5.57
N GLY A 61 6.87 1.13 5.75
CA GLY A 61 6.22 1.87 6.81
C GLY A 61 5.85 3.29 6.42
N ILE A 62 6.55 3.85 5.45
CA ILE A 62 6.31 5.21 5.01
C ILE A 62 5.92 5.23 3.53
N SER A 63 5.34 4.14 3.08
CA SER A 63 4.92 3.99 1.71
C SER A 63 3.64 3.18 1.64
N ALA A 64 2.81 3.49 0.67
CA ALA A 64 1.54 2.78 0.48
C ALA A 64 1.74 1.59 -0.44
N GLY A 65 2.75 1.69 -1.30
CA GLY A 65 3.04 0.60 -2.19
C GLY A 65 3.98 -0.40 -1.56
N CYS A 66 3.78 -1.67 -1.89
CA CYS A 66 4.61 -2.73 -1.33
C CYS A 66 5.88 -2.89 -2.15
N PRO A 67 7.06 -2.63 -1.56
CA PRO A 67 8.33 -2.79 -2.26
C PRO A 67 8.63 -4.26 -2.52
N ARG A 68 8.86 -4.59 -3.78
CA ARG A 68 9.00 -5.97 -4.20
C ARG A 68 10.46 -6.40 -4.19
N ASN A 69 10.72 -7.56 -3.62
CA ASN A 69 12.04 -8.18 -3.70
C ASN A 69 12.12 -9.02 -4.96
N PRO A 70 12.96 -8.63 -5.93
CA PRO A 70 13.12 -9.35 -7.19
C PRO A 70 14.02 -10.58 -7.02
N PHE A 71 13.71 -11.39 -6.03
CA PHE A 71 14.48 -12.58 -5.73
C PHE A 71 13.55 -13.74 -5.42
N HIS A 72 13.43 -14.67 -6.37
CA HIS A 72 12.58 -15.86 -6.22
C HIS A 72 11.10 -15.49 -6.22
N ALA A 73 10.77 -14.33 -6.77
CA ALA A 73 9.39 -13.89 -6.83
C ALA A 73 9.11 -13.14 -8.12
N GLU A 1 -0.87 6.56 -9.56
CA GLU A 1 -1.50 7.33 -10.65
C GLU A 1 -2.58 8.26 -10.12
N ALA A 2 -2.24 9.52 -9.94
CA ALA A 2 -3.20 10.51 -9.44
C ALA A 2 -4.30 10.77 -10.46
N GLY A 3 -5.41 11.32 -10.00
CA GLY A 3 -6.55 11.55 -10.87
C GLY A 3 -7.35 10.28 -11.09
N GLU A 4 -6.70 9.26 -11.64
CA GLU A 4 -7.33 7.99 -11.92
C GLU A 4 -7.43 7.16 -10.65
N GLU A 5 -6.27 6.86 -10.07
CA GLU A 5 -6.19 5.99 -8.91
C GLU A 5 -5.83 6.80 -7.68
N CYS A 6 -6.29 8.04 -7.63
CA CYS A 6 -6.00 8.94 -6.52
C CYS A 6 -6.64 8.44 -5.24
N ASP A 7 -7.91 8.05 -5.33
CA ASP A 7 -8.63 7.50 -4.20
C ASP A 7 -8.50 5.98 -4.21
N CYS A 8 -8.52 5.41 -5.41
CA CYS A 8 -8.29 3.99 -5.59
C CYS A 8 -8.19 3.65 -7.06
N GLY A 9 -9.24 3.92 -7.82
CA GLY A 9 -9.27 3.57 -9.24
C GLY A 9 -9.41 2.09 -9.46
N THR A 10 -8.44 1.34 -8.96
CA THR A 10 -8.46 -0.11 -9.03
C THR A 10 -8.72 -0.67 -7.62
N PRO A 11 -9.27 -1.89 -7.54
CA PRO A 11 -9.57 -2.55 -6.26
C PRO A 11 -8.30 -2.99 -5.51
N GLY A 12 -7.14 -2.61 -6.05
CA GLY A 12 -5.89 -2.92 -5.39
C GLY A 12 -5.50 -1.85 -4.39
N ASN A 13 -6.25 -0.76 -4.38
CA ASN A 13 -6.01 0.33 -3.45
C ASN A 13 -7.05 0.32 -2.34
N PRO A 14 -6.56 0.23 -1.09
CA PRO A 14 -7.38 -0.10 0.09
C PRO A 14 -8.41 0.96 0.48
N CYS A 15 -7.97 2.20 0.69
CA CYS A 15 -8.82 3.21 1.28
C CYS A 15 -9.99 3.54 0.36
N CYS A 16 -9.70 3.68 -0.94
CA CYS A 16 -10.72 3.88 -1.99
C CYS A 16 -11.85 4.82 -1.54
N ASP A 17 -11.49 5.85 -0.80
CA ASP A 17 -12.47 6.85 -0.37
C ASP A 17 -12.41 8.03 -1.32
N ALA A 18 -13.56 8.43 -1.83
CA ALA A 18 -13.64 9.49 -2.83
C ALA A 18 -13.01 10.79 -2.35
N ALA A 19 -12.92 10.95 -1.03
CA ALA A 19 -12.35 12.16 -0.44
C ALA A 19 -10.84 12.10 -0.39
N THR A 20 -10.26 10.92 -0.60
CA THR A 20 -8.82 10.76 -0.54
C THR A 20 -8.18 11.07 -1.88
N CYS A 21 -9.01 11.42 -2.85
CA CYS A 21 -8.52 11.93 -4.12
C CYS A 21 -8.21 13.42 -3.95
N LYS A 22 -8.68 13.97 -2.84
CA LYS A 22 -8.41 15.35 -2.47
C LYS A 22 -7.39 15.35 -1.33
N LEU A 23 -7.00 16.53 -0.87
CA LEU A 23 -6.14 16.64 0.31
C LEU A 23 -6.90 16.13 1.54
N ARG A 24 -6.75 14.84 1.81
CA ARG A 24 -7.53 14.18 2.84
C ARG A 24 -6.92 14.33 4.24
N PRO A 25 -7.69 14.90 5.18
CA PRO A 25 -7.31 14.98 6.59
C PRO A 25 -7.24 13.61 7.24
N GLY A 26 -6.20 13.38 8.04
CA GLY A 26 -6.09 12.18 8.85
C GLY A 26 -5.67 10.95 8.06
N ALA A 27 -6.10 10.84 6.82
CA ALA A 27 -5.73 9.72 5.99
C ALA A 27 -4.29 9.86 5.54
N GLN A 28 -3.50 8.85 5.80
CA GLN A 28 -2.07 8.90 5.50
C GLN A 28 -1.80 8.41 4.09
N CYS A 29 -2.66 7.52 3.62
CA CYS A 29 -2.53 6.95 2.29
C CYS A 29 -3.88 6.42 1.83
N ALA A 30 -4.00 6.17 0.54
CA ALA A 30 -5.20 5.59 -0.01
C ALA A 30 -4.86 4.47 -0.99
N GLU A 31 -3.57 4.32 -1.26
CA GLU A 31 -3.10 3.42 -2.28
C GLU A 31 -1.93 2.60 -1.77
N GLY A 32 -1.67 1.48 -2.43
CA GLY A 32 -0.51 0.68 -2.11
C GLY A 32 -0.83 -0.53 -1.24
N LEU A 33 0.03 -1.53 -1.31
CA LEU A 33 -0.16 -2.77 -0.57
C LEU A 33 0.28 -2.64 0.88
N CYS A 34 0.98 -1.55 1.19
CA CYS A 34 1.45 -1.30 2.56
C CYS A 34 0.54 -0.28 3.23
N CYS A 35 -0.56 0.02 2.58
CA CYS A 35 -1.53 0.93 3.12
C CYS A 35 -2.73 0.15 3.64
N ASP A 36 -3.08 0.37 4.90
CA ASP A 36 -4.20 -0.32 5.51
C ASP A 36 -5.09 0.66 6.23
N GLN A 37 -6.37 0.66 5.88
CA GLN A 37 -7.35 1.56 6.49
C GLN A 37 -6.90 3.02 6.36
N CYS A 38 -6.36 3.34 5.19
CA CYS A 38 -5.89 4.69 4.88
C CYS A 38 -4.70 5.09 5.77
N ARG A 39 -4.05 4.09 6.35
CA ARG A 39 -2.89 4.32 7.22
C ARG A 39 -1.71 3.48 6.74
N PHE A 40 -0.51 3.88 7.11
CA PHE A 40 0.69 3.14 6.74
C PHE A 40 0.86 1.93 7.66
N MET A 41 1.21 0.79 7.06
CA MET A 41 1.58 -0.39 7.84
C MET A 41 2.94 -0.17 8.46
N LYS A 42 3.12 -0.66 9.68
CA LYS A 42 4.39 -0.49 10.38
C LYS A 42 5.47 -1.33 9.72
N GLU A 43 6.71 -0.89 9.88
CA GLU A 43 7.86 -1.61 9.36
C GLU A 43 7.88 -3.02 9.94
N GLY A 44 8.01 -4.01 9.06
CA GLY A 44 7.98 -5.39 9.50
C GLY A 44 6.67 -6.08 9.18
N THR A 45 5.75 -5.34 8.57
CA THR A 45 4.48 -5.90 8.14
C THR A 45 4.60 -6.44 6.72
N VAL A 46 4.14 -7.67 6.53
CA VAL A 46 4.21 -8.31 5.23
C VAL A 46 3.15 -7.75 4.30
N CYS A 47 3.58 -7.09 3.24
CA CYS A 47 2.67 -6.49 2.27
C CYS A 47 2.35 -7.47 1.14
N ARG A 48 3.14 -8.54 1.07
CA ARG A 48 2.89 -9.59 0.09
C ARG A 48 3.48 -10.91 0.56
N ARG A 49 2.59 -11.85 0.87
CA ARG A 49 2.98 -13.16 1.36
C ARG A 49 3.07 -14.14 0.20
N ALA A 50 4.11 -14.97 0.24
CA ALA A 50 4.32 -15.99 -0.78
C ALA A 50 3.41 -17.18 -0.54
N ARG A 51 2.92 -17.76 -1.63
CA ARG A 51 2.08 -18.95 -1.53
C ARG A 51 2.71 -20.12 -2.30
N GLY A 52 3.38 -19.80 -3.40
CA GLY A 52 4.05 -20.82 -4.18
C GLY A 52 5.48 -20.45 -4.48
N ASP A 53 5.80 -20.29 -5.75
CA ASP A 53 7.13 -19.87 -6.15
C ASP A 53 7.22 -18.35 -6.03
N ASP A 54 7.09 -17.87 -4.79
CA ASP A 54 7.07 -16.45 -4.50
C ASP A 54 7.94 -16.16 -3.30
N MET A 55 8.00 -14.89 -2.91
CA MET A 55 8.72 -14.49 -1.72
C MET A 55 7.82 -13.65 -0.82
N ASP A 56 8.01 -13.76 0.48
CA ASP A 56 7.28 -12.93 1.43
C ASP A 56 8.09 -11.68 1.72
N ASP A 57 7.49 -10.52 1.51
CA ASP A 57 8.21 -9.26 1.66
C ASP A 57 7.65 -8.42 2.79
N TYR A 58 8.56 -7.88 3.60
CA TYR A 58 8.21 -7.02 4.71
C TYR A 58 8.30 -5.57 4.28
N CYS A 59 7.27 -4.80 4.58
CA CYS A 59 7.23 -3.40 4.23
C CYS A 59 8.10 -2.58 5.19
N ASN A 60 8.67 -1.49 4.68
CA ASN A 60 9.57 -0.65 5.45
C ASN A 60 8.79 0.34 6.31
N GLY A 61 7.49 0.41 6.10
CA GLY A 61 6.64 1.27 6.91
C GLY A 61 6.59 2.70 6.43
N ILE A 62 7.61 3.12 5.71
CA ILE A 62 7.68 4.49 5.20
C ILE A 62 7.25 4.55 3.74
N SER A 63 6.35 3.64 3.38
CA SER A 63 5.90 3.52 2.01
C SER A 63 4.48 2.98 1.99
N ALA A 64 3.63 3.61 1.20
CA ALA A 64 2.27 3.12 1.01
C ALA A 64 2.30 1.89 0.11
N GLY A 65 3.31 1.83 -0.73
CA GLY A 65 3.47 0.71 -1.62
C GLY A 65 4.29 -0.40 -0.99
N CYS A 66 4.39 -1.52 -1.68
CA CYS A 66 5.13 -2.67 -1.17
C CYS A 66 6.45 -2.84 -1.92
N PRO A 67 7.57 -2.43 -1.29
CA PRO A 67 8.89 -2.62 -1.87
C PRO A 67 9.38 -4.06 -1.67
N ARG A 68 9.77 -4.70 -2.76
CA ARG A 68 10.27 -6.06 -2.69
C ARG A 68 11.76 -6.04 -2.37
N ASN A 69 12.19 -6.99 -1.56
CA ASN A 69 13.59 -7.11 -1.19
C ASN A 69 14.38 -7.79 -2.30
N PRO A 70 15.39 -7.10 -2.85
CA PRO A 70 16.20 -7.61 -3.95
C PRO A 70 17.24 -8.64 -3.50
N PHE A 71 16.78 -9.69 -2.85
CA PHE A 71 17.65 -10.80 -2.48
C PHE A 71 17.33 -12.00 -3.36
N HIS A 72 16.11 -12.50 -3.24
CA HIS A 72 15.63 -13.57 -4.09
C HIS A 72 14.52 -13.03 -4.99
N ALA A 73 14.90 -12.13 -5.87
CA ALA A 73 13.97 -11.51 -6.79
C ALA A 73 14.40 -11.79 -8.22
N GLU A 1 -3.59 10.01 -11.38
CA GLU A 1 -4.79 10.25 -12.21
C GLU A 1 -5.70 11.27 -11.55
N ALA A 2 -6.66 11.79 -12.31
CA ALA A 2 -7.60 12.76 -11.80
C ALA A 2 -8.97 12.56 -12.46
N GLY A 3 -10.02 12.78 -11.69
CA GLY A 3 -11.36 12.66 -12.24
C GLY A 3 -11.84 11.22 -12.26
N GLU A 4 -11.41 10.49 -13.30
CA GLU A 4 -11.82 9.10 -13.46
C GLU A 4 -11.24 8.23 -12.35
N GLU A 5 -10.02 8.54 -11.96
CA GLU A 5 -9.35 7.85 -10.87
C GLU A 5 -8.70 8.87 -9.96
N CYS A 6 -8.66 8.58 -8.67
CA CYS A 6 -8.01 9.46 -7.71
C CYS A 6 -7.99 8.80 -6.34
N ASP A 7 -9.17 8.61 -5.76
CA ASP A 7 -9.28 7.94 -4.48
C ASP A 7 -9.55 6.46 -4.69
N CYS A 8 -10.11 6.15 -5.86
CA CYS A 8 -10.43 4.78 -6.22
C CYS A 8 -10.56 4.67 -7.73
N GLY A 9 -10.97 3.51 -8.22
CA GLY A 9 -11.11 3.31 -9.65
C GLY A 9 -10.65 1.93 -10.07
N THR A 10 -9.68 1.40 -9.35
CA THR A 10 -9.19 0.05 -9.58
C THR A 10 -8.98 -0.64 -8.23
N PRO A 11 -9.18 -1.98 -8.18
CA PRO A 11 -9.08 -2.77 -6.93
C PRO A 11 -7.69 -2.72 -6.29
N GLY A 12 -6.76 -2.03 -6.93
CA GLY A 12 -5.45 -1.81 -6.34
C GLY A 12 -5.49 -0.76 -5.25
N ASN A 13 -6.67 -0.15 -5.07
CA ASN A 13 -6.89 0.82 -4.01
C ASN A 13 -7.62 0.16 -2.85
N PRO A 14 -6.90 -0.27 -1.79
CA PRO A 14 -7.50 -0.92 -0.63
C PRO A 14 -8.25 0.05 0.28
N CYS A 15 -8.03 1.35 0.06
CA CYS A 15 -8.70 2.36 0.88
C CYS A 15 -9.91 2.96 0.15
N CYS A 16 -9.74 3.29 -1.12
CA CYS A 16 -10.82 3.91 -1.93
C CYS A 16 -11.65 4.93 -1.14
N ASP A 17 -11.03 5.67 -0.23
CA ASP A 17 -11.74 6.70 0.53
C ASP A 17 -11.49 8.05 -0.12
N ALA A 18 -12.57 8.82 -0.25
CA ALA A 18 -12.54 10.12 -0.89
C ALA A 18 -11.54 11.06 -0.24
N ALA A 19 -11.20 10.80 1.02
CA ALA A 19 -10.29 11.65 1.76
C ALA A 19 -8.85 11.51 1.27
N THR A 20 -8.59 10.52 0.44
CA THR A 20 -7.24 10.28 -0.08
C THR A 20 -7.01 11.10 -1.33
N CYS A 21 -8.10 11.48 -1.99
CA CYS A 21 -8.04 12.37 -3.14
C CYS A 21 -8.14 13.81 -2.65
N LYS A 22 -8.20 13.94 -1.33
CA LYS A 22 -8.30 15.24 -0.69
C LYS A 22 -7.15 15.38 0.30
N LEU A 23 -7.05 16.54 0.91
CA LEU A 23 -5.98 16.79 1.87
C LEU A 23 -6.51 16.66 3.29
N ARG A 24 -7.48 15.79 3.47
CA ARG A 24 -8.08 15.56 4.77
C ARG A 24 -7.19 14.65 5.62
N PRO A 25 -6.80 15.13 6.81
CA PRO A 25 -6.01 14.34 7.75
C PRO A 25 -6.68 13.02 8.12
N GLY A 26 -5.88 11.99 8.35
CA GLY A 26 -6.40 10.69 8.67
C GLY A 26 -6.21 9.70 7.53
N ALA A 27 -6.14 10.23 6.32
CA ALA A 27 -5.88 9.40 5.16
C ALA A 27 -4.42 9.52 4.75
N GLN A 28 -3.70 8.42 4.81
CA GLN A 28 -2.28 8.42 4.50
C GLN A 28 -2.03 7.85 3.11
N CYS A 29 -2.72 6.77 2.77
CA CYS A 29 -2.55 6.13 1.48
C CYS A 29 -3.90 5.70 0.91
N ALA A 30 -3.93 5.48 -0.39
CA ALA A 30 -5.14 5.06 -1.07
C ALA A 30 -4.93 3.73 -1.78
N GLU A 31 -3.75 3.55 -2.35
CA GLU A 31 -3.47 2.39 -3.19
C GLU A 31 -2.21 1.67 -2.73
N GLY A 32 -1.99 0.50 -3.30
CA GLY A 32 -0.79 -0.26 -3.01
C GLY A 32 -1.04 -1.41 -2.06
N LEU A 33 -0.26 -2.46 -2.19
CA LEU A 33 -0.41 -3.65 -1.35
C LEU A 33 0.21 -3.43 0.02
N CYS A 34 0.79 -2.26 0.21
CA CYS A 34 1.36 -1.88 1.49
C CYS A 34 0.44 -0.85 2.16
N CYS A 35 -0.72 -0.67 1.58
CA CYS A 35 -1.71 0.24 2.12
C CYS A 35 -2.86 -0.56 2.71
N ASP A 36 -3.12 -0.36 3.99
CA ASP A 36 -4.21 -1.04 4.66
C ASP A 36 -4.98 -0.08 5.53
N GLN A 37 -6.29 0.01 5.29
CA GLN A 37 -7.17 0.91 6.02
C GLN A 37 -6.70 2.36 5.90
N CYS A 38 -6.20 2.68 4.71
CA CYS A 38 -5.75 4.03 4.37
C CYS A 38 -4.50 4.43 5.18
N ARG A 39 -3.84 3.43 5.74
CA ARG A 39 -2.63 3.64 6.52
C ARG A 39 -1.49 2.80 5.98
N PHE A 40 -0.29 3.36 6.01
CA PHE A 40 0.90 2.66 5.53
C PHE A 40 1.23 1.49 6.44
N MET A 41 1.48 0.33 5.85
CA MET A 41 1.86 -0.85 6.61
C MET A 41 3.19 -0.60 7.31
N LYS A 42 3.25 -1.01 8.57
CA LYS A 42 4.37 -0.74 9.44
C LYS A 42 5.67 -1.35 8.91
N GLU A 43 6.78 -0.69 9.20
CA GLU A 43 8.08 -1.21 8.82
C GLU A 43 8.34 -2.54 9.52
N GLY A 44 8.56 -3.58 8.75
CA GLY A 44 8.69 -4.91 9.30
C GLY A 44 7.44 -5.73 9.06
N THR A 45 6.37 -5.06 8.65
CA THR A 45 5.14 -5.73 8.28
C THR A 45 5.18 -6.10 6.81
N VAL A 46 4.78 -7.32 6.49
CA VAL A 46 4.84 -7.79 5.12
C VAL A 46 3.71 -7.24 4.27
N CYS A 47 4.06 -6.72 3.11
CA CYS A 47 3.08 -6.28 2.13
C CYS A 47 2.82 -7.40 1.15
N ARG A 48 3.72 -8.35 1.14
CA ARG A 48 3.57 -9.53 0.31
C ARG A 48 3.72 -10.77 1.18
N ARG A 49 2.62 -11.45 1.42
CA ARG A 49 2.62 -12.64 2.24
C ARG A 49 3.00 -13.84 1.38
N ALA A 50 4.07 -14.51 1.75
CA ALA A 50 4.53 -15.66 0.99
C ALA A 50 3.61 -16.85 1.18
N ARG A 51 3.74 -17.82 0.28
CA ARG A 51 2.91 -19.00 0.29
C ARG A 51 3.73 -20.21 -0.13
N GLY A 52 4.98 -20.25 0.33
CA GLY A 52 5.88 -21.32 -0.05
C GLY A 52 6.60 -21.01 -1.35
N ASP A 53 5.84 -20.74 -2.38
CA ASP A 53 6.39 -20.43 -3.71
C ASP A 53 6.57 -18.94 -3.89
N ASP A 54 6.61 -18.22 -2.77
CA ASP A 54 6.75 -16.77 -2.80
C ASP A 54 7.64 -16.31 -1.67
N MET A 55 7.84 -15.00 -1.59
CA MET A 55 8.68 -14.41 -0.56
C MET A 55 7.92 -13.33 0.19
N ASP A 56 8.25 -13.17 1.46
CA ASP A 56 7.61 -12.17 2.31
C ASP A 56 8.38 -10.86 2.24
N ASP A 57 7.85 -9.87 1.53
CA ASP A 57 8.48 -8.56 1.43
C ASP A 57 7.97 -7.64 2.53
N TYR A 58 8.86 -6.81 3.07
CA TYR A 58 8.55 -6.01 4.24
C TYR A 58 8.41 -4.53 3.88
N CYS A 59 7.36 -3.92 4.41
CA CYS A 59 7.09 -2.50 4.20
C CYS A 59 8.09 -1.63 4.95
N ASN A 60 8.25 -0.40 4.47
CA ASN A 60 9.18 0.54 5.08
C ASN A 60 8.47 1.44 6.08
N GLY A 61 7.17 1.23 6.23
CA GLY A 61 6.40 1.98 7.21
C GLY A 61 5.79 3.25 6.64
N ILE A 62 6.36 3.75 5.56
CA ILE A 62 5.86 4.96 4.92
C ILE A 62 5.57 4.71 3.45
N SER A 63 5.42 3.45 3.10
CA SER A 63 5.22 3.04 1.73
C SER A 63 3.78 2.60 1.50
N ALA A 64 3.22 3.00 0.37
CA ALA A 64 1.90 2.53 -0.02
C ALA A 64 2.04 1.34 -0.96
N GLY A 65 3.09 1.37 -1.77
CA GLY A 65 3.37 0.26 -2.65
C GLY A 65 4.19 -0.79 -1.94
N CYS A 66 4.13 -2.02 -2.44
CA CYS A 66 4.87 -3.12 -1.82
C CYS A 66 6.26 -3.20 -2.42
N PRO A 67 7.29 -2.90 -1.61
CA PRO A 67 8.67 -2.91 -2.07
C PRO A 67 9.28 -4.31 -2.08
N ARG A 68 9.85 -4.68 -3.22
CA ARG A 68 10.62 -5.91 -3.32
C ARG A 68 11.95 -5.73 -2.59
N ASN A 69 12.13 -6.43 -1.48
CA ASN A 69 13.36 -6.31 -0.71
C ASN A 69 14.48 -7.08 -1.37
N PRO A 70 15.51 -6.38 -1.88
CA PRO A 70 16.61 -7.00 -2.60
C PRO A 70 17.49 -7.85 -1.68
N PHE A 71 17.29 -7.67 -0.38
CA PHE A 71 18.05 -8.39 0.63
C PHE A 71 17.71 -9.88 0.60
N HIS A 72 16.60 -10.21 -0.04
CA HIS A 72 16.21 -11.61 -0.20
C HIS A 72 15.72 -11.87 -1.62
N ALA A 73 16.13 -11.03 -2.56
CA ALA A 73 15.72 -11.15 -3.95
C ALA A 73 16.51 -10.19 -4.83
N GLU A 1 -2.06 11.12 -12.21
CA GLU A 1 -3.45 11.62 -12.22
C GLU A 1 -3.96 11.81 -10.80
N ALA A 2 -4.62 12.93 -10.54
CA ALA A 2 -5.09 13.24 -9.20
C ALA A 2 -6.60 13.46 -9.17
N GLY A 3 -7.28 12.92 -10.15
CA GLY A 3 -8.73 13.02 -10.19
C GLY A 3 -9.39 11.76 -9.67
N GLU A 4 -9.94 10.98 -10.57
CA GLU A 4 -10.59 9.73 -10.21
C GLU A 4 -9.54 8.67 -9.95
N GLU A 5 -8.36 8.87 -10.51
CA GLU A 5 -7.22 7.99 -10.30
C GLU A 5 -6.48 8.38 -9.03
N CYS A 6 -7.19 9.03 -8.13
CA CYS A 6 -6.60 9.54 -6.90
C CYS A 6 -7.21 8.86 -5.68
N ASP A 7 -8.53 8.77 -5.65
CA ASP A 7 -9.25 8.17 -4.53
C ASP A 7 -9.26 6.65 -4.63
N CYS A 8 -9.37 6.13 -5.85
CA CYS A 8 -9.37 4.69 -6.05
C CYS A 8 -8.63 4.35 -7.33
N GLY A 9 -9.10 4.91 -8.44
CA GLY A 9 -8.52 4.60 -9.73
C GLY A 9 -9.02 3.27 -10.26
N THR A 10 -8.52 2.19 -9.70
CA THR A 10 -8.91 0.86 -10.12
C THR A 10 -9.99 0.30 -9.18
N PRO A 11 -10.83 -0.62 -9.69
CA PRO A 11 -11.88 -1.25 -8.90
C PRO A 11 -11.34 -2.32 -7.94
N GLY A 12 -10.05 -2.25 -7.68
CA GLY A 12 -9.43 -3.15 -6.75
C GLY A 12 -8.48 -2.40 -5.84
N ASN A 13 -8.89 -1.19 -5.47
CA ASN A 13 -8.07 -0.32 -4.65
C ASN A 13 -8.29 -0.62 -3.17
N PRO A 14 -7.21 -0.83 -2.40
CA PRO A 14 -7.29 -1.33 -1.03
C PRO A 14 -8.27 -0.59 -0.14
N CYS A 15 -8.15 0.73 -0.06
CA CYS A 15 -9.05 1.51 0.81
C CYS A 15 -10.15 2.15 -0.02
N CYS A 16 -9.81 2.68 -1.19
CA CYS A 16 -10.78 3.30 -2.10
C CYS A 16 -11.65 4.33 -1.39
N ASP A 17 -11.05 5.08 -0.48
CA ASP A 17 -11.75 6.16 0.20
C ASP A 17 -11.42 7.49 -0.46
N ALA A 18 -12.46 8.28 -0.74
CA ALA A 18 -12.29 9.54 -1.46
C ALA A 18 -11.58 10.60 -0.62
N ALA A 19 -11.64 10.45 0.70
CA ALA A 19 -11.07 11.45 1.60
C ALA A 19 -9.56 11.38 1.63
N THR A 20 -9.00 10.46 0.86
CA THR A 20 -7.56 10.27 0.83
C THR A 20 -6.93 11.21 -0.19
N CYS A 21 -7.74 11.66 -1.14
CA CYS A 21 -7.28 12.62 -2.12
C CYS A 21 -7.43 14.02 -1.56
N LYS A 22 -7.92 14.08 -0.33
CA LYS A 22 -8.06 15.33 0.40
C LYS A 22 -7.14 15.29 1.60
N LEU A 23 -6.71 16.46 2.07
CA LEU A 23 -5.87 16.52 3.25
C LEU A 23 -6.71 16.41 4.52
N ARG A 24 -7.63 15.44 4.50
CA ARG A 24 -8.53 15.22 5.61
C ARG A 24 -7.87 14.33 6.66
N PRO A 25 -7.95 14.73 7.95
CA PRO A 25 -7.33 14.00 9.06
C PRO A 25 -7.76 12.54 9.12
N GLY A 26 -6.79 11.65 9.30
CA GLY A 26 -7.08 10.24 9.41
C GLY A 26 -6.76 9.48 8.15
N ALA A 27 -6.92 10.14 7.01
CA ALA A 27 -6.64 9.51 5.73
C ALA A 27 -5.22 9.83 5.28
N GLN A 28 -4.40 8.80 5.15
CA GLN A 28 -3.00 8.98 4.79
C GLN A 28 -2.72 8.49 3.37
N CYS A 29 -3.52 7.56 2.89
CA CYS A 29 -3.26 6.90 1.63
C CYS A 29 -4.47 6.08 1.20
N ALA A 30 -4.52 5.70 -0.07
CA ALA A 30 -5.60 4.86 -0.58
C ALA A 30 -5.07 3.74 -1.47
N GLU A 31 -3.97 4.01 -2.16
CA GLU A 31 -3.47 3.08 -3.17
C GLU A 31 -2.05 2.60 -2.84
N GLY A 32 -1.81 1.31 -2.99
CA GLY A 32 -0.49 0.76 -2.76
C GLY A 32 -0.54 -0.53 -1.97
N LEU A 33 0.52 -1.33 -2.09
CA LEU A 33 0.60 -2.61 -1.38
C LEU A 33 0.97 -2.38 0.09
N CYS A 34 1.47 -1.20 0.39
CA CYS A 34 1.77 -0.81 1.76
C CYS A 34 0.67 0.09 2.29
N CYS A 35 -0.48 0.00 1.66
CA CYS A 35 -1.56 0.90 1.96
C CYS A 35 -2.84 0.13 2.27
N ASP A 36 -3.27 0.20 3.52
CA ASP A 36 -4.48 -0.49 3.94
C ASP A 36 -5.17 0.30 5.04
N GLN A 37 -6.51 0.32 4.99
CA GLN A 37 -7.32 1.12 5.90
C GLN A 37 -6.96 2.58 5.79
N CYS A 38 -6.50 2.96 4.59
CA CYS A 38 -6.14 4.33 4.28
C CYS A 38 -4.95 4.80 5.12
N ARG A 39 -4.17 3.84 5.62
CA ARG A 39 -3.00 4.13 6.42
C ARG A 39 -1.78 3.42 5.85
N PHE A 40 -0.60 3.89 6.23
CA PHE A 40 0.65 3.31 5.77
C PHE A 40 1.05 2.15 6.65
N MET A 41 1.50 1.07 6.02
CA MET A 41 2.04 -0.07 6.75
C MET A 41 3.45 0.24 7.21
N LYS A 42 3.77 -0.10 8.45
CA LYS A 42 5.08 0.18 9.01
C LYS A 42 6.13 -0.76 8.44
N GLU A 43 7.39 -0.35 8.51
CA GLU A 43 8.49 -1.18 8.03
C GLU A 43 8.50 -2.52 8.75
N GLY A 44 8.67 -3.58 7.98
CA GLY A 44 8.66 -4.92 8.54
C GLY A 44 7.37 -5.66 8.24
N THR A 45 6.34 -4.89 7.94
CA THR A 45 5.05 -5.47 7.57
C THR A 45 5.14 -6.08 6.18
N VAL A 46 4.76 -7.34 6.06
CA VAL A 46 4.83 -8.01 4.78
C VAL A 46 3.68 -7.59 3.87
N CYS A 47 4.02 -7.26 2.63
CA CYS A 47 3.02 -6.98 1.63
C CYS A 47 2.72 -8.25 0.86
N ARG A 48 3.54 -9.26 1.12
CA ARG A 48 3.39 -10.57 0.50
C ARG A 48 3.36 -11.64 1.57
N ARG A 49 2.20 -12.26 1.74
CA ARG A 49 2.07 -13.37 2.67
C ARG A 49 2.68 -14.62 2.05
N ALA A 50 3.75 -15.12 2.67
CA ALA A 50 4.44 -16.28 2.15
C ALA A 50 3.70 -17.57 2.48
N ARG A 51 3.76 -18.51 1.56
CA ARG A 51 3.12 -19.80 1.74
C ARG A 51 3.83 -20.85 0.88
N GLY A 52 5.13 -20.99 1.10
CA GLY A 52 5.91 -21.94 0.34
C GLY A 52 6.35 -21.37 -1.00
N ASP A 53 5.39 -21.19 -1.90
CA ASP A 53 5.67 -20.65 -3.21
C ASP A 53 5.85 -19.14 -3.16
N ASP A 54 4.93 -18.45 -2.49
CA ASP A 54 5.04 -17.01 -2.32
C ASP A 54 6.12 -16.68 -1.30
N MET A 55 6.84 -15.59 -1.56
CA MET A 55 7.91 -15.17 -0.68
C MET A 55 7.49 -13.98 0.15
N ASP A 56 8.02 -13.90 1.37
CA ASP A 56 7.68 -12.82 2.29
C ASP A 56 8.58 -11.61 2.08
N ASP A 57 8.03 -10.59 1.42
CA ASP A 57 8.74 -9.33 1.24
C ASP A 57 8.18 -8.28 2.19
N TYR A 58 9.08 -7.48 2.75
CA TYR A 58 8.72 -6.53 3.80
C TYR A 58 8.58 -5.12 3.23
N CYS A 59 7.64 -4.38 3.77
CA CYS A 59 7.46 -2.98 3.40
C CYS A 59 8.44 -2.10 4.16
N ASN A 60 8.78 -0.96 3.57
CA ASN A 60 9.75 -0.05 4.18
C ASN A 60 9.04 0.97 5.08
N GLY A 61 7.72 1.02 5.00
CA GLY A 61 6.94 1.83 5.91
C GLY A 61 6.90 3.31 5.56
N ILE A 62 7.71 3.73 4.59
CA ILE A 62 7.81 5.14 4.24
C ILE A 62 7.20 5.42 2.87
N SER A 63 6.52 4.43 2.33
CA SER A 63 5.89 4.55 1.03
C SER A 63 4.69 3.63 0.94
N ALA A 64 3.73 4.00 0.10
CA ALA A 64 2.55 3.20 -0.10
C ALA A 64 2.83 2.01 -1.01
N GLY A 65 3.93 2.10 -1.75
CA GLY A 65 4.35 1.00 -2.59
C GLY A 65 5.33 0.11 -1.86
N CYS A 66 5.25 -1.19 -2.10
CA CYS A 66 6.07 -2.14 -1.39
C CYS A 66 7.23 -2.63 -2.25
N PRO A 67 8.46 -2.41 -1.79
CA PRO A 67 9.66 -2.88 -2.48
C PRO A 67 9.95 -4.35 -2.17
N ARG A 68 10.66 -5.00 -3.07
CA ARG A 68 11.09 -6.37 -2.84
C ARG A 68 12.45 -6.39 -2.17
N ASN A 69 12.66 -7.34 -1.28
CA ASN A 69 13.92 -7.41 -0.55
C ASN A 69 14.99 -8.08 -1.39
N PRO A 70 16.09 -7.36 -1.69
CA PRO A 70 17.19 -7.87 -2.50
C PRO A 70 18.11 -8.79 -1.71
N PHE A 71 17.51 -9.68 -0.93
CA PHE A 71 18.25 -10.61 -0.10
C PHE A 71 17.72 -12.02 -0.34
N HIS A 72 18.06 -12.94 0.56
CA HIS A 72 17.57 -14.31 0.48
C HIS A 72 16.03 -14.34 0.39
N ALA A 73 15.55 -14.78 -0.76
CA ALA A 73 14.12 -14.89 -1.01
C ALA A 73 13.87 -15.61 -2.33
N GLU A 1 -0.45 4.80 -7.75
CA GLU A 1 -0.31 6.00 -8.59
C GLU A 1 -1.43 6.98 -8.32
N ALA A 2 -1.08 8.14 -7.78
CA ALA A 2 -2.05 9.20 -7.53
C ALA A 2 -2.60 9.72 -8.85
N GLY A 3 -3.79 10.30 -8.80
CA GLY A 3 -4.46 10.69 -10.03
C GLY A 3 -5.16 9.53 -10.67
N GLU A 4 -4.40 8.47 -10.94
CA GLU A 4 -4.96 7.23 -11.45
C GLU A 4 -5.85 6.62 -10.37
N GLU A 5 -5.27 6.51 -9.18
CA GLU A 5 -5.98 6.05 -8.00
C GLU A 5 -6.28 7.22 -7.08
N CYS A 6 -7.01 8.20 -7.61
CA CYS A 6 -7.34 9.41 -6.87
C CYS A 6 -8.63 9.20 -6.08
N ASP A 7 -9.74 9.01 -6.77
CA ASP A 7 -11.02 8.77 -6.10
C ASP A 7 -11.08 7.34 -5.61
N CYS A 8 -10.30 6.47 -6.25
CA CYS A 8 -10.17 5.08 -5.85
C CYS A 8 -9.23 4.35 -6.79
N GLY A 9 -9.35 4.64 -8.08
CA GLY A 9 -8.52 4.00 -9.08
C GLY A 9 -9.05 2.66 -9.48
N THR A 10 -9.00 1.72 -8.56
CA THR A 10 -9.51 0.38 -8.79
C THR A 10 -10.39 -0.05 -7.62
N PRO A 11 -11.66 -0.42 -7.90
CA PRO A 11 -12.62 -0.83 -6.88
C PRO A 11 -12.04 -1.89 -5.95
N GLY A 12 -11.96 -1.57 -4.67
CA GLY A 12 -11.35 -2.47 -3.72
C GLY A 12 -9.97 -2.00 -3.29
N ASN A 13 -9.64 -0.75 -3.62
CA ASN A 13 -8.37 -0.18 -3.20
C ASN A 13 -8.37 0.05 -1.69
N PRO A 14 -7.18 -0.04 -1.06
CA PRO A 14 -7.02 0.04 0.40
C PRO A 14 -7.96 1.03 1.08
N CYS A 15 -7.92 2.28 0.65
CA CYS A 15 -8.81 3.29 1.22
C CYS A 15 -9.99 3.54 0.26
N CYS A 16 -9.67 3.60 -1.03
CA CYS A 16 -10.66 3.84 -2.09
C CYS A 16 -11.42 5.16 -1.85
N ASP A 17 -10.90 5.98 -0.97
CA ASP A 17 -11.52 7.25 -0.62
C ASP A 17 -10.91 8.41 -1.39
N ALA A 18 -11.76 9.20 -2.03
CA ALA A 18 -11.31 10.32 -2.84
C ALA A 18 -10.76 11.45 -1.98
N ALA A 19 -11.20 11.50 -0.72
CA ALA A 19 -10.76 12.52 0.20
C ALA A 19 -9.32 12.27 0.64
N THR A 20 -8.82 11.09 0.32
CA THR A 20 -7.46 10.73 0.62
C THR A 20 -6.54 11.19 -0.50
N CYS A 21 -7.13 11.41 -1.67
CA CYS A 21 -6.42 12.02 -2.78
C CYS A 21 -6.36 13.53 -2.55
N LYS A 22 -7.27 13.99 -1.71
CA LYS A 22 -7.35 15.40 -1.33
C LYS A 22 -6.57 15.62 -0.05
N LEU A 23 -6.39 16.88 0.33
CA LEU A 23 -5.53 17.20 1.48
C LEU A 23 -6.27 17.07 2.81
N ARG A 24 -6.97 15.95 2.98
CA ARG A 24 -7.66 15.67 4.24
C ARG A 24 -6.68 15.20 5.30
N PRO A 25 -6.65 15.90 6.46
CA PRO A 25 -5.83 15.47 7.59
C PRO A 25 -6.22 14.09 8.08
N GLY A 26 -5.25 13.22 8.24
CA GLY A 26 -5.51 11.87 8.68
C GLY A 26 -5.44 10.87 7.54
N ALA A 27 -5.80 11.32 6.35
CA ALA A 27 -5.74 10.46 5.18
C ALA A 27 -4.31 10.33 4.69
N GLN A 28 -3.78 9.12 4.74
CA GLN A 28 -2.40 8.88 4.40
C GLN A 28 -2.25 8.26 3.02
N CYS A 29 -2.94 7.16 2.79
CA CYS A 29 -2.81 6.43 1.54
C CYS A 29 -4.13 5.85 1.08
N ALA A 30 -4.26 5.61 -0.20
CA ALA A 30 -5.46 5.00 -0.75
C ALA A 30 -5.10 3.86 -1.68
N GLU A 31 -3.82 3.51 -1.72
CA GLU A 31 -3.29 2.56 -2.68
C GLU A 31 -2.15 1.76 -2.06
N GLY A 32 -1.67 0.77 -2.80
CA GLY A 32 -0.47 0.06 -2.39
C GLY A 32 -0.75 -1.20 -1.60
N LEU A 33 0.28 -2.03 -1.43
CA LEU A 33 0.16 -3.26 -0.67
C LEU A 33 0.36 -2.99 0.81
N CYS A 34 0.89 -1.81 1.12
CA CYS A 34 1.21 -1.46 2.50
C CYS A 34 0.29 -0.39 3.04
N CYS A 35 -0.90 -0.33 2.49
CA CYS A 35 -1.89 0.60 2.98
C CYS A 35 -3.08 -0.16 3.56
N ASP A 36 -3.32 0.03 4.85
CA ASP A 36 -4.42 -0.62 5.52
C ASP A 36 -5.38 0.42 6.06
N GLN A 37 -6.57 0.45 5.48
CA GLN A 37 -7.63 1.36 5.92
C GLN A 37 -7.15 2.81 5.94
N CYS A 38 -6.56 3.22 4.82
CA CYS A 38 -6.11 4.61 4.61
C CYS A 38 -4.85 4.94 5.43
N ARG A 39 -4.26 3.92 6.04
CA ARG A 39 -3.09 4.12 6.89
C ARG A 39 -1.92 3.26 6.43
N PHE A 40 -0.72 3.75 6.66
CA PHE A 40 0.50 3.03 6.29
C PHE A 40 0.69 1.83 7.22
N MET A 41 0.86 0.65 6.62
CA MET A 41 1.12 -0.56 7.38
C MET A 41 2.46 -0.46 8.09
N LYS A 42 2.46 -0.85 9.36
CA LYS A 42 3.65 -0.78 10.19
C LYS A 42 4.78 -1.63 9.59
N GLU A 43 6.00 -1.11 9.66
CA GLU A 43 7.17 -1.81 9.16
C GLU A 43 7.29 -3.18 9.80
N GLY A 44 7.51 -4.20 8.98
CA GLY A 44 7.58 -5.55 9.47
C GLY A 44 6.34 -6.36 9.10
N THR A 45 5.30 -5.66 8.68
CA THR A 45 4.09 -6.31 8.21
C THR A 45 4.32 -6.88 6.82
N VAL A 46 4.03 -8.15 6.63
CA VAL A 46 4.27 -8.81 5.36
C VAL A 46 3.29 -8.34 4.29
N CYS A 47 3.84 -7.80 3.21
CA CYS A 47 3.05 -7.31 2.09
C CYS A 47 2.88 -8.40 1.04
N ARG A 48 3.97 -9.07 0.72
CA ARG A 48 3.95 -10.16 -0.24
C ARG A 48 4.39 -11.45 0.44
N ARG A 49 3.45 -12.34 0.68
CA ARG A 49 3.76 -13.61 1.31
C ARG A 49 4.20 -14.59 0.25
N ALA A 50 5.36 -15.20 0.46
CA ALA A 50 5.96 -16.07 -0.53
C ALA A 50 5.49 -17.51 -0.38
N ARG A 51 5.72 -18.28 -1.42
CA ARG A 51 5.33 -19.68 -1.45
C ARG A 51 6.55 -20.59 -1.57
N GLY A 52 7.61 -20.25 -0.83
CA GLY A 52 8.82 -21.04 -0.85
C GLY A 52 9.77 -20.64 -1.97
N ASP A 53 9.23 -20.53 -3.17
CA ASP A 53 10.00 -20.15 -4.35
C ASP A 53 10.48 -18.71 -4.25
N ASP A 54 9.69 -17.88 -3.58
CA ASP A 54 9.99 -16.46 -3.46
C ASP A 54 10.41 -16.13 -2.04
N MET A 55 10.50 -14.84 -1.74
CA MET A 55 10.79 -14.38 -0.39
C MET A 55 9.67 -13.44 0.07
N ASP A 56 9.21 -13.64 1.30
CA ASP A 56 8.11 -12.82 1.82
C ASP A 56 8.62 -11.44 2.22
N ASP A 57 8.01 -10.42 1.64
CA ASP A 57 8.47 -9.05 1.83
C ASP A 57 7.72 -8.35 2.94
N TYR A 58 8.41 -7.45 3.62
CA TYR A 58 7.82 -6.72 4.73
C TYR A 58 7.71 -5.24 4.39
N CYS A 59 6.58 -4.65 4.76
CA CYS A 59 6.33 -3.24 4.54
C CYS A 59 7.35 -2.38 5.26
N ASN A 60 7.71 -1.27 4.63
CA ASN A 60 8.73 -0.38 5.15
C ASN A 60 8.14 0.55 6.21
N GLY A 61 6.82 0.60 6.27
CA GLY A 61 6.13 1.32 7.34
C GLY A 61 5.95 2.79 7.07
N ILE A 62 6.81 3.37 6.24
CA ILE A 62 6.76 4.79 5.96
C ILE A 62 6.20 5.07 4.56
N SER A 63 5.53 4.08 4.01
CA SER A 63 5.00 4.17 2.66
C SER A 63 3.95 3.09 2.43
N ALA A 64 3.10 3.34 1.45
CA ALA A 64 2.07 2.39 1.06
C ALA A 64 2.64 1.39 0.05
N GLY A 65 3.83 1.69 -0.43
CA GLY A 65 4.52 0.78 -1.33
C GLY A 65 5.46 -0.12 -0.55
N CYS A 66 5.68 -1.32 -1.06
CA CYS A 66 6.47 -2.31 -0.35
C CYS A 66 7.76 -2.62 -1.10
N PRO A 67 8.91 -2.58 -0.40
CA PRO A 67 10.21 -2.93 -1.00
C PRO A 67 10.25 -4.36 -1.50
N ARG A 68 10.83 -4.55 -2.67
CA ARG A 68 10.92 -5.88 -3.26
C ARG A 68 12.23 -6.56 -2.86
N ASN A 69 12.19 -7.88 -2.79
CA ASN A 69 13.39 -8.65 -2.49
C ASN A 69 14.15 -8.98 -3.76
N PRO A 70 15.46 -8.71 -3.79
CA PRO A 70 16.34 -9.12 -4.89
C PRO A 70 16.79 -10.59 -4.74
N PHE A 71 16.20 -11.25 -3.75
CA PHE A 71 16.46 -12.66 -3.43
C PHE A 71 17.87 -12.84 -2.88
N HIS A 72 18.05 -12.44 -1.63
CA HIS A 72 19.32 -12.58 -0.91
C HIS A 72 20.43 -11.78 -1.59
N ALA A 73 20.33 -10.47 -1.48
CA ALA A 73 21.35 -9.56 -1.99
C ALA A 73 21.52 -8.40 -1.03
#